data_1O43
# 
_entry.id   1O43 
# 
_audit_conform.dict_name       mmcif_pdbx.dic 
_audit_conform.dict_version    5.399 
_audit_conform.dict_location   http://mmcif.pdb.org/dictionaries/ascii/mmcif_pdbx.dic 
# 
loop_
_database_2.database_id 
_database_2.database_code 
_database_2.pdbx_database_accession 
_database_2.pdbx_DOI 
PDB   1O43         pdb_00001o43 10.2210/pdb1o43/pdb 
RCSB  RCSB001778   ?            ?                   
WWPDB D_1000001778 ?            ?                   
# 
loop_
_pdbx_audit_revision_history.ordinal 
_pdbx_audit_revision_history.data_content_type 
_pdbx_audit_revision_history.major_revision 
_pdbx_audit_revision_history.minor_revision 
_pdbx_audit_revision_history.revision_date 
1 'Structure model' 1 0 2004-02-17 
2 'Structure model' 1 1 2008-04-26 
3 'Structure model' 1 2 2011-07-13 
4 'Structure model' 1 3 2023-08-16 
5 'Structure model' 1 4 2024-11-20 
# 
_pdbx_audit_revision_details.ordinal             1 
_pdbx_audit_revision_details.revision_ordinal    1 
_pdbx_audit_revision_details.data_content_type   'Structure model' 
_pdbx_audit_revision_details.provider            repository 
_pdbx_audit_revision_details.type                'Initial release' 
_pdbx_audit_revision_details.description         ? 
_pdbx_audit_revision_details.details             ? 
# 
loop_
_pdbx_audit_revision_group.ordinal 
_pdbx_audit_revision_group.revision_ordinal 
_pdbx_audit_revision_group.data_content_type 
_pdbx_audit_revision_group.group 
1 2 'Structure model' 'Version format compliance' 
2 3 'Structure model' 'Version format compliance' 
3 4 'Structure model' 'Data collection'           
4 4 'Structure model' 'Database references'       
5 4 'Structure model' 'Derived calculations'      
6 4 'Structure model' 'Refinement description'    
7 4 'Structure model' 'Structure summary'         
8 5 'Structure model' 'Structure summary'         
# 
loop_
_pdbx_audit_revision_category.ordinal 
_pdbx_audit_revision_category.revision_ordinal 
_pdbx_audit_revision_category.data_content_type 
_pdbx_audit_revision_category.category 
1  4 'Structure model' chem_comp                     
2  4 'Structure model' chem_comp_atom                
3  4 'Structure model' chem_comp_bond                
4  4 'Structure model' database_2                    
5  4 'Structure model' entity                        
6  4 'Structure model' pdbx_entity_nonpoly           
7  4 'Structure model' pdbx_initial_refinement_model 
8  4 'Structure model' struct_conn                   
9  4 'Structure model' struct_site                   
10 5 'Structure model' pdbx_entry_details            
11 5 'Structure model' pdbx_modification_feature     
# 
loop_
_pdbx_audit_revision_item.ordinal 
_pdbx_audit_revision_item.revision_ordinal 
_pdbx_audit_revision_item.data_content_type 
_pdbx_audit_revision_item.item 
1 4 'Structure model' '_chem_comp.name'                     
2 4 'Structure model' '_database_2.pdbx_DOI'                
3 4 'Structure model' '_database_2.pdbx_database_accession' 
4 4 'Structure model' '_entity.pdbx_description'            
5 4 'Structure model' '_pdbx_entity_nonpoly.name'           
6 4 'Structure model' '_struct_conn.pdbx_leaving_atom_flag' 
7 4 'Structure model' '_struct_site.pdbx_auth_asym_id'      
8 4 'Structure model' '_struct_site.pdbx_auth_comp_id'      
9 4 'Structure model' '_struct_site.pdbx_auth_seq_id'       
# 
_pdbx_database_status.status_code                     REL 
_pdbx_database_status.entry_id                        1O43 
_pdbx_database_status.recvd_initial_deposition_date   2003-06-15 
_pdbx_database_status.deposit_site                    RCSB 
_pdbx_database_status.process_site                    RCSB 
_pdbx_database_status.SG_entry                        . 
_pdbx_database_status.pdb_format_compatible           Y 
_pdbx_database_status.status_code_mr                  ? 
_pdbx_database_status.status_code_sf                  ? 
_pdbx_database_status.status_code_cs                  ? 
_pdbx_database_status.status_code_nmr_data            ? 
_pdbx_database_status.methods_development_category    ? 
# 
loop_
_audit_author.name 
_audit_author.pdbx_ordinal 
'Lange, G.'  1 
'Loenze, P.' 2 
'Liesum, A.' 3 
# 
_citation.id                        primary 
_citation.title                     
;Requirements for specific binding of low affinity inhibitor fragments to the SH2 domain of (pp60)Src are identical to those for high affinity binding of full length inhibitors.
;
_citation.journal_abbrev            J.Med.Chem. 
_citation.journal_volume            46 
_citation.page_first                5184 
_citation.page_last                 5195 
_citation.year                      2003 
_citation.journal_id_ASTM           JMCMAR 
_citation.country                   US 
_citation.journal_id_ISSN           0022-2623 
_citation.journal_id_CSD            0151 
_citation.book_publisher            ? 
_citation.pdbx_database_id_PubMed   14613321 
_citation.pdbx_database_id_DOI      10.1021/jm020970s 
# 
loop_
_citation_author.citation_id 
_citation_author.name 
_citation_author.ordinal 
_citation_author.identifier_ORCID 
primary 'Lange, G.'       1  ? 
primary 'Lesuisse, D.'    2  ? 
primary 'Deprez, P.'      3  ? 
primary 'Schoot, B.'      4  ? 
primary 'Loenze, P.'      5  ? 
primary 'Benard, D.'      6  ? 
primary 'Marquette, J.P.' 7  ? 
primary 'Broto, P.'       8  ? 
primary 'Sarubbi, E.'     9  ? 
primary 'Mandine, E.'     10 ? 
# 
loop_
_entity.id 
_entity.type 
_entity.src_method 
_entity.pdbx_description 
_entity.formula_weight 
_entity.pdbx_number_of_molecules 
_entity.pdbx_ec 
_entity.pdbx_mutation 
_entity.pdbx_fragment 
_entity.details 
1 polymer     man 'PROTO-ONCOGENE TYROSINE-PROTEIN KINASE SRC' 12374.964 1   2.7.1.112 ? 'SH2 DOMAIN' ? 
2 non-polymer syn 
;[4-((1Z)-2-(ACETYLAMINO)-3-{[1-(1,1'-BIPHENYL-4-YLMETHYL)-2-OXOAZEPAN-3-YL]AMINO}-3-OXOPROP-1-ENYL)-2-FORMYLPHENYL]ACET IC ACID
;
567.632   1   ?         ? ?            ? 
3 water       nat water 18.015    157 ?         ? ?            ? 
# 
_entity_name_com.entity_id   1 
_entity_name_com.name        'P60-SRC, C-SRC' 
# 
_entity_poly.entity_id                      1 
_entity_poly.type                           'polypeptide(L)' 
_entity_poly.nstd_linkage                   no 
_entity_poly.nstd_monomer                   no 
_entity_poly.pdbx_seq_one_letter_code       
;SIQAEEWYFGKITRRESERLLLNAENPRGTFLVRESETTKGAYCLSVSDFDNAKGLNVKHYKIRKLDSGGFYITSRTQFN
SLQQLVAYYSKHADGLCHRLTTVCPTSK
;
_entity_poly.pdbx_seq_one_letter_code_can   
;SIQAEEWYFGKITRRESERLLLNAENPRGTFLVRESETTKGAYCLSVSDFDNAKGLNVKHYKIRKLDSGGFYITSRTQFN
SLQQLVAYYSKHADGLCHRLTTVCPTSK
;
_entity_poly.pdbx_strand_id                 A 
_entity_poly.pdbx_target_identifier         ? 
# 
loop_
_pdbx_entity_nonpoly.entity_id 
_pdbx_entity_nonpoly.name 
_pdbx_entity_nonpoly.comp_id 
2 
;[4-((1Z)-2-(ACETYLAMINO)-3-{[1-(1,1'-BIPHENYL-4-YLMETHYL)-2-OXOAZEPAN-3-YL]AMINO}-3-OXOPROP-1-ENYL)-2-FORMYLPHENYL]ACET IC ACID
;
821 
3 water HOH 
# 
loop_
_entity_poly_seq.entity_id 
_entity_poly_seq.num 
_entity_poly_seq.mon_id 
_entity_poly_seq.hetero 
1 1   SER n 
1 2   ILE n 
1 3   GLN n 
1 4   ALA n 
1 5   GLU n 
1 6   GLU n 
1 7   TRP n 
1 8   TYR n 
1 9   PHE n 
1 10  GLY n 
1 11  LYS n 
1 12  ILE n 
1 13  THR n 
1 14  ARG n 
1 15  ARG n 
1 16  GLU n 
1 17  SER n 
1 18  GLU n 
1 19  ARG n 
1 20  LEU n 
1 21  LEU n 
1 22  LEU n 
1 23  ASN n 
1 24  ALA n 
1 25  GLU n 
1 26  ASN n 
1 27  PRO n 
1 28  ARG n 
1 29  GLY n 
1 30  THR n 
1 31  PHE n 
1 32  LEU n 
1 33  VAL n 
1 34  ARG n 
1 35  GLU n 
1 36  SER n 
1 37  GLU n 
1 38  THR n 
1 39  THR n 
1 40  LYS n 
1 41  GLY n 
1 42  ALA n 
1 43  TYR n 
1 44  CYS n 
1 45  LEU n 
1 46  SER n 
1 47  VAL n 
1 48  SER n 
1 49  ASP n 
1 50  PHE n 
1 51  ASP n 
1 52  ASN n 
1 53  ALA n 
1 54  LYS n 
1 55  GLY n 
1 56  LEU n 
1 57  ASN n 
1 58  VAL n 
1 59  LYS n 
1 60  HIS n 
1 61  TYR n 
1 62  LYS n 
1 63  ILE n 
1 64  ARG n 
1 65  LYS n 
1 66  LEU n 
1 67  ASP n 
1 68  SER n 
1 69  GLY n 
1 70  GLY n 
1 71  PHE n 
1 72  TYR n 
1 73  ILE n 
1 74  THR n 
1 75  SER n 
1 76  ARG n 
1 77  THR n 
1 78  GLN n 
1 79  PHE n 
1 80  ASN n 
1 81  SER n 
1 82  LEU n 
1 83  GLN n 
1 84  GLN n 
1 85  LEU n 
1 86  VAL n 
1 87  ALA n 
1 88  TYR n 
1 89  TYR n 
1 90  SER n 
1 91  LYS n 
1 92  HIS n 
1 93  ALA n 
1 94  ASP n 
1 95  GLY n 
1 96  LEU n 
1 97  CYS n 
1 98  HIS n 
1 99  ARG n 
1 100 LEU n 
1 101 THR n 
1 102 THR n 
1 103 VAL n 
1 104 CYS n 
1 105 PRO n 
1 106 THR n 
1 107 SER n 
1 108 LYS n 
# 
_entity_src_gen.entity_id                          1 
_entity_src_gen.pdbx_src_id                        1 
_entity_src_gen.pdbx_alt_source_flag               sample 
_entity_src_gen.pdbx_seq_type                      ? 
_entity_src_gen.pdbx_beg_seq_num                   ? 
_entity_src_gen.pdbx_end_seq_num                   ? 
_entity_src_gen.gene_src_common_name               human 
_entity_src_gen.gene_src_genus                     Homo 
_entity_src_gen.pdbx_gene_src_gene                 SRC 
_entity_src_gen.gene_src_species                   ? 
_entity_src_gen.gene_src_strain                    ? 
_entity_src_gen.gene_src_tissue                    ? 
_entity_src_gen.gene_src_tissue_fraction           ? 
_entity_src_gen.gene_src_details                   ? 
_entity_src_gen.pdbx_gene_src_fragment             ? 
_entity_src_gen.pdbx_gene_src_scientific_name      'Homo sapiens' 
_entity_src_gen.pdbx_gene_src_ncbi_taxonomy_id     9606 
_entity_src_gen.pdbx_gene_src_variant              ? 
_entity_src_gen.pdbx_gene_src_cell_line            ? 
_entity_src_gen.pdbx_gene_src_atcc                 ? 
_entity_src_gen.pdbx_gene_src_organ                ? 
_entity_src_gen.pdbx_gene_src_organelle            ? 
_entity_src_gen.pdbx_gene_src_cell                 ? 
_entity_src_gen.pdbx_gene_src_cellular_location    ? 
_entity_src_gen.host_org_common_name               ? 
_entity_src_gen.pdbx_host_org_scientific_name      'Escherichia coli' 
_entity_src_gen.pdbx_host_org_ncbi_taxonomy_id     562 
_entity_src_gen.host_org_genus                     Escherichia 
_entity_src_gen.pdbx_host_org_gene                 ? 
_entity_src_gen.pdbx_host_org_organ                ? 
_entity_src_gen.host_org_species                   ? 
_entity_src_gen.pdbx_host_org_tissue               ? 
_entity_src_gen.pdbx_host_org_tissue_fraction      ? 
_entity_src_gen.pdbx_host_org_strain               ? 
_entity_src_gen.pdbx_host_org_variant              ? 
_entity_src_gen.pdbx_host_org_cell_line            ? 
_entity_src_gen.pdbx_host_org_atcc                 ? 
_entity_src_gen.pdbx_host_org_culture_collection   ? 
_entity_src_gen.pdbx_host_org_cell                 ? 
_entity_src_gen.pdbx_host_org_organelle            ? 
_entity_src_gen.pdbx_host_org_cellular_location    ? 
_entity_src_gen.pdbx_host_org_vector_type          ? 
_entity_src_gen.pdbx_host_org_vector               ? 
_entity_src_gen.host_org_details                   ? 
_entity_src_gen.expression_system_id               ? 
_entity_src_gen.plasmid_name                       'BL21 (DE3)' 
_entity_src_gen.plasmid_details                    ? 
_entity_src_gen.pdbx_description                   ? 
# 
loop_
_chem_comp.id 
_chem_comp.type 
_chem_comp.mon_nstd_flag 
_chem_comp.name 
_chem_comp.pdbx_synonyms 
_chem_comp.formula 
_chem_comp.formula_weight 
821 non-polymer         . 
;[4-((1Z)-2-(ACETYLAMINO)-3-{[1-(1,1'-BIPHENYL-4-YLMETHYL)-2-OXOAZEPAN-3-YL]AMINO}-3-OXOPROP-1-ENYL)-2-FORMYLPHENYL]ACET IC ACID
;
RU82129 'C33 H33 N3 O6'  567.632 
ALA 'L-peptide linking' y ALANINE ?       'C3 H7 N O2'     89.093  
ARG 'L-peptide linking' y ARGININE ?       'C6 H15 N4 O2 1' 175.209 
ASN 'L-peptide linking' y ASPARAGINE ?       'C4 H8 N2 O3'    132.118 
ASP 'L-peptide linking' y 'ASPARTIC ACID' ?       'C4 H7 N O4'     133.103 
CYS 'L-peptide linking' y CYSTEINE ?       'C3 H7 N O2 S'   121.158 
GLN 'L-peptide linking' y GLUTAMINE ?       'C5 H10 N2 O3'   146.144 
GLU 'L-peptide linking' y 'GLUTAMIC ACID' ?       'C5 H9 N O4'     147.129 
GLY 'peptide linking'   y GLYCINE ?       'C2 H5 N O2'     75.067  
HIS 'L-peptide linking' y HISTIDINE ?       'C6 H10 N3 O2 1' 156.162 
HOH non-polymer         . WATER ?       'H2 O'           18.015  
ILE 'L-peptide linking' y ISOLEUCINE ?       'C6 H13 N O2'    131.173 
LEU 'L-peptide linking' y LEUCINE ?       'C6 H13 N O2'    131.173 
LYS 'L-peptide linking' y LYSINE ?       'C6 H15 N2 O2 1' 147.195 
PHE 'L-peptide linking' y PHENYLALANINE ?       'C9 H11 N O2'    165.189 
PRO 'L-peptide linking' y PROLINE ?       'C5 H9 N O2'     115.130 
SER 'L-peptide linking' y SERINE ?       'C3 H7 N O3'     105.093 
THR 'L-peptide linking' y THREONINE ?       'C4 H9 N O3'     119.119 
TRP 'L-peptide linking' y TRYPTOPHAN ?       'C11 H12 N2 O2'  204.225 
TYR 'L-peptide linking' y TYROSINE ?       'C9 H11 N O3'    181.189 
VAL 'L-peptide linking' y VALINE ?       'C5 H11 N O2'    117.146 
# 
loop_
_pdbx_poly_seq_scheme.asym_id 
_pdbx_poly_seq_scheme.entity_id 
_pdbx_poly_seq_scheme.seq_id 
_pdbx_poly_seq_scheme.mon_id 
_pdbx_poly_seq_scheme.ndb_seq_num 
_pdbx_poly_seq_scheme.pdb_seq_num 
_pdbx_poly_seq_scheme.auth_seq_num 
_pdbx_poly_seq_scheme.pdb_mon_id 
_pdbx_poly_seq_scheme.auth_mon_id 
_pdbx_poly_seq_scheme.pdb_strand_id 
_pdbx_poly_seq_scheme.pdb_ins_code 
_pdbx_poly_seq_scheme.hetero 
A 1 1   SER 1   1   1   SER SER A . n 
A 1 2   ILE 2   2   2   ILE ILE A . n 
A 1 3   GLN 3   3   3   GLN GLN A . n 
A 1 4   ALA 4   4   4   ALA ALA A . n 
A 1 5   GLU 5   5   5   GLU GLU A . n 
A 1 6   GLU 6   6   6   GLU GLU A . n 
A 1 7   TRP 7   7   7   TRP TRP A . n 
A 1 8   TYR 8   8   8   TYR TYR A . n 
A 1 9   PHE 9   9   9   PHE PHE A . n 
A 1 10  GLY 10  10  10  GLY GLY A . n 
A 1 11  LYS 11  11  11  LYS LYS A . n 
A 1 12  ILE 12  12  12  ILE ILE A . n 
A 1 13  THR 13  13  13  THR THR A . n 
A 1 14  ARG 14  14  14  ARG ARG A . n 
A 1 15  ARG 15  15  15  ARG ARG A . n 
A 1 16  GLU 16  16  16  GLU GLU A . n 
A 1 17  SER 17  17  17  SER SER A . n 
A 1 18  GLU 18  18  18  GLU GLU A . n 
A 1 19  ARG 19  19  19  ARG ARG A . n 
A 1 20  LEU 20  20  20  LEU LEU A . n 
A 1 21  LEU 21  21  21  LEU LEU A . n 
A 1 22  LEU 22  22  22  LEU LEU A . n 
A 1 23  ASN 23  23  23  ASN ASN A . n 
A 1 24  ALA 24  24  24  ALA ALA A . n 
A 1 25  GLU 25  25  25  GLU GLU A . n 
A 1 26  ASN 26  26  26  ASN ASN A . n 
A 1 27  PRO 27  27  27  PRO PRO A . n 
A 1 28  ARG 28  28  28  ARG ARG A . n 
A 1 29  GLY 29  29  29  GLY GLY A . n 
A 1 30  THR 30  30  30  THR THR A . n 
A 1 31  PHE 31  31  31  PHE PHE A . n 
A 1 32  LEU 32  32  32  LEU LEU A . n 
A 1 33  VAL 33  33  33  VAL VAL A . n 
A 1 34  ARG 34  34  34  ARG ARG A . n 
A 1 35  GLU 35  35  35  GLU GLU A . n 
A 1 36  SER 36  36  36  SER SER A . n 
A 1 37  GLU 37  37  37  GLU GLU A . n 
A 1 38  THR 38  38  38  THR THR A . n 
A 1 39  THR 39  39  39  THR THR A . n 
A 1 40  LYS 40  40  40  LYS LYS A . n 
A 1 41  GLY 41  41  41  GLY GLY A . n 
A 1 42  ALA 42  42  42  ALA ALA A . n 
A 1 43  TYR 43  43  43  TYR TYR A . n 
A 1 44  CYS 44  44  44  CYS CYS A . n 
A 1 45  LEU 45  45  45  LEU LEU A . n 
A 1 46  SER 46  46  46  SER SER A . n 
A 1 47  VAL 47  47  47  VAL VAL A . n 
A 1 48  SER 48  48  48  SER SER A . n 
A 1 49  ASP 49  49  49  ASP ASP A . n 
A 1 50  PHE 50  50  50  PHE PHE A . n 
A 1 51  ASP 51  51  51  ASP ASP A . n 
A 1 52  ASN 52  52  52  ASN ASN A . n 
A 1 53  ALA 53  53  53  ALA ALA A . n 
A 1 54  LYS 54  54  54  LYS LYS A . n 
A 1 55  GLY 55  55  55  GLY GLY A . n 
A 1 56  LEU 56  56  56  LEU LEU A . n 
A 1 57  ASN 57  57  57  ASN ASN A . n 
A 1 58  VAL 58  58  58  VAL VAL A . n 
A 1 59  LYS 59  59  59  LYS LYS A . n 
A 1 60  HIS 60  60  60  HIS HIS A . n 
A 1 61  TYR 61  61  61  TYR TYR A . n 
A 1 62  LYS 62  62  62  LYS LYS A . n 
A 1 63  ILE 63  63  63  ILE ILE A . n 
A 1 64  ARG 64  64  64  ARG ARG A . n 
A 1 65  LYS 65  65  65  LYS LYS A . n 
A 1 66  LEU 66  66  66  LEU LEU A . n 
A 1 67  ASP 67  67  67  ASP ASP A . n 
A 1 68  SER 68  68  68  SER SER A . n 
A 1 69  GLY 69  69  69  GLY GLY A . n 
A 1 70  GLY 70  70  70  GLY GLY A . n 
A 1 71  PHE 71  71  71  PHE PHE A . n 
A 1 72  TYR 72  72  72  TYR TYR A . n 
A 1 73  ILE 73  73  73  ILE ILE A . n 
A 1 74  THR 74  74  74  THR THR A . n 
A 1 75  SER 75  75  75  SER SER A . n 
A 1 76  ARG 76  76  76  ARG ARG A . n 
A 1 77  THR 77  77  77  THR THR A . n 
A 1 78  GLN 78  78  78  GLN GLN A . n 
A 1 79  PHE 79  79  79  PHE PHE A . n 
A 1 80  ASN 80  80  80  ASN ASN A . n 
A 1 81  SER 81  81  81  SER SER A . n 
A 1 82  LEU 82  82  82  LEU LEU A . n 
A 1 83  GLN 83  83  83  GLN GLN A . n 
A 1 84  GLN 84  84  84  GLN GLN A . n 
A 1 85  LEU 85  85  85  LEU LEU A . n 
A 1 86  VAL 86  86  86  VAL VAL A . n 
A 1 87  ALA 87  87  87  ALA ALA A . n 
A 1 88  TYR 88  88  88  TYR TYR A . n 
A 1 89  TYR 89  89  89  TYR TYR A . n 
A 1 90  SER 90  90  90  SER SER A . n 
A 1 91  LYS 91  91  91  LYS LYS A . n 
A 1 92  HIS 92  92  92  HIS HIS A . n 
A 1 93  ALA 93  93  93  ALA ALA A . n 
A 1 94  ASP 94  94  94  ASP ASP A . n 
A 1 95  GLY 95  95  95  GLY GLY A . n 
A 1 96  LEU 96  96  96  LEU LEU A . n 
A 1 97  CYS 97  97  97  CYS CYS A . n 
A 1 98  HIS 98  98  98  HIS HIS A . n 
A 1 99  ARG 99  99  99  ARG ARG A . n 
A 1 100 LEU 100 100 100 LEU LEU A . n 
A 1 101 THR 101 101 101 THR THR A . n 
A 1 102 THR 102 102 102 THR THR A . n 
A 1 103 VAL 103 103 103 VAL VAL A . n 
A 1 104 CYS 104 104 104 CYS CYS A . n 
A 1 105 PRO 105 105 105 PRO PRO A . n 
A 1 106 THR 106 106 106 THR THR A . n 
A 1 107 SER 107 107 ?   ?   ?   A . n 
A 1 108 LYS 108 108 ?   ?   ?   A . n 
# 
loop_
_pdbx_nonpoly_scheme.asym_id 
_pdbx_nonpoly_scheme.entity_id 
_pdbx_nonpoly_scheme.mon_id 
_pdbx_nonpoly_scheme.ndb_seq_num 
_pdbx_nonpoly_scheme.pdb_seq_num 
_pdbx_nonpoly_scheme.auth_seq_num 
_pdbx_nonpoly_scheme.pdb_mon_id 
_pdbx_nonpoly_scheme.auth_mon_id 
_pdbx_nonpoly_scheme.pdb_strand_id 
_pdbx_nonpoly_scheme.pdb_ins_code 
B 2 821 1   300 1   821 INH A . 
C 3 HOH 1   301 1   HOH HOH A . 
C 3 HOH 2   302 2   HOH HOH A . 
C 3 HOH 3   303 3   HOH HOH A . 
C 3 HOH 4   304 4   HOH HOH A . 
C 3 HOH 5   305 5   HOH HOH A . 
C 3 HOH 6   306 6   HOH HOH A . 
C 3 HOH 7   307 7   HOH HOH A . 
C 3 HOH 8   308 8   HOH HOH A . 
C 3 HOH 9   309 9   HOH HOH A . 
C 3 HOH 10  310 10  HOH HOH A . 
C 3 HOH 11  311 11  HOH HOH A . 
C 3 HOH 12  312 12  HOH HOH A . 
C 3 HOH 13  313 13  HOH HOH A . 
C 3 HOH 14  314 14  HOH HOH A . 
C 3 HOH 15  315 15  HOH HOH A . 
C 3 HOH 16  316 16  HOH HOH A . 
C 3 HOH 17  317 17  HOH HOH A . 
C 3 HOH 18  318 18  HOH HOH A . 
C 3 HOH 19  319 19  HOH HOH A . 
C 3 HOH 20  320 20  HOH HOH A . 
C 3 HOH 21  321 21  HOH HOH A . 
C 3 HOH 22  322 22  HOH HOH A . 
C 3 HOH 23  323 23  HOH HOH A . 
C 3 HOH 24  324 24  HOH HOH A . 
C 3 HOH 25  325 25  HOH HOH A . 
C 3 HOH 26  326 26  HOH HOH A . 
C 3 HOH 27  327 27  HOH HOH A . 
C 3 HOH 28  328 28  HOH HOH A . 
C 3 HOH 29  329 29  HOH HOH A . 
C 3 HOH 30  330 30  HOH HOH A . 
C 3 HOH 31  331 31  HOH HOH A . 
C 3 HOH 32  332 32  HOH HOH A . 
C 3 HOH 33  333 33  HOH HOH A . 
C 3 HOH 34  334 34  HOH HOH A . 
C 3 HOH 35  335 35  HOH HOH A . 
C 3 HOH 36  336 36  HOH HOH A . 
C 3 HOH 37  337 37  HOH HOH A . 
C 3 HOH 38  338 38  HOH HOH A . 
C 3 HOH 39  339 39  HOH HOH A . 
C 3 HOH 40  340 40  HOH HOH A . 
C 3 HOH 41  341 41  HOH HOH A . 
C 3 HOH 42  342 42  HOH HOH A . 
C 3 HOH 43  343 43  HOH HOH A . 
C 3 HOH 44  344 44  HOH HOH A . 
C 3 HOH 45  345 45  HOH HOH A . 
C 3 HOH 46  346 46  HOH HOH A . 
C 3 HOH 47  347 47  HOH HOH A . 
C 3 HOH 48  348 48  HOH HOH A . 
C 3 HOH 49  349 49  HOH HOH A . 
C 3 HOH 50  350 50  HOH HOH A . 
C 3 HOH 51  351 51  HOH HOH A . 
C 3 HOH 52  352 52  HOH HOH A . 
C 3 HOH 53  353 53  HOH HOH A . 
C 3 HOH 54  354 54  HOH HOH A . 
C 3 HOH 55  355 55  HOH HOH A . 
C 3 HOH 56  356 56  HOH HOH A . 
C 3 HOH 57  357 57  HOH HOH A . 
C 3 HOH 58  358 58  HOH HOH A . 
C 3 HOH 59  359 59  HOH HOH A . 
C 3 HOH 60  360 60  HOH HOH A . 
C 3 HOH 61  361 61  HOH HOH A . 
C 3 HOH 62  362 62  HOH HOH A . 
C 3 HOH 63  363 63  HOH HOH A . 
C 3 HOH 64  364 64  HOH HOH A . 
C 3 HOH 65  365 65  HOH HOH A . 
C 3 HOH 66  366 66  HOH HOH A . 
C 3 HOH 67  367 67  HOH HOH A . 
C 3 HOH 68  368 68  HOH HOH A . 
C 3 HOH 69  369 69  HOH HOH A . 
C 3 HOH 70  370 70  HOH HOH A . 
C 3 HOH 71  371 71  HOH HOH A . 
C 3 HOH 72  372 72  HOH HOH A . 
C 3 HOH 73  373 73  HOH HOH A . 
C 3 HOH 74  374 74  HOH HOH A . 
C 3 HOH 75  375 75  HOH HOH A . 
C 3 HOH 76  376 76  HOH HOH A . 
C 3 HOH 77  377 77  HOH HOH A . 
C 3 HOH 78  378 78  HOH HOH A . 
C 3 HOH 79  379 79  HOH HOH A . 
C 3 HOH 80  380 80  HOH HOH A . 
C 3 HOH 81  381 81  HOH HOH A . 
C 3 HOH 82  382 82  HOH HOH A . 
C 3 HOH 83  383 83  HOH HOH A . 
C 3 HOH 84  384 84  HOH HOH A . 
C 3 HOH 85  385 85  HOH HOH A . 
C 3 HOH 86  386 86  HOH HOH A . 
C 3 HOH 87  387 87  HOH HOH A . 
C 3 HOH 88  388 88  HOH HOH A . 
C 3 HOH 89  389 89  HOH HOH A . 
C 3 HOH 90  390 90  HOH HOH A . 
C 3 HOH 91  391 91  HOH HOH A . 
C 3 HOH 92  392 92  HOH HOH A . 
C 3 HOH 93  393 93  HOH HOH A . 
C 3 HOH 94  394 94  HOH HOH A . 
C 3 HOH 95  395 95  HOH HOH A . 
C 3 HOH 96  396 96  HOH HOH A . 
C 3 HOH 97  397 97  HOH HOH A . 
C 3 HOH 98  398 98  HOH HOH A . 
C 3 HOH 99  399 99  HOH HOH A . 
C 3 HOH 100 400 100 HOH HOH A . 
C 3 HOH 101 401 101 HOH HOH A . 
C 3 HOH 102 402 102 HOH HOH A . 
C 3 HOH 103 403 103 HOH HOH A . 
C 3 HOH 104 404 104 HOH HOH A . 
C 3 HOH 105 405 105 HOH HOH A . 
C 3 HOH 106 406 106 HOH HOH A . 
C 3 HOH 107 407 107 HOH HOH A . 
C 3 HOH 108 408 108 HOH HOH A . 
C 3 HOH 109 409 109 HOH HOH A . 
C 3 HOH 110 410 110 HOH HOH A . 
C 3 HOH 111 411 111 HOH HOH A . 
C 3 HOH 112 412 112 HOH HOH A . 
C 3 HOH 113 413 113 HOH HOH A . 
C 3 HOH 114 414 114 HOH HOH A . 
C 3 HOH 115 415 115 HOH HOH A . 
C 3 HOH 116 416 116 HOH HOH A . 
C 3 HOH 117 417 117 HOH HOH A . 
C 3 HOH 118 418 118 HOH HOH A . 
C 3 HOH 119 419 119 HOH HOH A . 
C 3 HOH 120 420 120 HOH HOH A . 
C 3 HOH 121 421 121 HOH HOH A . 
C 3 HOH 122 422 122 HOH HOH A . 
C 3 HOH 123 423 123 HOH HOH A . 
C 3 HOH 124 424 124 HOH HOH A . 
C 3 HOH 125 425 125 HOH HOH A . 
C 3 HOH 126 426 126 HOH HOH A . 
C 3 HOH 127 427 127 HOH HOH A . 
C 3 HOH 128 428 128 HOH HOH A . 
C 3 HOH 129 429 129 HOH HOH A . 
C 3 HOH 130 430 130 HOH HOH A . 
C 3 HOH 131 431 131 HOH HOH A . 
C 3 HOH 132 432 132 HOH HOH A . 
C 3 HOH 133 433 133 HOH HOH A . 
C 3 HOH 134 434 134 HOH HOH A . 
C 3 HOH 135 435 135 HOH HOH A . 
C 3 HOH 136 436 136 HOH HOH A . 
C 3 HOH 137 437 137 HOH HOH A . 
C 3 HOH 138 438 138 HOH HOH A . 
C 3 HOH 139 439 139 HOH HOH A . 
C 3 HOH 140 440 140 HOH HOH A . 
C 3 HOH 141 441 141 HOH HOH A . 
C 3 HOH 142 442 142 HOH HOH A . 
C 3 HOH 143 443 143 HOH HOH A . 
C 3 HOH 144 444 144 HOH HOH A . 
C 3 HOH 145 445 145 HOH HOH A . 
C 3 HOH 146 446 146 HOH HOH A . 
C 3 HOH 147 447 147 HOH HOH A . 
C 3 HOH 148 448 148 HOH HOH A . 
C 3 HOH 149 449 149 HOH HOH A . 
C 3 HOH 150 450 150 HOH HOH A . 
C 3 HOH 151 451 151 HOH HOH A . 
C 3 HOH 152 452 152 HOH HOH A . 
C 3 HOH 153 453 153 HOH HOH A . 
C 3 HOH 154 454 154 HOH HOH A . 
C 3 HOH 155 455 155 HOH HOH A . 
C 3 HOH 156 456 156 HOH HOH A . 
C 3 HOH 157 457 157 HOH HOH A . 
# 
loop_
_software.name 
_software.classification 
_software.version 
_software.citation_id 
_software.pdbx_ordinal 
XDS    'data scaling'   .     ? 1 
XDS    'data reduction' .     ? 2 
X-PLOR 'model building' 3.851 ? 3 
X-PLOR refinement       3.851 ? 4 
X-PLOR phasing          3.851 ? 5 
# 
_cell.entry_id           1O43 
_cell.length_a           26.440 
_cell.length_b           58.656 
_cell.length_c           64.111 
_cell.angle_alpha        90.00 
_cell.angle_beta         90.00 
_cell.angle_gamma        90.00 
_cell.Z_PDB              4 
_cell.pdbx_unique_axis   ? 
# 
_symmetry.entry_id                         1O43 
_symmetry.space_group_name_H-M             'P 21 21 21' 
_symmetry.pdbx_full_space_group_name_H-M   ? 
_symmetry.cell_setting                     ? 
_symmetry.Int_Tables_number                19 
# 
_exptl.entry_id          1O43 
_exptl.method            'X-RAY DIFFRACTION' 
_exptl.crystals_number   1 
# 
_exptl_crystal.id                    1 
_exptl_crystal.density_meas          ? 
_exptl_crystal.density_Matthews      2.2 
_exptl_crystal.density_percent_sol   41.9 
_exptl_crystal.description           ? 
# 
_exptl_crystal_grow.crystal_id      1 
_exptl_crystal_grow.method          ? 
_exptl_crystal_grow.temp            ? 
_exptl_crystal_grow.temp_details    ? 
_exptl_crystal_grow.pH              5.50 
_exptl_crystal_grow.pdbx_pH_range   ? 
_exptl_crystal_grow.pdbx_details    'pH 5.50' 
# 
_diffrn.id                     1 
_diffrn.ambient_temp           100.0 
_diffrn.ambient_temp_details   ? 
_diffrn.crystal_id             1 
# 
_diffrn_detector.diffrn_id              1 
_diffrn_detector.detector               'IMAGE PLATE' 
_diffrn_detector.type                   'MAR scanner 345 mm plate' 
_diffrn_detector.pdbx_collection_date   1999-10-07 
_diffrn_detector.details                ? 
# 
_diffrn_radiation.diffrn_id                        1 
_diffrn_radiation.wavelength_id                    1 
_diffrn_radiation.pdbx_monochromatic_or_laue_m_l   M 
_diffrn_radiation.monochromator                    GRAPHITE 
_diffrn_radiation.pdbx_diffrn_protocol             'SINGLE WAVELENGTH' 
_diffrn_radiation.pdbx_scattering_type             x-ray 
# 
_diffrn_radiation_wavelength.id           1 
_diffrn_radiation_wavelength.wavelength   1.5418 
_diffrn_radiation_wavelength.wt           1.0 
# 
_diffrn_source.diffrn_id                   1 
_diffrn_source.source                      'ROTATING ANODE' 
_diffrn_source.type                        'ELLIOTT GX-21' 
_diffrn_source.pdbx_synchrotron_site       ? 
_diffrn_source.pdbx_synchrotron_beamline   ? 
_diffrn_source.pdbx_wavelength             1.5418 
_diffrn_source.pdbx_wavelength_list        ? 
# 
_reflns.entry_id                     1O43 
_reflns.observed_criterion_sigma_I   -3.000 
_reflns.observed_criterion_sigma_F   ? 
_reflns.d_resolution_low             40.000 
_reflns.d_resolution_high            1.50 
_reflns.number_obs                   ? 
_reflns.number_all                   ? 
_reflns.percent_possible_obs         98.4 
_reflns.pdbx_Rmerge_I_obs            0.055 
_reflns.pdbx_Rsym_value              ? 
_reflns.pdbx_netI_over_sigmaI        13 
_reflns.B_iso_Wilson_estimate        ? 
_reflns.pdbx_redundancy              ? 
_reflns.pdbx_diffrn_id               1 
_reflns.pdbx_ordinal                 1 
# 
_refine.entry_id                                 1O43 
_refine.ls_number_reflns_obs                     16455 
_refine.ls_number_reflns_all                     ? 
_refine.pdbx_ls_sigma_I                          ? 
_refine.pdbx_ls_sigma_F                          ? 
_refine.pdbx_data_cutoff_high_absF               1000000.000 
_refine.pdbx_data_cutoff_low_absF                0.1000 
_refine.pdbx_data_cutoff_high_rms_absF           ? 
_refine.ls_d_res_low                             8.0 
_refine.ls_d_res_high                            1.50 
_refine.ls_percent_reflns_obs                    98.4 
_refine.ls_R_factor_obs                          0.196 
_refine.ls_R_factor_all                          ? 
_refine.ls_R_factor_R_work                       0.196 
_refine.ls_R_factor_R_free                       ? 
_refine.ls_R_factor_R_free_error                 ? 
_refine.ls_R_factor_R_free_error_details         ? 
_refine.ls_percent_reflns_R_free                 ? 
_refine.ls_number_reflns_R_free                  ? 
_refine.ls_number_parameters                     ? 
_refine.ls_number_restraints                     ? 
_refine.occupancy_min                            ? 
_refine.occupancy_max                            ? 
_refine.correlation_coeff_Fo_to_Fc               ? 
_refine.correlation_coeff_Fo_to_Fc_free          ? 
_refine.B_iso_mean                               22.7 
_refine.aniso_B[1][1]                            ? 
_refine.aniso_B[2][2]                            ? 
_refine.aniso_B[3][3]                            ? 
_refine.aniso_B[1][2]                            ? 
_refine.aniso_B[1][3]                            ? 
_refine.aniso_B[2][3]                            ? 
_refine.solvent_model_details                    ? 
_refine.solvent_model_param_ksol                 ? 
_refine.solvent_model_param_bsol                 ? 
_refine.pdbx_solvent_vdw_probe_radii             ? 
_refine.pdbx_solvent_ion_probe_radii             ? 
_refine.pdbx_solvent_shrinkage_radii             ? 
_refine.pdbx_ls_cross_valid_method               ? 
_refine.details                                  ? 
_refine.pdbx_starting_model                      1SHD 
_refine.pdbx_method_to_determine_struct          MR 
_refine.pdbx_isotropic_thermal_model             ? 
_refine.pdbx_stereochemistry_target_values       ? 
_refine.pdbx_stereochem_target_val_spec_case     ? 
_refine.pdbx_R_Free_selection_details            ? 
_refine.pdbx_overall_ESU_R                       ? 
_refine.pdbx_overall_ESU_R_Free                  ? 
_refine.overall_SU_ML                            ? 
_refine.overall_SU_B                             ? 
_refine.pdbx_refine_id                           'X-RAY DIFFRACTION' 
_refine.pdbx_diffrn_id                           1 
_refine.pdbx_TLS_residual_ADP_flag               ? 
_refine.pdbx_overall_phase_error                 ? 
_refine.overall_SU_R_Cruickshank_DPI             ? 
_refine.pdbx_overall_SU_R_free_Cruickshank_DPI   ? 
_refine.pdbx_overall_SU_R_Blow_DPI               ? 
_refine.pdbx_overall_SU_R_free_Blow_DPI          ? 
# 
_refine_hist.pdbx_refine_id                   'X-RAY DIFFRACTION' 
_refine_hist.cycle_id                         LAST 
_refine_hist.pdbx_number_atoms_protein        856 
_refine_hist.pdbx_number_atoms_nucleic_acid   0 
_refine_hist.pdbx_number_atoms_ligand         42 
_refine_hist.number_atoms_solvent             157 
_refine_hist.number_atoms_total               1055 
_refine_hist.d_res_high                       1.50 
_refine_hist.d_res_low                        8.0 
# 
loop_
_refine_ls_restr.type 
_refine_ls_restr.dev_ideal 
_refine_ls_restr.dev_ideal_target 
_refine_ls_restr.weight 
_refine_ls_restr.number 
_refine_ls_restr.pdbx_refine_id 
_refine_ls_restr.pdbx_restraint_function 
x_bond_d                0.009 ? ? ? 'X-RAY DIFFRACTION' ? 
x_bond_d_na             ?     ? ? ? 'X-RAY DIFFRACTION' ? 
x_bond_d_prot           ?     ? ? ? 'X-RAY DIFFRACTION' ? 
x_angle_d               ?     ? ? ? 'X-RAY DIFFRACTION' ? 
x_angle_d_na            ?     ? ? ? 'X-RAY DIFFRACTION' ? 
x_angle_d_prot          ?     ? ? ? 'X-RAY DIFFRACTION' ? 
x_angle_deg             1.4   ? ? ? 'X-RAY DIFFRACTION' ? 
x_angle_deg_na          ?     ? ? ? 'X-RAY DIFFRACTION' ? 
x_angle_deg_prot        ?     ? ? ? 'X-RAY DIFFRACTION' ? 
x_dihedral_angle_d      ?     ? ? ? 'X-RAY DIFFRACTION' ? 
x_dihedral_angle_d_na   ?     ? ? ? 'X-RAY DIFFRACTION' ? 
x_dihedral_angle_d_prot ?     ? ? ? 'X-RAY DIFFRACTION' ? 
x_improper_angle_d      ?     ? ? ? 'X-RAY DIFFRACTION' ? 
x_improper_angle_d_na   ?     ? ? ? 'X-RAY DIFFRACTION' ? 
x_improper_angle_d_prot ?     ? ? ? 'X-RAY DIFFRACTION' ? 
x_mcbond_it             ?     ? ? ? 'X-RAY DIFFRACTION' ? 
x_mcangle_it            ?     ? ? ? 'X-RAY DIFFRACTION' ? 
x_scbond_it             ?     ? ? ? 'X-RAY DIFFRACTION' ? 
x_scangle_it            ?     ? ? ? 'X-RAY DIFFRACTION' ? 
# 
_struct.entry_id                  1O43 
_struct.title                     'CRYSTAL STRUCTURE OF SH2 IN COMPLEX WITH RU82129.' 
_struct.pdbx_model_details        ? 
_struct.pdbx_CASP_flag            ? 
_struct.pdbx_model_type_details   ? 
# 
_struct_keywords.entry_id        1O43 
_struct_keywords.pdbx_keywords   'SIGNALING PROTEIN' 
_struct_keywords.text            'SH2 DOMAIN FRAGMENT APPROACH, SIGNALING PROTEIN' 
# 
loop_
_struct_asym.id 
_struct_asym.pdbx_blank_PDB_chainid_flag 
_struct_asym.pdbx_modified 
_struct_asym.entity_id 
_struct_asym.details 
A N N 1 ? 
B N N 2 ? 
C N N 3 ? 
# 
_struct_ref.id                         1 
_struct_ref.db_name                    UNP 
_struct_ref.db_code                    SRC_HUMAN 
_struct_ref.pdbx_db_accession          P12931 
_struct_ref.entity_id                  1 
_struct_ref.pdbx_seq_one_letter_code   
;SIQAEEWYFGKITRRESERLLLNAENPRGTFLVRESETTKGAYCLSVSDFDNAKGLNVKHYKIRKLDSGGFYITSRTQFN
SLQQLVAYYSKHADGLCHRLTTVCPTSK
;
_struct_ref.pdbx_align_begin           144 
_struct_ref.pdbx_db_isoform            ? 
# 
_struct_ref_seq.align_id                      1 
_struct_ref_seq.ref_id                        1 
_struct_ref_seq.pdbx_PDB_id_code              1O43 
_struct_ref_seq.pdbx_strand_id                A 
_struct_ref_seq.seq_align_beg                 1 
_struct_ref_seq.pdbx_seq_align_beg_ins_code   ? 
_struct_ref_seq.seq_align_end                 108 
_struct_ref_seq.pdbx_seq_align_end_ins_code   ? 
_struct_ref_seq.pdbx_db_accession             P12931 
_struct_ref_seq.db_align_beg                  144 
_struct_ref_seq.pdbx_db_align_beg_ins_code    ? 
_struct_ref_seq.db_align_end                  251 
_struct_ref_seq.pdbx_db_align_end_ins_code    ? 
_struct_ref_seq.pdbx_auth_seq_align_beg       1 
_struct_ref_seq.pdbx_auth_seq_align_end       108 
# 
_pdbx_struct_assembly.id                   1 
_pdbx_struct_assembly.details              author_defined_assembly 
_pdbx_struct_assembly.method_details       ? 
_pdbx_struct_assembly.oligomeric_details   monomeric 
_pdbx_struct_assembly.oligomeric_count     1 
# 
_pdbx_struct_assembly_gen.assembly_id       1 
_pdbx_struct_assembly_gen.oper_expression   1 
_pdbx_struct_assembly_gen.asym_id_list      A,B,C 
# 
_pdbx_struct_oper_list.id                   1 
_pdbx_struct_oper_list.type                 'identity operation' 
_pdbx_struct_oper_list.name                 1_555 
_pdbx_struct_oper_list.symmetry_operation   x,y,z 
_pdbx_struct_oper_list.matrix[1][1]         1.0000000000 
_pdbx_struct_oper_list.matrix[1][2]         0.0000000000 
_pdbx_struct_oper_list.matrix[1][3]         0.0000000000 
_pdbx_struct_oper_list.vector[1]            0.0000000000 
_pdbx_struct_oper_list.matrix[2][1]         0.0000000000 
_pdbx_struct_oper_list.matrix[2][2]         1.0000000000 
_pdbx_struct_oper_list.matrix[2][3]         0.0000000000 
_pdbx_struct_oper_list.vector[2]            0.0000000000 
_pdbx_struct_oper_list.matrix[3][1]         0.0000000000 
_pdbx_struct_oper_list.matrix[3][2]         0.0000000000 
_pdbx_struct_oper_list.matrix[3][3]         1.0000000000 
_pdbx_struct_oper_list.vector[3]            0.0000000000 
# 
_struct_biol.id   1 
# 
loop_
_struct_conf.conf_type_id 
_struct_conf.id 
_struct_conf.pdbx_PDB_helix_id 
_struct_conf.beg_label_comp_id 
_struct_conf.beg_label_asym_id 
_struct_conf.beg_label_seq_id 
_struct_conf.pdbx_beg_PDB_ins_code 
_struct_conf.end_label_comp_id 
_struct_conf.end_label_asym_id 
_struct_conf.end_label_seq_id 
_struct_conf.pdbx_end_PDB_ins_code 
_struct_conf.beg_auth_comp_id 
_struct_conf.beg_auth_asym_id 
_struct_conf.beg_auth_seq_id 
_struct_conf.end_auth_comp_id 
_struct_conf.end_auth_asym_id 
_struct_conf.end_auth_seq_id 
_struct_conf.pdbx_PDB_helix_class 
_struct_conf.details 
_struct_conf.pdbx_PDB_helix_length 
HELX_P HELX_P1 1 SER A 1  ? GLU A 5  ? SER A 1  GLU A 5  5 ? 5  
HELX_P HELX_P2 2 THR A 13 ? LEU A 22 ? THR A 13 LEU A 22 1 ? 10 
HELX_P HELX_P3 3 SER A 81 ? SER A 90 ? SER A 81 SER A 90 1 ? 10 
# 
_struct_conf_type.id          HELX_P 
_struct_conf_type.criteria    ? 
_struct_conf_type.reference   ? 
# 
_struct_conn.id                            covale1 
_struct_conn.conn_type_id                  covale 
_struct_conn.pdbx_leaving_atom_flag        none 
_struct_conn.pdbx_PDB_id                   ? 
_struct_conn.ptnr1_label_asym_id           A 
_struct_conn.ptnr1_label_comp_id           CYS 
_struct_conn.ptnr1_label_seq_id            44 
_struct_conn.ptnr1_label_atom_id           SG 
_struct_conn.pdbx_ptnr1_label_alt_id       ? 
_struct_conn.pdbx_ptnr1_PDB_ins_code       ? 
_struct_conn.pdbx_ptnr1_standard_comp_id   ? 
_struct_conn.ptnr1_symmetry                1_555 
_struct_conn.ptnr2_label_asym_id           B 
_struct_conn.ptnr2_label_comp_id           821 
_struct_conn.ptnr2_label_seq_id            . 
_struct_conn.ptnr2_label_atom_id           C71 
_struct_conn.pdbx_ptnr2_label_alt_id       ? 
_struct_conn.pdbx_ptnr2_PDB_ins_code       ? 
_struct_conn.ptnr1_auth_asym_id            A 
_struct_conn.ptnr1_auth_comp_id            CYS 
_struct_conn.ptnr1_auth_seq_id             44 
_struct_conn.ptnr2_auth_asym_id            A 
_struct_conn.ptnr2_auth_comp_id            821 
_struct_conn.ptnr2_auth_seq_id             300 
_struct_conn.ptnr2_symmetry                1_555 
_struct_conn.pdbx_ptnr3_label_atom_id      ? 
_struct_conn.pdbx_ptnr3_label_seq_id       ? 
_struct_conn.pdbx_ptnr3_label_comp_id      ? 
_struct_conn.pdbx_ptnr3_label_asym_id      ? 
_struct_conn.pdbx_ptnr3_label_alt_id       ? 
_struct_conn.pdbx_ptnr3_PDB_ins_code       ? 
_struct_conn.details                       ? 
_struct_conn.pdbx_dist_value               1.744 
_struct_conn.pdbx_value_order              ? 
_struct_conn.pdbx_role                     ? 
# 
_struct_conn_type.id          covale 
_struct_conn_type.criteria    ? 
_struct_conn_type.reference   ? 
# 
_pdbx_modification_feature.ordinal                            1 
_pdbx_modification_feature.label_comp_id                      821 
_pdbx_modification_feature.label_asym_id                      B 
_pdbx_modification_feature.label_seq_id                       . 
_pdbx_modification_feature.label_alt_id                       ? 
_pdbx_modification_feature.modified_residue_label_comp_id     CYS 
_pdbx_modification_feature.modified_residue_label_asym_id     A 
_pdbx_modification_feature.modified_residue_label_seq_id      44 
_pdbx_modification_feature.modified_residue_label_alt_id      ? 
_pdbx_modification_feature.auth_comp_id                       821 
_pdbx_modification_feature.auth_asym_id                       A 
_pdbx_modification_feature.auth_seq_id                        300 
_pdbx_modification_feature.PDB_ins_code                       ? 
_pdbx_modification_feature.symmetry                           1_555 
_pdbx_modification_feature.modified_residue_auth_comp_id      CYS 
_pdbx_modification_feature.modified_residue_auth_asym_id      A 
_pdbx_modification_feature.modified_residue_auth_seq_id       44 
_pdbx_modification_feature.modified_residue_PDB_ins_code      ? 
_pdbx_modification_feature.modified_residue_symmetry          1_555 
_pdbx_modification_feature.comp_id_linking_atom               C71 
_pdbx_modification_feature.modified_residue_id_linking_atom   SG 
_pdbx_modification_feature.modified_residue_id                CYS 
_pdbx_modification_feature.ref_pcm_id                         1 
_pdbx_modification_feature.ref_comp_id                        821 
_pdbx_modification_feature.type                               None 
_pdbx_modification_feature.category                           'Covalent chemical modification' 
# 
_struct_sheet.id               A 
_struct_sheet.type             ? 
_struct_sheet.number_strands   5 
_struct_sheet.details          ? 
# 
loop_
_struct_sheet_order.sheet_id 
_struct_sheet_order.range_id_1 
_struct_sheet_order.range_id_2 
_struct_sheet_order.offset 
_struct_sheet_order.sense 
A 1 2 ? anti-parallel 
A 2 3 ? anti-parallel 
A 3 4 ? anti-parallel 
A 4 5 ? anti-parallel 
# 
loop_
_struct_sheet_range.sheet_id 
_struct_sheet_range.id 
_struct_sheet_range.beg_label_comp_id 
_struct_sheet_range.beg_label_asym_id 
_struct_sheet_range.beg_label_seq_id 
_struct_sheet_range.pdbx_beg_PDB_ins_code 
_struct_sheet_range.end_label_comp_id 
_struct_sheet_range.end_label_asym_id 
_struct_sheet_range.end_label_seq_id 
_struct_sheet_range.pdbx_end_PDB_ins_code 
_struct_sheet_range.beg_auth_comp_id 
_struct_sheet_range.beg_auth_asym_id 
_struct_sheet_range.beg_auth_seq_id 
_struct_sheet_range.end_auth_comp_id 
_struct_sheet_range.end_auth_asym_id 
_struct_sheet_range.end_auth_seq_id 
A 1 PHE A 31 ? GLU A 35 ? PHE A 31 GLU A 35 
A 2 TYR A 43 ? ASP A 51 ? TYR A 43 ASP A 51 
A 3 GLY A 55 ? LYS A 65 ? GLY A 55 LYS A 65 
A 4 PHE A 71 ? TYR A 72 ? PHE A 71 TYR A 72 
A 5 GLN A 78 ? PHE A 79 ? GLN A 78 PHE A 79 
# 
loop_
_pdbx_struct_sheet_hbond.sheet_id 
_pdbx_struct_sheet_hbond.range_id_1 
_pdbx_struct_sheet_hbond.range_id_2 
_pdbx_struct_sheet_hbond.range_1_label_atom_id 
_pdbx_struct_sheet_hbond.range_1_label_comp_id 
_pdbx_struct_sheet_hbond.range_1_label_asym_id 
_pdbx_struct_sheet_hbond.range_1_label_seq_id 
_pdbx_struct_sheet_hbond.range_1_PDB_ins_code 
_pdbx_struct_sheet_hbond.range_1_auth_atom_id 
_pdbx_struct_sheet_hbond.range_1_auth_comp_id 
_pdbx_struct_sheet_hbond.range_1_auth_asym_id 
_pdbx_struct_sheet_hbond.range_1_auth_seq_id 
_pdbx_struct_sheet_hbond.range_2_label_atom_id 
_pdbx_struct_sheet_hbond.range_2_label_comp_id 
_pdbx_struct_sheet_hbond.range_2_label_asym_id 
_pdbx_struct_sheet_hbond.range_2_label_seq_id 
_pdbx_struct_sheet_hbond.range_2_PDB_ins_code 
_pdbx_struct_sheet_hbond.range_2_auth_atom_id 
_pdbx_struct_sheet_hbond.range_2_auth_comp_id 
_pdbx_struct_sheet_hbond.range_2_auth_asym_id 
_pdbx_struct_sheet_hbond.range_2_auth_seq_id 
A 1 2 N ARG A 34 ? N ARG A 34 O CYS A 44 ? O CYS A 44 
A 2 3 N VAL A 47 ? N VAL A 47 O LYS A 59 ? O LYS A 59 
A 3 4 N ARG A 64 ? N ARG A 64 O TYR A 72 ? O TYR A 72 
A 4 5 N PHE A 71 ? N PHE A 71 O PHE A 79 ? O PHE A 79 
# 
_struct_site.id                   AC1 
_struct_site.pdbx_evidence_code   Software 
_struct_site.pdbx_auth_asym_id    A 
_struct_site.pdbx_auth_comp_id    821 
_struct_site.pdbx_auth_seq_id     300 
_struct_site.pdbx_auth_ins_code   ? 
_struct_site.pdbx_num_residues    22 
_struct_site.details              'BINDING SITE FOR RESIDUE 821 A 300' 
# 
loop_
_struct_site_gen.id 
_struct_site_gen.site_id 
_struct_site_gen.pdbx_num_res 
_struct_site_gen.label_comp_id 
_struct_site_gen.label_asym_id 
_struct_site_gen.label_seq_id 
_struct_site_gen.pdbx_auth_ins_code 
_struct_site_gen.auth_comp_id 
_struct_site_gen.auth_asym_id 
_struct_site_gen.auth_seq_id 
_struct_site_gen.label_atom_id 
_struct_site_gen.label_alt_id 
_struct_site_gen.symmetry 
_struct_site_gen.details 
1  AC1 22 ARG A 14  ? ARG A 14  . ? 1_555 ? 
2  AC1 22 ARG A 34  ? ARG A 34  . ? 1_555 ? 
3  AC1 22 SER A 36  ? SER A 36  . ? 1_555 ? 
4  AC1 22 GLU A 37  ? GLU A 37  . ? 1_555 ? 
5  AC1 22 TYR A 43  ? TYR A 43  . ? 1_555 ? 
6  AC1 22 CYS A 44  ? CYS A 44  . ? 1_555 ? 
7  AC1 22 HIS A 60  ? HIS A 60  . ? 1_555 ? 
8  AC1 22 TYR A 61  ? TYR A 61  . ? 1_555 ? 
9  AC1 22 LYS A 62  ? LYS A 62  . ? 1_555 ? 
10 AC1 22 ILE A 73  ? ILE A 73  . ? 1_555 ? 
11 AC1 22 TYR A 89  ? TYR A 89  . ? 1_555 ? 
12 AC1 22 GLY A 95  ? GLY A 95  . ? 1_555 ? 
13 AC1 22 VAL A 103 ? VAL A 103 . ? 1_655 ? 
14 AC1 22 PRO A 105 ? PRO A 105 . ? 1_655 ? 
15 AC1 22 THR A 106 ? THR A 106 . ? 1_655 ? 
16 AC1 22 HOH C .   ? HOH A 336 . ? 1_655 ? 
17 AC1 22 HOH C .   ? HOH A 381 . ? 1_555 ? 
18 AC1 22 HOH C .   ? HOH A 383 . ? 1_555 ? 
19 AC1 22 HOH C .   ? HOH A 385 . ? 1_555 ? 
20 AC1 22 HOH C .   ? HOH A 396 . ? 1_555 ? 
21 AC1 22 HOH C .   ? HOH A 443 . ? 1_555 ? 
22 AC1 22 HOH C .   ? HOH A 457 . ? 1_655 ? 
# 
_pdbx_entry_details.entry_id                   1O43 
_pdbx_entry_details.compound_details           ? 
_pdbx_entry_details.source_details             ? 
_pdbx_entry_details.nonpolymer_details         ? 
_pdbx_entry_details.sequence_details           ? 
_pdbx_entry_details.has_ligand_of_interest     ? 
_pdbx_entry_details.has_protein_modification   Y 
# 
_pdbx_validate_rmsd_bond.id                        1 
_pdbx_validate_rmsd_bond.PDB_model_num             1 
_pdbx_validate_rmsd_bond.auth_atom_id_1            CB 
_pdbx_validate_rmsd_bond.auth_asym_id_1            A 
_pdbx_validate_rmsd_bond.auth_comp_id_1            ASP 
_pdbx_validate_rmsd_bond.auth_seq_id_1             67 
_pdbx_validate_rmsd_bond.PDB_ins_code_1            ? 
_pdbx_validate_rmsd_bond.label_alt_id_1            ? 
_pdbx_validate_rmsd_bond.auth_atom_id_2            CG 
_pdbx_validate_rmsd_bond.auth_asym_id_2            A 
_pdbx_validate_rmsd_bond.auth_comp_id_2            ASP 
_pdbx_validate_rmsd_bond.auth_seq_id_2             67 
_pdbx_validate_rmsd_bond.PDB_ins_code_2            ? 
_pdbx_validate_rmsd_bond.label_alt_id_2            ? 
_pdbx_validate_rmsd_bond.bond_value                1.643 
_pdbx_validate_rmsd_bond.bond_target_value         1.513 
_pdbx_validate_rmsd_bond.bond_deviation            0.130 
_pdbx_validate_rmsd_bond.bond_standard_deviation   0.021 
_pdbx_validate_rmsd_bond.linker_flag               N 
# 
loop_
_pdbx_validate_torsion.id 
_pdbx_validate_torsion.PDB_model_num 
_pdbx_validate_torsion.auth_comp_id 
_pdbx_validate_torsion.auth_asym_id 
_pdbx_validate_torsion.auth_seq_id 
_pdbx_validate_torsion.PDB_ins_code 
_pdbx_validate_torsion.label_alt_id 
_pdbx_validate_torsion.phi 
_pdbx_validate_torsion.psi 
1 1 LEU A 22  ? ? -80.29  48.37   
2 1 ASP A 94  ? ? 51.78   -121.11 
3 1 THR A 101 ? ? -110.95 -79.50  
# 
loop_
_pdbx_unobs_or_zero_occ_residues.id 
_pdbx_unobs_or_zero_occ_residues.PDB_model_num 
_pdbx_unobs_or_zero_occ_residues.polymer_flag 
_pdbx_unobs_or_zero_occ_residues.occupancy_flag 
_pdbx_unobs_or_zero_occ_residues.auth_asym_id 
_pdbx_unobs_or_zero_occ_residues.auth_comp_id 
_pdbx_unobs_or_zero_occ_residues.auth_seq_id 
_pdbx_unobs_or_zero_occ_residues.PDB_ins_code 
_pdbx_unobs_or_zero_occ_residues.label_asym_id 
_pdbx_unobs_or_zero_occ_residues.label_comp_id 
_pdbx_unobs_or_zero_occ_residues.label_seq_id 
1 1 Y 1 A SER 107 ? A SER 107 
2 1 Y 1 A LYS 108 ? A LYS 108 
# 
loop_
_chem_comp_atom.comp_id 
_chem_comp_atom.atom_id 
_chem_comp_atom.type_symbol 
_chem_comp_atom.pdbx_aromatic_flag 
_chem_comp_atom.pdbx_stereo_config 
_chem_comp_atom.pdbx_ordinal 
821 C1   C N N 1   
821 C2   C N N 2   
821 N3   N N N 3   
821 C4   C N N 4   
821 C5   C N N 5   
821 O9   O N N 6   
821 C10  C N N 7   
821 O11  O N N 8   
821 N12  N N N 9   
821 C14  C N S 10  
821 C15  C N N 11  
821 C16  C N N 12  
821 C19  C N N 13  
821 C22  C N N 14  
821 C25  C N N 15  
821 N26  N N N 16  
821 O29  O N N 17  
821 C30  C N N 18  
821 C31  C Y N 19  
821 C34  C Y N 20  
821 C35  C Y N 21  
821 C36  C Y N 22  
821 C37  C Y N 23  
821 C38  C Y N 24  
821 C43  C Y N 25  
821 C44  C Y N 26  
821 C45  C Y N 27  
821 C46  C Y N 28  
821 C47  C Y N 29  
821 C48  C Y N 30  
821 C56  C Y N 31  
821 C57  C Y N 32  
821 C58  C Y N 33  
821 C59  C Y N 34  
821 C60  C Y N 35  
821 C61  C Y N 36  
821 C65  C N N 37  
821 C66  C N N 38  
821 O69  O N N 39  
821 O70  O N N 40  
821 C71  C N N 41  
821 O72  O N N 42  
821 H1   H N N 43  
821 H3   H N N 44  
821 H51  H N N 45  
821 H52  H N N 46  
821 H53  H N N 47  
821 H12  H N N 48  
821 H14  H N N 49  
821 H151 H N N 50  
821 H152 H N N 51  
821 H161 H N N 52  
821 H162 H N N 53  
821 H191 H N N 54  
821 H192 H N N 55  
821 H221 H N N 56  
821 H222 H N N 57  
821 H301 H N N 58  
821 H302 H N N 59  
821 H34  H N N 60  
821 H35  H N N 61  
821 H37  H N N 62  
821 H38  H N N 63  
821 H44  H N N 64  
821 H45  H N N 65  
821 H46  H N N 66  
821 H47  H N N 67  
821 H48  H N N 68  
821 H57  H N N 69  
821 H58  H N N 70  
821 H61  H N N 71  
821 H651 H N N 72  
821 H652 H N N 73  
821 H69  H N N 74  
821 H71  H N N 75  
ALA N    N N N 76  
ALA CA   C N S 77  
ALA C    C N N 78  
ALA O    O N N 79  
ALA CB   C N N 80  
ALA OXT  O N N 81  
ALA H    H N N 82  
ALA H2   H N N 83  
ALA HA   H N N 84  
ALA HB1  H N N 85  
ALA HB2  H N N 86  
ALA HB3  H N N 87  
ALA HXT  H N N 88  
ARG N    N N N 89  
ARG CA   C N S 90  
ARG C    C N N 91  
ARG O    O N N 92  
ARG CB   C N N 93  
ARG CG   C N N 94  
ARG CD   C N N 95  
ARG NE   N N N 96  
ARG CZ   C N N 97  
ARG NH1  N N N 98  
ARG NH2  N N N 99  
ARG OXT  O N N 100 
ARG H    H N N 101 
ARG H2   H N N 102 
ARG HA   H N N 103 
ARG HB2  H N N 104 
ARG HB3  H N N 105 
ARG HG2  H N N 106 
ARG HG3  H N N 107 
ARG HD2  H N N 108 
ARG HD3  H N N 109 
ARG HE   H N N 110 
ARG HH11 H N N 111 
ARG HH12 H N N 112 
ARG HH21 H N N 113 
ARG HH22 H N N 114 
ARG HXT  H N N 115 
ASN N    N N N 116 
ASN CA   C N S 117 
ASN C    C N N 118 
ASN O    O N N 119 
ASN CB   C N N 120 
ASN CG   C N N 121 
ASN OD1  O N N 122 
ASN ND2  N N N 123 
ASN OXT  O N N 124 
ASN H    H N N 125 
ASN H2   H N N 126 
ASN HA   H N N 127 
ASN HB2  H N N 128 
ASN HB3  H N N 129 
ASN HD21 H N N 130 
ASN HD22 H N N 131 
ASN HXT  H N N 132 
ASP N    N N N 133 
ASP CA   C N S 134 
ASP C    C N N 135 
ASP O    O N N 136 
ASP CB   C N N 137 
ASP CG   C N N 138 
ASP OD1  O N N 139 
ASP OD2  O N N 140 
ASP OXT  O N N 141 
ASP H    H N N 142 
ASP H2   H N N 143 
ASP HA   H N N 144 
ASP HB2  H N N 145 
ASP HB3  H N N 146 
ASP HD2  H N N 147 
ASP HXT  H N N 148 
CYS N    N N N 149 
CYS CA   C N R 150 
CYS C    C N N 151 
CYS O    O N N 152 
CYS CB   C N N 153 
CYS SG   S N N 154 
CYS OXT  O N N 155 
CYS H    H N N 156 
CYS H2   H N N 157 
CYS HA   H N N 158 
CYS HB2  H N N 159 
CYS HB3  H N N 160 
CYS HG   H N N 161 
CYS HXT  H N N 162 
GLN N    N N N 163 
GLN CA   C N S 164 
GLN C    C N N 165 
GLN O    O N N 166 
GLN CB   C N N 167 
GLN CG   C N N 168 
GLN CD   C N N 169 
GLN OE1  O N N 170 
GLN NE2  N N N 171 
GLN OXT  O N N 172 
GLN H    H N N 173 
GLN H2   H N N 174 
GLN HA   H N N 175 
GLN HB2  H N N 176 
GLN HB3  H N N 177 
GLN HG2  H N N 178 
GLN HG3  H N N 179 
GLN HE21 H N N 180 
GLN HE22 H N N 181 
GLN HXT  H N N 182 
GLU N    N N N 183 
GLU CA   C N S 184 
GLU C    C N N 185 
GLU O    O N N 186 
GLU CB   C N N 187 
GLU CG   C N N 188 
GLU CD   C N N 189 
GLU OE1  O N N 190 
GLU OE2  O N N 191 
GLU OXT  O N N 192 
GLU H    H N N 193 
GLU H2   H N N 194 
GLU HA   H N N 195 
GLU HB2  H N N 196 
GLU HB3  H N N 197 
GLU HG2  H N N 198 
GLU HG3  H N N 199 
GLU HE2  H N N 200 
GLU HXT  H N N 201 
GLY N    N N N 202 
GLY CA   C N N 203 
GLY C    C N N 204 
GLY O    O N N 205 
GLY OXT  O N N 206 
GLY H    H N N 207 
GLY H2   H N N 208 
GLY HA2  H N N 209 
GLY HA3  H N N 210 
GLY HXT  H N N 211 
HIS N    N N N 212 
HIS CA   C N S 213 
HIS C    C N N 214 
HIS O    O N N 215 
HIS CB   C N N 216 
HIS CG   C Y N 217 
HIS ND1  N Y N 218 
HIS CD2  C Y N 219 
HIS CE1  C Y N 220 
HIS NE2  N Y N 221 
HIS OXT  O N N 222 
HIS H    H N N 223 
HIS H2   H N N 224 
HIS HA   H N N 225 
HIS HB2  H N N 226 
HIS HB3  H N N 227 
HIS HD1  H N N 228 
HIS HD2  H N N 229 
HIS HE1  H N N 230 
HIS HE2  H N N 231 
HIS HXT  H N N 232 
HOH O    O N N 233 
HOH H1   H N N 234 
HOH H2   H N N 235 
ILE N    N N N 236 
ILE CA   C N S 237 
ILE C    C N N 238 
ILE O    O N N 239 
ILE CB   C N S 240 
ILE CG1  C N N 241 
ILE CG2  C N N 242 
ILE CD1  C N N 243 
ILE OXT  O N N 244 
ILE H    H N N 245 
ILE H2   H N N 246 
ILE HA   H N N 247 
ILE HB   H N N 248 
ILE HG12 H N N 249 
ILE HG13 H N N 250 
ILE HG21 H N N 251 
ILE HG22 H N N 252 
ILE HG23 H N N 253 
ILE HD11 H N N 254 
ILE HD12 H N N 255 
ILE HD13 H N N 256 
ILE HXT  H N N 257 
LEU N    N N N 258 
LEU CA   C N S 259 
LEU C    C N N 260 
LEU O    O N N 261 
LEU CB   C N N 262 
LEU CG   C N N 263 
LEU CD1  C N N 264 
LEU CD2  C N N 265 
LEU OXT  O N N 266 
LEU H    H N N 267 
LEU H2   H N N 268 
LEU HA   H N N 269 
LEU HB2  H N N 270 
LEU HB3  H N N 271 
LEU HG   H N N 272 
LEU HD11 H N N 273 
LEU HD12 H N N 274 
LEU HD13 H N N 275 
LEU HD21 H N N 276 
LEU HD22 H N N 277 
LEU HD23 H N N 278 
LEU HXT  H N N 279 
LYS N    N N N 280 
LYS CA   C N S 281 
LYS C    C N N 282 
LYS O    O N N 283 
LYS CB   C N N 284 
LYS CG   C N N 285 
LYS CD   C N N 286 
LYS CE   C N N 287 
LYS NZ   N N N 288 
LYS OXT  O N N 289 
LYS H    H N N 290 
LYS H2   H N N 291 
LYS HA   H N N 292 
LYS HB2  H N N 293 
LYS HB3  H N N 294 
LYS HG2  H N N 295 
LYS HG3  H N N 296 
LYS HD2  H N N 297 
LYS HD3  H N N 298 
LYS HE2  H N N 299 
LYS HE3  H N N 300 
LYS HZ1  H N N 301 
LYS HZ2  H N N 302 
LYS HZ3  H N N 303 
LYS HXT  H N N 304 
PHE N    N N N 305 
PHE CA   C N S 306 
PHE C    C N N 307 
PHE O    O N N 308 
PHE CB   C N N 309 
PHE CG   C Y N 310 
PHE CD1  C Y N 311 
PHE CD2  C Y N 312 
PHE CE1  C Y N 313 
PHE CE2  C Y N 314 
PHE CZ   C Y N 315 
PHE OXT  O N N 316 
PHE H    H N N 317 
PHE H2   H N N 318 
PHE HA   H N N 319 
PHE HB2  H N N 320 
PHE HB3  H N N 321 
PHE HD1  H N N 322 
PHE HD2  H N N 323 
PHE HE1  H N N 324 
PHE HE2  H N N 325 
PHE HZ   H N N 326 
PHE HXT  H N N 327 
PRO N    N N N 328 
PRO CA   C N S 329 
PRO C    C N N 330 
PRO O    O N N 331 
PRO CB   C N N 332 
PRO CG   C N N 333 
PRO CD   C N N 334 
PRO OXT  O N N 335 
PRO H    H N N 336 
PRO HA   H N N 337 
PRO HB2  H N N 338 
PRO HB3  H N N 339 
PRO HG2  H N N 340 
PRO HG3  H N N 341 
PRO HD2  H N N 342 
PRO HD3  H N N 343 
PRO HXT  H N N 344 
SER N    N N N 345 
SER CA   C N S 346 
SER C    C N N 347 
SER O    O N N 348 
SER CB   C N N 349 
SER OG   O N N 350 
SER OXT  O N N 351 
SER H    H N N 352 
SER H2   H N N 353 
SER HA   H N N 354 
SER HB2  H N N 355 
SER HB3  H N N 356 
SER HG   H N N 357 
SER HXT  H N N 358 
THR N    N N N 359 
THR CA   C N S 360 
THR C    C N N 361 
THR O    O N N 362 
THR CB   C N R 363 
THR OG1  O N N 364 
THR CG2  C N N 365 
THR OXT  O N N 366 
THR H    H N N 367 
THR H2   H N N 368 
THR HA   H N N 369 
THR HB   H N N 370 
THR HG1  H N N 371 
THR HG21 H N N 372 
THR HG22 H N N 373 
THR HG23 H N N 374 
THR HXT  H N N 375 
TRP N    N N N 376 
TRP CA   C N S 377 
TRP C    C N N 378 
TRP O    O N N 379 
TRP CB   C N N 380 
TRP CG   C Y N 381 
TRP CD1  C Y N 382 
TRP CD2  C Y N 383 
TRP NE1  N Y N 384 
TRP CE2  C Y N 385 
TRP CE3  C Y N 386 
TRP CZ2  C Y N 387 
TRP CZ3  C Y N 388 
TRP CH2  C Y N 389 
TRP OXT  O N N 390 
TRP H    H N N 391 
TRP H2   H N N 392 
TRP HA   H N N 393 
TRP HB2  H N N 394 
TRP HB3  H N N 395 
TRP HD1  H N N 396 
TRP HE1  H N N 397 
TRP HE3  H N N 398 
TRP HZ2  H N N 399 
TRP HZ3  H N N 400 
TRP HH2  H N N 401 
TRP HXT  H N N 402 
TYR N    N N N 403 
TYR CA   C N S 404 
TYR C    C N N 405 
TYR O    O N N 406 
TYR CB   C N N 407 
TYR CG   C Y N 408 
TYR CD1  C Y N 409 
TYR CD2  C Y N 410 
TYR CE1  C Y N 411 
TYR CE2  C Y N 412 
TYR CZ   C Y N 413 
TYR OH   O N N 414 
TYR OXT  O N N 415 
TYR H    H N N 416 
TYR H2   H N N 417 
TYR HA   H N N 418 
TYR HB2  H N N 419 
TYR HB3  H N N 420 
TYR HD1  H N N 421 
TYR HD2  H N N 422 
TYR HE1  H N N 423 
TYR HE2  H N N 424 
TYR HH   H N N 425 
TYR HXT  H N N 426 
VAL N    N N N 427 
VAL CA   C N S 428 
VAL C    C N N 429 
VAL O    O N N 430 
VAL CB   C N N 431 
VAL CG1  C N N 432 
VAL CG2  C N N 433 
VAL OXT  O N N 434 
VAL H    H N N 435 
VAL H2   H N N 436 
VAL HA   H N N 437 
VAL HB   H N N 438 
VAL HG11 H N N 439 
VAL HG12 H N N 440 
VAL HG13 H N N 441 
VAL HG21 H N N 442 
VAL HG22 H N N 443 
VAL HG23 H N N 444 
VAL HXT  H N N 445 
# 
loop_
_chem_comp_bond.comp_id 
_chem_comp_bond.atom_id_1 
_chem_comp_bond.atom_id_2 
_chem_comp_bond.value_order 
_chem_comp_bond.pdbx_aromatic_flag 
_chem_comp_bond.pdbx_stereo_config 
_chem_comp_bond.pdbx_ordinal 
821 C1  C2   doub N Z 1   
821 C1  C56  sing N N 2   
821 C1  H1   sing N N 3   
821 C2  N3   sing N N 4   
821 C2  C10  sing N N 5   
821 N3  C4   sing N N 6   
821 N3  H3   sing N N 7   
821 C4  C5   sing N N 8   
821 C4  O9   doub N N 9   
821 C5  H51  sing N N 10  
821 C5  H52  sing N N 11  
821 C5  H53  sing N N 12  
821 C10 O11  doub N N 13  
821 C10 N12  sing N N 14  
821 N12 C14  sing N N 15  
821 N12 H12  sing N N 16  
821 C14 C15  sing N N 17  
821 C14 C25  sing N N 18  
821 C14 H14  sing N N 19  
821 C15 C16  sing N N 20  
821 C15 H151 sing N N 21  
821 C15 H152 sing N N 22  
821 C16 C19  sing N N 23  
821 C16 H161 sing N N 24  
821 C16 H162 sing N N 25  
821 C19 C22  sing N N 26  
821 C19 H191 sing N N 27  
821 C19 H192 sing N N 28  
821 C22 N26  sing N N 29  
821 C22 H221 sing N N 30  
821 C22 H222 sing N N 31  
821 C25 N26  sing N N 32  
821 C25 O29  doub N N 33  
821 N26 C30  sing N N 34  
821 C30 C31  sing N N 35  
821 C30 H301 sing N N 36  
821 C30 H302 sing N N 37  
821 C31 C34  sing Y N 38  
821 C31 C38  doub Y N 39  
821 C34 C35  doub Y N 40  
821 C34 H34  sing N N 41  
821 C35 C36  sing Y N 42  
821 C35 H35  sing N N 43  
821 C36 C37  doub Y N 44  
821 C36 C43  sing Y N 45  
821 C37 C38  sing Y N 46  
821 C37 H37  sing N N 47  
821 C38 H38  sing N N 48  
821 C43 C44  sing Y N 49  
821 C43 C48  doub Y N 50  
821 C44 C45  doub Y N 51  
821 C44 H44  sing N N 52  
821 C45 C46  sing Y N 53  
821 C45 H45  sing N N 54  
821 C46 C47  doub Y N 55  
821 C46 H46  sing N N 56  
821 C47 C48  sing Y N 57  
821 C47 H47  sing N N 58  
821 C48 H48  sing N N 59  
821 C56 C57  doub Y N 60  
821 C56 C61  sing Y N 61  
821 C57 C58  sing Y N 62  
821 C57 H57  sing N N 63  
821 C58 C59  doub Y N 64  
821 C58 H58  sing N N 65  
821 C59 C60  sing Y N 66  
821 C59 C65  sing N N 67  
821 C60 C61  doub Y N 68  
821 C60 C71  sing N N 69  
821 C61 H61  sing N N 70  
821 C65 C66  sing N N 71  
821 C65 H651 sing N N 72  
821 C65 H652 sing N N 73  
821 C66 O69  sing N N 74  
821 C66 O70  doub N N 75  
821 O69 H69  sing N N 76  
821 C71 O72  doub N N 77  
821 C71 H71  sing N N 78  
ALA N   CA   sing N N 79  
ALA N   H    sing N N 80  
ALA N   H2   sing N N 81  
ALA CA  C    sing N N 82  
ALA CA  CB   sing N N 83  
ALA CA  HA   sing N N 84  
ALA C   O    doub N N 85  
ALA C   OXT  sing N N 86  
ALA CB  HB1  sing N N 87  
ALA CB  HB2  sing N N 88  
ALA CB  HB3  sing N N 89  
ALA OXT HXT  sing N N 90  
ARG N   CA   sing N N 91  
ARG N   H    sing N N 92  
ARG N   H2   sing N N 93  
ARG CA  C    sing N N 94  
ARG CA  CB   sing N N 95  
ARG CA  HA   sing N N 96  
ARG C   O    doub N N 97  
ARG C   OXT  sing N N 98  
ARG CB  CG   sing N N 99  
ARG CB  HB2  sing N N 100 
ARG CB  HB3  sing N N 101 
ARG CG  CD   sing N N 102 
ARG CG  HG2  sing N N 103 
ARG CG  HG3  sing N N 104 
ARG CD  NE   sing N N 105 
ARG CD  HD2  sing N N 106 
ARG CD  HD3  sing N N 107 
ARG NE  CZ   sing N N 108 
ARG NE  HE   sing N N 109 
ARG CZ  NH1  sing N N 110 
ARG CZ  NH2  doub N N 111 
ARG NH1 HH11 sing N N 112 
ARG NH1 HH12 sing N N 113 
ARG NH2 HH21 sing N N 114 
ARG NH2 HH22 sing N N 115 
ARG OXT HXT  sing N N 116 
ASN N   CA   sing N N 117 
ASN N   H    sing N N 118 
ASN N   H2   sing N N 119 
ASN CA  C    sing N N 120 
ASN CA  CB   sing N N 121 
ASN CA  HA   sing N N 122 
ASN C   O    doub N N 123 
ASN C   OXT  sing N N 124 
ASN CB  CG   sing N N 125 
ASN CB  HB2  sing N N 126 
ASN CB  HB3  sing N N 127 
ASN CG  OD1  doub N N 128 
ASN CG  ND2  sing N N 129 
ASN ND2 HD21 sing N N 130 
ASN ND2 HD22 sing N N 131 
ASN OXT HXT  sing N N 132 
ASP N   CA   sing N N 133 
ASP N   H    sing N N 134 
ASP N   H2   sing N N 135 
ASP CA  C    sing N N 136 
ASP CA  CB   sing N N 137 
ASP CA  HA   sing N N 138 
ASP C   O    doub N N 139 
ASP C   OXT  sing N N 140 
ASP CB  CG   sing N N 141 
ASP CB  HB2  sing N N 142 
ASP CB  HB3  sing N N 143 
ASP CG  OD1  doub N N 144 
ASP CG  OD2  sing N N 145 
ASP OD2 HD2  sing N N 146 
ASP OXT HXT  sing N N 147 
CYS N   CA   sing N N 148 
CYS N   H    sing N N 149 
CYS N   H2   sing N N 150 
CYS CA  C    sing N N 151 
CYS CA  CB   sing N N 152 
CYS CA  HA   sing N N 153 
CYS C   O    doub N N 154 
CYS C   OXT  sing N N 155 
CYS CB  SG   sing N N 156 
CYS CB  HB2  sing N N 157 
CYS CB  HB3  sing N N 158 
CYS SG  HG   sing N N 159 
CYS OXT HXT  sing N N 160 
GLN N   CA   sing N N 161 
GLN N   H    sing N N 162 
GLN N   H2   sing N N 163 
GLN CA  C    sing N N 164 
GLN CA  CB   sing N N 165 
GLN CA  HA   sing N N 166 
GLN C   O    doub N N 167 
GLN C   OXT  sing N N 168 
GLN CB  CG   sing N N 169 
GLN CB  HB2  sing N N 170 
GLN CB  HB3  sing N N 171 
GLN CG  CD   sing N N 172 
GLN CG  HG2  sing N N 173 
GLN CG  HG3  sing N N 174 
GLN CD  OE1  doub N N 175 
GLN CD  NE2  sing N N 176 
GLN NE2 HE21 sing N N 177 
GLN NE2 HE22 sing N N 178 
GLN OXT HXT  sing N N 179 
GLU N   CA   sing N N 180 
GLU N   H    sing N N 181 
GLU N   H2   sing N N 182 
GLU CA  C    sing N N 183 
GLU CA  CB   sing N N 184 
GLU CA  HA   sing N N 185 
GLU C   O    doub N N 186 
GLU C   OXT  sing N N 187 
GLU CB  CG   sing N N 188 
GLU CB  HB2  sing N N 189 
GLU CB  HB3  sing N N 190 
GLU CG  CD   sing N N 191 
GLU CG  HG2  sing N N 192 
GLU CG  HG3  sing N N 193 
GLU CD  OE1  doub N N 194 
GLU CD  OE2  sing N N 195 
GLU OE2 HE2  sing N N 196 
GLU OXT HXT  sing N N 197 
GLY N   CA   sing N N 198 
GLY N   H    sing N N 199 
GLY N   H2   sing N N 200 
GLY CA  C    sing N N 201 
GLY CA  HA2  sing N N 202 
GLY CA  HA3  sing N N 203 
GLY C   O    doub N N 204 
GLY C   OXT  sing N N 205 
GLY OXT HXT  sing N N 206 
HIS N   CA   sing N N 207 
HIS N   H    sing N N 208 
HIS N   H2   sing N N 209 
HIS CA  C    sing N N 210 
HIS CA  CB   sing N N 211 
HIS CA  HA   sing N N 212 
HIS C   O    doub N N 213 
HIS C   OXT  sing N N 214 
HIS CB  CG   sing N N 215 
HIS CB  HB2  sing N N 216 
HIS CB  HB3  sing N N 217 
HIS CG  ND1  sing Y N 218 
HIS CG  CD2  doub Y N 219 
HIS ND1 CE1  doub Y N 220 
HIS ND1 HD1  sing N N 221 
HIS CD2 NE2  sing Y N 222 
HIS CD2 HD2  sing N N 223 
HIS CE1 NE2  sing Y N 224 
HIS CE1 HE1  sing N N 225 
HIS NE2 HE2  sing N N 226 
HIS OXT HXT  sing N N 227 
HOH O   H1   sing N N 228 
HOH O   H2   sing N N 229 
ILE N   CA   sing N N 230 
ILE N   H    sing N N 231 
ILE N   H2   sing N N 232 
ILE CA  C    sing N N 233 
ILE CA  CB   sing N N 234 
ILE CA  HA   sing N N 235 
ILE C   O    doub N N 236 
ILE C   OXT  sing N N 237 
ILE CB  CG1  sing N N 238 
ILE CB  CG2  sing N N 239 
ILE CB  HB   sing N N 240 
ILE CG1 CD1  sing N N 241 
ILE CG1 HG12 sing N N 242 
ILE CG1 HG13 sing N N 243 
ILE CG2 HG21 sing N N 244 
ILE CG2 HG22 sing N N 245 
ILE CG2 HG23 sing N N 246 
ILE CD1 HD11 sing N N 247 
ILE CD1 HD12 sing N N 248 
ILE CD1 HD13 sing N N 249 
ILE OXT HXT  sing N N 250 
LEU N   CA   sing N N 251 
LEU N   H    sing N N 252 
LEU N   H2   sing N N 253 
LEU CA  C    sing N N 254 
LEU CA  CB   sing N N 255 
LEU CA  HA   sing N N 256 
LEU C   O    doub N N 257 
LEU C   OXT  sing N N 258 
LEU CB  CG   sing N N 259 
LEU CB  HB2  sing N N 260 
LEU CB  HB3  sing N N 261 
LEU CG  CD1  sing N N 262 
LEU CG  CD2  sing N N 263 
LEU CG  HG   sing N N 264 
LEU CD1 HD11 sing N N 265 
LEU CD1 HD12 sing N N 266 
LEU CD1 HD13 sing N N 267 
LEU CD2 HD21 sing N N 268 
LEU CD2 HD22 sing N N 269 
LEU CD2 HD23 sing N N 270 
LEU OXT HXT  sing N N 271 
LYS N   CA   sing N N 272 
LYS N   H    sing N N 273 
LYS N   H2   sing N N 274 
LYS CA  C    sing N N 275 
LYS CA  CB   sing N N 276 
LYS CA  HA   sing N N 277 
LYS C   O    doub N N 278 
LYS C   OXT  sing N N 279 
LYS CB  CG   sing N N 280 
LYS CB  HB2  sing N N 281 
LYS CB  HB3  sing N N 282 
LYS CG  CD   sing N N 283 
LYS CG  HG2  sing N N 284 
LYS CG  HG3  sing N N 285 
LYS CD  CE   sing N N 286 
LYS CD  HD2  sing N N 287 
LYS CD  HD3  sing N N 288 
LYS CE  NZ   sing N N 289 
LYS CE  HE2  sing N N 290 
LYS CE  HE3  sing N N 291 
LYS NZ  HZ1  sing N N 292 
LYS NZ  HZ2  sing N N 293 
LYS NZ  HZ3  sing N N 294 
LYS OXT HXT  sing N N 295 
PHE N   CA   sing N N 296 
PHE N   H    sing N N 297 
PHE N   H2   sing N N 298 
PHE CA  C    sing N N 299 
PHE CA  CB   sing N N 300 
PHE CA  HA   sing N N 301 
PHE C   O    doub N N 302 
PHE C   OXT  sing N N 303 
PHE CB  CG   sing N N 304 
PHE CB  HB2  sing N N 305 
PHE CB  HB3  sing N N 306 
PHE CG  CD1  doub Y N 307 
PHE CG  CD2  sing Y N 308 
PHE CD1 CE1  sing Y N 309 
PHE CD1 HD1  sing N N 310 
PHE CD2 CE2  doub Y N 311 
PHE CD2 HD2  sing N N 312 
PHE CE1 CZ   doub Y N 313 
PHE CE1 HE1  sing N N 314 
PHE CE2 CZ   sing Y N 315 
PHE CE2 HE2  sing N N 316 
PHE CZ  HZ   sing N N 317 
PHE OXT HXT  sing N N 318 
PRO N   CA   sing N N 319 
PRO N   CD   sing N N 320 
PRO N   H    sing N N 321 
PRO CA  C    sing N N 322 
PRO CA  CB   sing N N 323 
PRO CA  HA   sing N N 324 
PRO C   O    doub N N 325 
PRO C   OXT  sing N N 326 
PRO CB  CG   sing N N 327 
PRO CB  HB2  sing N N 328 
PRO CB  HB3  sing N N 329 
PRO CG  CD   sing N N 330 
PRO CG  HG2  sing N N 331 
PRO CG  HG3  sing N N 332 
PRO CD  HD2  sing N N 333 
PRO CD  HD3  sing N N 334 
PRO OXT HXT  sing N N 335 
SER N   CA   sing N N 336 
SER N   H    sing N N 337 
SER N   H2   sing N N 338 
SER CA  C    sing N N 339 
SER CA  CB   sing N N 340 
SER CA  HA   sing N N 341 
SER C   O    doub N N 342 
SER C   OXT  sing N N 343 
SER CB  OG   sing N N 344 
SER CB  HB2  sing N N 345 
SER CB  HB3  sing N N 346 
SER OG  HG   sing N N 347 
SER OXT HXT  sing N N 348 
THR N   CA   sing N N 349 
THR N   H    sing N N 350 
THR N   H2   sing N N 351 
THR CA  C    sing N N 352 
THR CA  CB   sing N N 353 
THR CA  HA   sing N N 354 
THR C   O    doub N N 355 
THR C   OXT  sing N N 356 
THR CB  OG1  sing N N 357 
THR CB  CG2  sing N N 358 
THR CB  HB   sing N N 359 
THR OG1 HG1  sing N N 360 
THR CG2 HG21 sing N N 361 
THR CG2 HG22 sing N N 362 
THR CG2 HG23 sing N N 363 
THR OXT HXT  sing N N 364 
TRP N   CA   sing N N 365 
TRP N   H    sing N N 366 
TRP N   H2   sing N N 367 
TRP CA  C    sing N N 368 
TRP CA  CB   sing N N 369 
TRP CA  HA   sing N N 370 
TRP C   O    doub N N 371 
TRP C   OXT  sing N N 372 
TRP CB  CG   sing N N 373 
TRP CB  HB2  sing N N 374 
TRP CB  HB3  sing N N 375 
TRP CG  CD1  doub Y N 376 
TRP CG  CD2  sing Y N 377 
TRP CD1 NE1  sing Y N 378 
TRP CD1 HD1  sing N N 379 
TRP CD2 CE2  doub Y N 380 
TRP CD2 CE3  sing Y N 381 
TRP NE1 CE2  sing Y N 382 
TRP NE1 HE1  sing N N 383 
TRP CE2 CZ2  sing Y N 384 
TRP CE3 CZ3  doub Y N 385 
TRP CE3 HE3  sing N N 386 
TRP CZ2 CH2  doub Y N 387 
TRP CZ2 HZ2  sing N N 388 
TRP CZ3 CH2  sing Y N 389 
TRP CZ3 HZ3  sing N N 390 
TRP CH2 HH2  sing N N 391 
TRP OXT HXT  sing N N 392 
TYR N   CA   sing N N 393 
TYR N   H    sing N N 394 
TYR N   H2   sing N N 395 
TYR CA  C    sing N N 396 
TYR CA  CB   sing N N 397 
TYR CA  HA   sing N N 398 
TYR C   O    doub N N 399 
TYR C   OXT  sing N N 400 
TYR CB  CG   sing N N 401 
TYR CB  HB2  sing N N 402 
TYR CB  HB3  sing N N 403 
TYR CG  CD1  doub Y N 404 
TYR CG  CD2  sing Y N 405 
TYR CD1 CE1  sing Y N 406 
TYR CD1 HD1  sing N N 407 
TYR CD2 CE2  doub Y N 408 
TYR CD2 HD2  sing N N 409 
TYR CE1 CZ   doub Y N 410 
TYR CE1 HE1  sing N N 411 
TYR CE2 CZ   sing Y N 412 
TYR CE2 HE2  sing N N 413 
TYR CZ  OH   sing N N 414 
TYR OH  HH   sing N N 415 
TYR OXT HXT  sing N N 416 
VAL N   CA   sing N N 417 
VAL N   H    sing N N 418 
VAL N   H2   sing N N 419 
VAL CA  C    sing N N 420 
VAL CA  CB   sing N N 421 
VAL CA  HA   sing N N 422 
VAL C   O    doub N N 423 
VAL C   OXT  sing N N 424 
VAL CB  CG1  sing N N 425 
VAL CB  CG2  sing N N 426 
VAL CB  HB   sing N N 427 
VAL CG1 HG11 sing N N 428 
VAL CG1 HG12 sing N N 429 
VAL CG1 HG13 sing N N 430 
VAL CG2 HG21 sing N N 431 
VAL CG2 HG22 sing N N 432 
VAL CG2 HG23 sing N N 433 
VAL OXT HXT  sing N N 434 
# 
_pdbx_initial_refinement_model.id               1 
_pdbx_initial_refinement_model.entity_id_list   ? 
_pdbx_initial_refinement_model.type             'experimental model' 
_pdbx_initial_refinement_model.source_name      PDB 
_pdbx_initial_refinement_model.accession_code   1SHD 
_pdbx_initial_refinement_model.details          ? 
# 
_atom_sites.entry_id                    1O43 
_atom_sites.fract_transf_matrix[1][1]   0.01573659 
_atom_sites.fract_transf_matrix[1][2]   -0.02159744 
_atom_sites.fract_transf_matrix[1][3]   0.02676450 
_atom_sites.fract_transf_matrix[2][1]   -0.00940030 
_atom_sites.fract_transf_matrix[2][2]   -0.01325182 
_atom_sites.fract_transf_matrix[2][3]   -0.00516642 
_atom_sites.fract_transf_matrix[3][1]   0.01127886 
_atom_sites.fract_transf_matrix[3][2]   -0.00411939 
_atom_sites.fract_transf_matrix[3][3]   -0.00995568 
_atom_sites.fract_transf_vector[1]      0.395853 
_atom_sites.fract_transf_vector[2]      0.326355 
_atom_sites.fract_transf_vector[3]      0.313191 
# 
loop_
_atom_type.symbol 
C 
N 
O 
S 
# 
loop_
_atom_site.group_PDB 
_atom_site.id 
_atom_site.type_symbol 
_atom_site.label_atom_id 
_atom_site.label_alt_id 
_atom_site.label_comp_id 
_atom_site.label_asym_id 
_atom_site.label_entity_id 
_atom_site.label_seq_id 
_atom_site.pdbx_PDB_ins_code 
_atom_site.Cartn_x 
_atom_site.Cartn_y 
_atom_site.Cartn_z 
_atom_site.occupancy 
_atom_site.B_iso_or_equiv 
_atom_site.pdbx_formal_charge 
_atom_site.auth_seq_id 
_atom_site.auth_comp_id 
_atom_site.auth_asym_id 
_atom_site.auth_atom_id 
_atom_site.pdbx_PDB_model_num 
ATOM   1    N N   . SER A 1 1   ? -10.570 12.260  4.912   1.00 49.94  ? 1   SER A N   1 
ATOM   2    C CA  . SER A 1 1   ? -11.242 10.937  4.731   1.00 49.22  ? 1   SER A CA  1 
ATOM   3    C C   . SER A 1 1   ? -10.503 10.144  3.733   1.00 47.92  ? 1   SER A C   1 
ATOM   4    O O   . SER A 1 1   ? -10.316 10.585  2.589   1.00 47.53  ? 1   SER A O   1 
ATOM   5    C CB  . SER A 1 1   ? -12.714 11.103  4.225   1.00 50.10  ? 1   SER A CB  1 
ATOM   6    O OG  . SER A 1 1   ? -13.492 9.932   4.479   1.00 52.11  ? 1   SER A OG  1 
ATOM   7    N N   . ILE A 1 2   ? -10.072 8.950   4.146   1.00 46.25  ? 2   ILE A N   1 
ATOM   8    C CA  . ILE A 1 2   ? -9.331  8.066   3.250   1.00 44.60  ? 2   ILE A CA  1 
ATOM   9    C C   . ILE A 1 2   ? -10.188 7.620   2.067   1.00 42.45  ? 2   ILE A C   1 
ATOM   10   O O   . ILE A 1 2   ? -9.678  7.389   0.986   1.00 41.70  ? 2   ILE A O   1 
ATOM   11   C CB  . ILE A 1 2   ? -8.707  6.849   3.991   1.00 44.53  ? 2   ILE A CB  1 
ATOM   12   C CG1 . ILE A 1 2   ? -9.757  6.034   4.669   1.00 44.06  ? 2   ILE A CG1 1 
ATOM   13   C CG2 . ILE A 1 2   ? -7.704  7.329   5.016   1.00 44.80  ? 2   ILE A CG2 1 
ATOM   14   C CD1 . ILE A 1 2   ? -9.191  4.817   5.364   1.00 45.16  ? 2   ILE A CD1 1 
ATOM   15   N N   . GLN A 1 3   ? -11.499 7.572   2.266   1.00 41.28  ? 3   GLN A N   1 
ATOM   16   C CA  . GLN A 1 3   ? -12.431 7.188   1.203   1.00 41.56  ? 3   GLN A CA  1 
ATOM   17   C C   . GLN A 1 3   ? -12.290 8.201   0.075   1.00 39.13  ? 3   GLN A C   1 
ATOM   18   O O   . GLN A 1 3   ? -12.554 7.905   -1.087  1.00 39.56  ? 3   GLN A O   1 
ATOM   19   C CB  . GLN A 1 3   ? -13.912 7.371   1.639   1.00 44.55  ? 3   GLN A CB  1 
ATOM   20   C CG  . GLN A 1 3   ? -14.256 6.804   3.012   1.00 48.74  ? 3   GLN A CG  1 
ATOM   21   C CD  . GLN A 1 3   ? -14.549 5.317   2.979   1.00 51.14  ? 3   GLN A CD  1 
ATOM   22   O OE1 . GLN A 1 3   ? -13.635 4.483   3.038   1.00 53.16  ? 3   GLN A OE1 1 
ATOM   23   N NE2 . GLN A 1 3   ? -15.835 4.973   2.918   1.00 53.31  ? 3   GLN A NE2 1 
ATOM   24   N N   . ALA A 1 4   ? -11.911 9.416   0.446   1.00 35.81  ? 4   ALA A N   1 
ATOM   25   C CA  . ALA A 1 4   ? -11.728 10.488  -0.511  1.00 32.67  ? 4   ALA A CA  1 
ATOM   26   C C   . ALA A 1 4   ? -10.364 10.371  -1.202  1.00 30.17  ? 4   ALA A C   1 
ATOM   27   O O   . ALA A 1 4   ? -10.124 10.989  -2.238  1.00 30.68  ? 4   ALA A O   1 
ATOM   28   C CB  . ALA A 1 4   ? -11.831 11.827  0.216   1.00 33.64  ? 4   ALA A CB  1 
ATOM   29   N N   . GLU A 1 5   ? -9.458  9.604   -0.612  1.00 25.52  ? 5   GLU A N   1 
ATOM   30   C CA  . GLU A 1 5   ? -8.142  9.449   -1.195  1.00 22.89  ? 5   GLU A CA  1 
ATOM   31   C C   . GLU A 1 5   ? -8.192  8.612   -2.531  1.00 21.47  ? 5   GLU A C   1 
ATOM   32   O O   . GLU A 1 5   ? -8.735  7.496   -2.581  1.00 20.00  ? 5   GLU A O   1 
ATOM   33   C CB  . GLU A 1 5   ? -7.242  8.899   -0.160  1.00 22.93  ? 5   GLU A CB  1 
ATOM   34   C CG  . GLU A 1 5   ? -7.338  9.670   1.162   1.00 23.78  ? 5   GLU A CG  1 
ATOM   35   C CD  . GLU A 1 5   ? -6.746  11.065  1.060   1.00 25.30  ? 5   GLU A CD  1 
ATOM   36   O OE1 . GLU A 1 5   ? -7.261  11.989  1.725   1.00 27.91  ? 5   GLU A OE1 1 
ATOM   37   O OE2 . GLU A 1 5   ? -5.749  11.243  0.330   1.00 26.04  ? 5   GLU A OE2 1 
ATOM   38   N N   . GLU A 1 6   ? -7.565  9.137   -3.583  1.00 18.71  ? 6   GLU A N   1 
ATOM   39   C CA  . GLU A 1 6   ? -7.577  8.426   -4.860  1.00 17.78  ? 6   GLU A CA  1 
ATOM   40   C C   . GLU A 1 6   ? -6.865  7.099   -4.777  1.00 17.43  ? 6   GLU A C   1 
ATOM   41   O O   . GLU A 1 6   ? -7.125  6.221   -5.599  1.00 17.63  ? 6   GLU A O   1 
ATOM   42   C CB  . GLU A 1 6   ? -6.969  9.274   -6.034  1.00 16.38  ? 6   GLU A CB  1 
ATOM   43   C CG  . GLU A 1 6   ? -5.475  9.520   -5.977  1.00 16.18  ? 6   GLU A CG  1 
ATOM   44   C CD  . GLU A 1 6   ? -5.043  10.677  -5.016  1.00 13.28  ? 6   GLU A CD  1 
ATOM   45   O OE1 . GLU A 1 6   ? -3.830  10.931  -4.944  1.00 16.50  ? 6   GLU A OE1 1 
ATOM   46   O OE2 . GLU A 1 6   ? -5.889  11.297  -4.349  1.00 12.41  ? 6   GLU A OE2 1 
ATOM   47   N N   . TRP A 1 7   ? -5.929  6.971   -3.825  1.00 15.33  ? 7   TRP A N   1 
ATOM   48   C CA  . TRP A 1 7   ? -5.181  5.715   -3.658  1.00 15.37  ? 7   TRP A CA  1 
ATOM   49   C C   . TRP A 1 7   ? -5.886  4.740   -2.764  1.00 14.93  ? 7   TRP A C   1 
ATOM   50   O O   . TRP A 1 7   ? -5.395  3.614   -2.562  1.00 14.49  ? 7   TRP A O   1 
ATOM   51   C CB  . TRP A 1 7   ? -3.686  5.975   -3.227  1.00 15.21  ? 7   TRP A CB  1 
ATOM   52   C CG  . TRP A 1 7   ? -3.528  7.007   -2.171  1.00 14.21  ? 7   TRP A CG  1 
ATOM   53   C CD1 . TRP A 1 7   ? -3.091  8.292   -2.342  1.00 14.39  ? 7   TRP A CD1 1 
ATOM   54   C CD2 . TRP A 1 7   ? -3.834  6.868   -0.772  1.00 14.29  ? 7   TRP A CD2 1 
ATOM   55   N NE1 . TRP A 1 7   ? -3.116  8.959   -1.140  1.00 14.23  ? 7   TRP A NE1 1 
ATOM   56   C CE2 . TRP A 1 7   ? -3.571  8.113   -0.164  1.00 13.75  ? 7   TRP A CE2 1 
ATOM   57   C CE3 . TRP A 1 7   ? -4.313  5.812   0.024   1.00 13.58  ? 7   TRP A CE3 1 
ATOM   58   C CZ2 . TRP A 1 7   ? -3.773  8.330   1.199   1.00 14.47  ? 7   TRP A CZ2 1 
ATOM   59   C CZ3 . TRP A 1 7   ? -4.517  6.034   1.376   1.00 13.12  ? 7   TRP A CZ3 1 
ATOM   60   C CH2 . TRP A 1 7   ? -4.252  7.280   1.951   1.00 15.41  ? 7   TRP A CH2 1 
ATOM   61   N N   . TYR A 1 8   ? -7.020  5.150   -2.197  1.00 13.46  ? 8   TYR A N   1 
ATOM   62   C CA  . TYR A 1 8   ? -7.761  4.232   -1.344  1.00 14.84  ? 8   TYR A CA  1 
ATOM   63   C C   . TYR A 1 8   ? -8.772  3.493   -2.222  1.00 15.85  ? 8   TYR A C   1 
ATOM   64   O O   . TYR A 1 8   ? -9.780  4.078   -2.659  1.00 15.47  ? 8   TYR A O   1 
ATOM   65   C CB  . TYR A 1 8   ? -8.552  4.922   -0.283  1.00 15.08  ? 8   TYR A CB  1 
ATOM   66   C CG  . TYR A 1 8   ? -9.158  3.943   0.706   1.00 17.91  ? 8   TYR A CG  1 
ATOM   67   C CD1 . TYR A 1 8   ? -8.331  3.133   1.497   1.00 18.54  ? 8   TYR A CD1 1 
ATOM   68   C CD2 . TYR A 1 8   ? -10.549 3.788   0.832   1.00 18.97  ? 8   TYR A CD2 1 
ATOM   69   C CE1 . TYR A 1 8   ? -8.868  2.188   2.388   1.00 19.58  ? 8   TYR A CE1 1 
ATOM   70   C CE2 . TYR A 1 8   ? -11.098 2.838   1.731   1.00 19.42  ? 8   TYR A CE2 1 
ATOM   71   C CZ  . TYR A 1 8   ? -10.241 2.045   2.498   1.00 20.55  ? 8   TYR A CZ  1 
ATOM   72   O OH  . TYR A 1 8   ? -10.726 1.094   3.363   1.00 22.66  ? 8   TYR A OH  1 
ATOM   73   N N   . PHE A 1 9   ? -8.483  2.220   -2.490  1.00 15.27  ? 9   PHE A N   1 
ATOM   74   C CA  . PHE A 1 9   ? -9.350  1.375   -3.312  1.00 17.00  ? 9   PHE A CA  1 
ATOM   75   C C   . PHE A 1 9   ? -10.446 0.639   -2.520  1.00 17.36  ? 9   PHE A C   1 
ATOM   76   O O   . PHE A 1 9   ? -11.197 -0.167  -3.075  1.00 18.28  ? 9   PHE A O   1 
ATOM   77   C CB  . PHE A 1 9   ? -8.502  0.394   -4.181  1.00 15.74  ? 9   PHE A CB  1 
ATOM   78   C CG  . PHE A 1 9   ? -7.828  1.050   -5.369  1.00 16.09  ? 9   PHE A CG  1 
ATOM   79   C CD1 . PHE A 1 9   ? -7.352  2.367   -5.300  1.00 15.72  ? 9   PHE A CD1 1 
ATOM   80   C CD2 . PHE A 1 9   ? -7.641  0.351   -6.541  1.00 16.71  ? 9   PHE A CD2 1 
ATOM   81   C CE1 . PHE A 1 9   ? -6.692  2.956   -6.397  1.00 14.61  ? 9   PHE A CE1 1 
ATOM   82   C CE2 . PHE A 1 9   ? -6.984  0.936   -7.637  1.00 17.81  ? 9   PHE A CE2 1 
ATOM   83   C CZ  . PHE A 1 9   ? -6.509  2.247   -7.555  1.00 16.29  ? 9   PHE A CZ  1 
ATOM   84   N N   . GLY A 1 10  ? -10.523 0.920   -1.229  1.00 17.41  ? 10  GLY A N   1 
ATOM   85   C CA  . GLY A 1 10  ? -11.535 0.311   -0.405  1.00 18.14  ? 10  GLY A CA  1 
ATOM   86   C C   . GLY A 1 10  ? -11.607 -1.198  -0.474  1.00 19.28  ? 10  GLY A C   1 
ATOM   87   O O   . GLY A 1 10  ? -10.612 -1.921  -0.364  1.00 19.35  ? 10  GLY A O   1 
ATOM   88   N N   . LYS A 1 11  ? -12.812 -1.684  -0.673  1.00 20.02  ? 11  LYS A N   1 
ATOM   89   C CA  . LYS A 1 11  ? -13.020 -3.092  -0.710  1.00 21.84  ? 11  LYS A CA  1 
ATOM   90   C C   . LYS A 1 11  ? -12.749 -3.752  -2.046  1.00 21.90  ? 11  LYS A C   1 
ATOM   91   O O   . LYS A 1 11  ? -13.667 -3.921  -2.846  1.00 24.78  ? 11  LYS A O   1 
ATOM   92   C CB  . LYS A 1 11  ? -14.418 -3.387  -0.162  1.00 24.65  ? 11  LYS A CB  1 
ATOM   93   C CG  . LYS A 1 11  ? -14.678 -4.854  0.037   1.00 28.32  ? 11  LYS A CG  1 
ATOM   94   C CD  . LYS A 1 11  ? -16.052 -5.074  0.595   1.00 29.44  ? 11  LYS A CD  1 
ATOM   95   C CE  . LYS A 1 11  ? -16.203 -6.521  0.983   1.00 29.69  ? 11  LYS A CE  1 
ATOM   96   N NZ  . LYS A 1 11  ? -17.616 -6.931  0.771   1.00 30.68  ? 11  LYS A NZ  1 
ATOM   97   N N   . ILE A 1 12  ? -11.488 -3.997  -2.362  1.00 19.42  ? 12  ILE A N   1 
ATOM   98   C CA  . ILE A 1 12  ? -11.153 -4.739  -3.570  1.00 17.67  ? 12  ILE A CA  1 
ATOM   99   C C   . ILE A 1 12  ? -10.307 -5.876  -3.013  1.00 16.39  ? 12  ILE A C   1 
ATOM   100  O O   . ILE A 1 12  ? -9.697  -5.732  -1.953  1.00 16.19  ? 12  ILE A O   1 
ATOM   101  C CB  . ILE A 1 12  ? -10.399 -3.923  -4.636  1.00 17.59  ? 12  ILE A CB  1 
ATOM   102  C CG1 . ILE A 1 12  ? -9.091  -3.443  -4.126  1.00 17.36  ? 12  ILE A CG1 1 
ATOM   103  C CG2 . ILE A 1 12  ? -11.261 -2.744  -5.072  1.00 19.29  ? 12  ILE A CG2 1 
ATOM   104  C CD1 . ILE A 1 12  ? -8.094  -3.303  -5.229  1.00 17.73  ? 12  ILE A CD1 1 
ATOM   105  N N   . THR A 1 13  ? -10.309 -7.014  -3.694  1.00 14.82  ? 13  THR A N   1 
ATOM   106  C CA  . THR A 1 13  ? -9.583  -8.191  -3.242  1.00 13.68  ? 13  THR A CA  1 
ATOM   107  C C   . THR A 1 13  ? -8.140  -8.123  -3.554  1.00 14.02  ? 13  THR A C   1 
ATOM   108  O O   . THR A 1 13  ? -7.695  -7.341  -4.387  1.00 13.41  ? 13  THR A O   1 
ATOM   109  C CB  . THR A 1 13  ? -10.106 -9.478  -3.937  1.00 12.75  ? 13  THR A CB  1 
ATOM   110  O OG1 . THR A 1 13  ? -9.850  -9.380  -5.343  1.00 13.23  ? 13  THR A OG1 1 
ATOM   111  C CG2 . THR A 1 13  ? -11.616 -9.680  -3.686  1.00 12.05  ? 13  THR A CG2 1 
ATOM   112  N N   . ARG A 1 14  ? -7.382  -9.001  -2.906  1.00 14.34  ? 14  ARG A N   1 
ATOM   113  C CA  . ARG A 1 14  ? -5.963  -9.115  -3.150  1.00 14.54  ? 14  ARG A CA  1 
ATOM   114  C C   . ARG A 1 14  ? -5.690  -9.431  -4.651  1.00 15.25  ? 14  ARG A C   1 
ATOM   115  O O   . ARG A 1 14  ? -4.804  -8.842  -5.278  1.00 14.80  ? 14  ARG A O   1 
ATOM   116  C CB  . ARG A 1 14  ? -5.371  -10.310 -2.313  1.00 14.76  ? 14  ARG A CB  1 
ATOM   117  C CG  . ARG A 1 14  ? -4.003  -10.764 -2.784  1.00 15.13  ? 14  ARG A CG  1 
ATOM   118  C CD  . ARG A 1 14  ? -3.484  -11.924 -1.932  1.00 16.03  ? 14  ARG A CD  1 
ATOM   119  N NE  . ARG A 1 14  ? -3.124  -11.425 -0.621  1.00 18.40  ? 14  ARG A NE  1 
ATOM   120  C CZ  . ARG A 1 14  ? -1.922  -11.534 -0.088  1.00 18.52  ? 14  ARG A CZ  1 
ATOM   121  N NH1 . ARG A 1 14  ? -1.705  -11.010 1.107   1.00 19.56  ? 14  ARG A NH1 1 
ATOM   122  N NH2 . ARG A 1 14  ? -0.957  -12.181 -0.732  1.00 18.93  ? 14  ARG A NH2 1 
ATOM   123  N N   . ARG A 1 15  ? -6.444  -10.382 -5.203  1.00 14.96  ? 15  ARG A N   1 
ATOM   124  C CA  . ARG A 1 15  ? -6.243  -10.797 -6.591  1.00 14.07  ? 15  ARG A CA  1 
ATOM   125  C C   . ARG A 1 15  ? -6.485  -9.653  -7.548  1.00 12.70  ? 15  ARG A C   1 
ATOM   126  O O   . ARG A 1 15  ? -5.768  -9.531  -8.532  1.00 13.68  ? 15  ARG A O   1 
ATOM   127  C CB  . ARG A 1 15  ? -7.145  -12.060 -6.948  1.00 14.76  ? 15  ARG A CB  1 
ATOM   128  C CG  . ARG A 1 15  ? -6.942  -12.518 -8.382  1.00 16.69  ? 15  ARG A CG  1 
ATOM   129  C CD  . ARG A 1 15  ? -7.758  -13.726 -8.763  1.00 18.61  ? 15  ARG A CD  1 
ATOM   130  N NE  . ARG A 1 15  ? -7.531  -14.110 -10.159 1.00 19.83  ? 15  ARG A NE  1 
ATOM   131  C CZ  . ARG A 1 15  ? -6.493  -14.833 -10.601 1.00 22.66  ? 15  ARG A CZ  1 
ATOM   132  N NH1 . ARG A 1 15  ? -5.550  -15.283 -9.761  1.00 21.43  ? 15  ARG A NH1 1 
ATOM   133  N NH2 . ARG A 1 15  ? -6.358  -15.068 -11.909 1.00 23.44  ? 15  ARG A NH2 1 
ATOM   134  N N   . GLU A 1 16  ? -7.519  -8.856  -7.282  1.00 13.90  ? 16  GLU A N   1 
ATOM   135  C CA  . GLU A 1 16  ? -7.839  -7.692  -8.129  1.00 15.08  ? 16  GLU A CA  1 
ATOM   136  C C   . GLU A 1 16  ? -6.675  -6.646  -8.028  1.00 14.71  ? 16  GLU A C   1 
ATOM   137  O O   . GLU A 1 16  ? -6.243  -6.098  -9.057  1.00 14.10  ? 16  GLU A O   1 
ATOM   138  C CB  . GLU A 1 16  ? -9.206  -7.060  -7.710  1.00 17.20  ? 16  GLU A CB  1 
ATOM   139  C CG  . GLU A 1 16  ? -9.605  -5.757  -8.421  1.00 20.84  ? 16  GLU A CG  1 
ATOM   140  C CD  . GLU A 1 16  ? -9.671  -5.881  -9.965  1.00 23.68  ? 16  GLU A CD  1 
ATOM   141  O OE1 . GLU A 1 16  ? -9.983  -4.851  -10.608 1.00 26.35  ? 16  GLU A OE1 1 
ATOM   142  O OE2 . GLU A 1 16  ? -9.408  -6.965  -10.529 1.00 24.53  ? 16  GLU A OE2 1 
ATOM   143  N N   . SER A 1 17  ? -6.184  -6.400  -6.810  1.00 12.69  ? 17  SER A N   1 
ATOM   144  C CA  . SER A 1 17  ? -5.063  -5.478  -6.648  1.00 12.54  ? 17  SER A CA  1 
ATOM   145  C C   . SER A 1 17  ? -3.877  -5.990  -7.478  1.00 12.13  ? 17  SER A C   1 
ATOM   146  O O   . SER A 1 17  ? -3.177  -5.203  -8.148  1.00 12.37  ? 17  SER A O   1 
ATOM   147  C CB  . SER A 1 17  ? -4.716  -5.288  -5.139  1.00 13.16  ? 17  SER A CB  1 
ATOM   148  O OG  . SER A 1 17  ? -3.959  -6.379  -4.621  1.00 16.85  ? 17  SER A OG  1 
ATOM   149  N N   . GLU A 1 18  ? -3.644  -7.308  -7.467  1.00 11.08  ? 18  GLU A N   1 
ATOM   150  C CA  . GLU A 1 18  ? -2.548  -7.863  -8.260  1.00 12.21  ? 18  GLU A CA  1 
ATOM   151  C C   . GLU A 1 18  ? -2.837  -7.758  -9.762  1.00 12.46  ? 18  GLU A C   1 
ATOM   152  O O   . GLU A 1 18  ? -1.930  -7.515  -10.555 1.00 13.05  ? 18  GLU A O   1 
ATOM   153  C CB  . GLU A 1 18  ? -2.244  -9.306  -7.861  1.00 13.05  ? 18  GLU A CB  1 
ATOM   154  C CG  . GLU A 1 18  ? -1.829  -9.387  -6.389  1.00 13.98  ? 18  GLU A CG  1 
ATOM   155  C CD  . GLU A 1 18  ? -1.595  -10.815 -5.888  1.00 17.01  ? 18  GLU A CD  1 
ATOM   156  O OE1 . GLU A 1 18  ? -0.917  -10.972 -4.859  1.00 17.20  ? 18  GLU A OE1 1 
ATOM   157  O OE2 . GLU A 1 18  ? -2.082  -11.778 -6.511  1.00 17.49  ? 18  GLU A OE2 1 
ATOM   158  N N   . ARG A 1 19  ? -4.092  -7.945  -10.155 1.00 12.35  ? 19  ARG A N   1 
ATOM   159  C CA  . ARG A 1 19  ? -4.427  -7.855  -11.574 1.00 14.79  ? 19  ARG A CA  1 
ATOM   160  C C   . ARG A 1 19  ? -4.060  -6.351  -12.077 1.00 14.10  ? 19  ARG A C   1 
ATOM   161  O O   . ARG A 1 19  ? -3.424  -6.153  -13.105 1.00 14.10  ? 19  ARG A O   1 
ATOM   162  C CB  . ARG A 1 19  ? -5.932  -8.131  -11.810 1.00 15.30  ? 19  ARG A CB  1 
ATOM   163  C CG  . ARG A 1 19  ? -6.268  -8.206  -13.300 1.00 17.46  ? 19  ARG A CG  1 
ATOM   164  C CD  . ARG A 1 19  ? -7.769  -8.304  -13.532 1.00 18.63  ? 19  ARG A CD  1 
ATOM   165  N NE  . ARG A 1 19  ? -8.504  -7.114  -13.097 1.00 21.78  ? 19  ARG A NE  1 
ATOM   166  C CZ  . ARG A 1 19  ? -8.585  -5.967  -13.773 1.00 21.56  ? 19  ARG A CZ  1 
ATOM   167  N NH1 . ARG A 1 19  ? -7.977  -5.826  -14.944 1.00 23.39  ? 19  ARG A NH1 1 
ATOM   168  N NH2 . ARG A 1 19  ? -9.303  -4.965  -13.292 1.00 21.16  ? 19  ARG A NH2 1 
ATOM   169  N N   . LEU A 1 20  ? -4.407  -5.377  -11.254 1.00 13.90  ? 20  LEU A N   1 
ATOM   170  C CA  . LEU A 1 20  ? -4.151  -3.991  -11.556 1.00 13.70  ? 20  LEU A CA  1 
ATOM   171  C C   . LEU A 1 20  ? -2.647  -3.633  -11.496 1.00 14.85  ? 20  LEU A C   1 
ATOM   172  O O   . LEU A 1 20  ? -2.129  -2.927  -12.370 1.00 15.13  ? 20  LEU A O   1 
ATOM   173  C CB  . LEU A 1 20  ? -4.948  -3.130  -10.606 1.00 14.67  ? 20  LEU A CB  1 
ATOM   174  C CG  . LEU A 1 20  ? -6.514  -3.171  -10.786 1.00 14.71  ? 20  LEU A CG  1 
ATOM   175  C CD1 . LEU A 1 20  ? -7.173  -2.349  -9.711  1.00 15.60  ? 20  LEU A CD1 1 
ATOM   176  C CD2 . LEU A 1 20  ? -6.888  -2.685  -12.174 1.00 16.22  ? 20  LEU A CD2 1 
ATOM   177  N N   . LEU A 1 21  ? -1.938  -4.151  -10.494 1.00 14.12  ? 21  LEU A N   1 
ATOM   178  C CA  . LEU A 1 21  ? -0.526  -3.825  -10.338 1.00 13.29  ? 21  LEU A CA  1 
ATOM   179  C C   . LEU A 1 21  ? 0.381   -4.525  -11.264 1.00 13.69  ? 21  LEU A C   1 
ATOM   180  O O   . LEU A 1 21  ? 1.432   -4.002  -11.614 1.00 13.86  ? 21  LEU A O   1 
ATOM   181  C CB  . LEU A 1 21  ? -0.120  -3.968  -8.845  1.00 12.42  ? 21  LEU A CB  1 
ATOM   182  C CG  . LEU A 1 21  ? -0.788  -2.987  -7.872  1.00 12.03  ? 21  LEU A CG  1 
ATOM   183  C CD1 . LEU A 1 21  ? -0.737  -3.557  -6.441  1.00 12.98  ? 21  LEU A CD1 1 
ATOM   184  C CD2 . LEU A 1 21  ? -0.116  -1.620  -7.949  1.00 10.38  ? 21  LEU A CD2 1 
ATOM   185  N N   . LEU A 1 22  ? 0.010   -5.720  -11.702 1.00 13.39  ? 22  LEU A N   1 
ATOM   186  C CA  . LEU A 1 22  ? 0.856   -6.472  -12.615 1.00 15.78  ? 22  LEU A CA  1 
ATOM   187  C C   . LEU A 1 22  ? 0.741   -6.037  -14.034 1.00 17.37  ? 22  LEU A C   1 
ATOM   188  O O   . LEU A 1 22  ? 0.474   -6.849  -14.904 1.00 20.56  ? 22  LEU A O   1 
ATOM   189  C CB  . LEU A 1 22  ? 0.546   -7.999  -12.512 1.00 16.18  ? 22  LEU A CB  1 
ATOM   190  C CG  . LEU A 1 22  ? 0.935   -8.656  -11.199 1.00 17.78  ? 22  LEU A CG  1 
ATOM   191  C CD1 . LEU A 1 22  ? 0.277   -10.041 -11.050 1.00 17.18  ? 22  LEU A CD1 1 
ATOM   192  C CD2 . LEU A 1 22  ? 2.473   -8.770  -11.175 1.00 19.39  ? 22  LEU A CD2 1 
ATOM   193  N N   . ASN A 1 23  ? 0.822   -4.740  -14.274 1.00 17.55  ? 23  ASN A N   1 
ATOM   194  C CA  . ASN A 1 23  ? 0.755   -4.189  -15.629 1.00 17.66  ? 23  ASN A CA  1 
ATOM   195  C C   . ASN A 1 23  ? 2.213   -3.718  -15.951 1.00 17.83  ? 23  ASN A C   1 
ATOM   196  O O   . ASN A 1 23  ? 2.830   -3.023  -15.143 1.00 17.68  ? 23  ASN A O   1 
ATOM   197  C CB  . ASN A 1 23  ? -0.176  -3.022  -15.655 1.00 18.64  ? 23  ASN A CB  1 
ATOM   198  C CG  . ASN A 1 23  ? -0.327  -2.434  -17.053 1.00 19.96  ? 23  ASN A CG  1 
ATOM   199  O OD1 . ASN A 1 23  ? 0.641   -2.268  -17.785 1.00 20.11  ? 23  ASN A OD1 1 
ATOM   200  N ND2 . ASN A 1 23  ? -1.557  -2.156  -17.437 1.00 23.73  ? 23  ASN A ND2 1 
ATOM   201  N N   . ALA A 1 24  ? 2.756   -4.146  -17.086 1.00 17.46  ? 24  ALA A N   1 
ATOM   202  C CA  . ALA A 1 24  ? 4.109   -3.799  -17.491 1.00 16.92  ? 24  ALA A CA  1 
ATOM   203  C C   . ALA A 1 24  ? 4.384   -2.292  -17.502 1.00 16.68  ? 24  ALA A C   1 
ATOM   204  O O   . ALA A 1 24  ? 5.546   -1.871  -17.458 1.00 15.94  ? 24  ALA A O   1 
ATOM   205  C CB  . ALA A 1 24  ? 4.404   -4.385  -18.869 1.00 18.27  ? 24  ALA A CB  1 
ATOM   206  N N   . GLU A 1 25  ? 3.330   -1.495  -17.624 1.00 15.87  ? 25  GLU A N   1 
ATOM   207  C CA  . GLU A 1 25  ? 3.472   -0.048  -17.628 1.00 15.36  ? 25  GLU A CA  1 
ATOM   208  C C   . GLU A 1 25  ? 3.665   0.531   -16.277 1.00 15.12  ? 25  GLU A C   1 
ATOM   209  O O   . GLU A 1 25  ? 4.028   1.702   -16.152 1.00 14.82  ? 25  GLU A O   1 
ATOM   210  C CB  . GLU A 1 25  ? 2.273   0.585   -18.235 1.00 15.97  ? 25  GLU A CB  1 
ATOM   211  C CG  . GLU A 1 25  ? 2.229   0.305   -19.727 1.00 19.94  ? 25  GLU A CG  1 
ATOM   212  C CD  . GLU A 1 25  ? 1.078   0.962   -20.454 1.00 22.19  ? 25  GLU A CD  1 
ATOM   213  O OE1 . GLU A 1 25  ? 0.883   0.596   -21.630 1.00 23.94  ? 25  GLU A OE1 1 
ATOM   214  O OE2 . GLU A 1 25  ? 0.374   1.820   -19.869 1.00 25.34  ? 25  GLU A OE2 1 
ATOM   215  N N   . ASN A 1 26  ? 3.483   -0.267  -15.228 1.00 13.35  ? 26  ASN A N   1 
ATOM   216  C CA  . ASN A 1 26  ? 3.621   0.276   -13.878 1.00 13.29  ? 26  ASN A CA  1 
ATOM   217  C C   . ASN A 1 26  ? 5.071   0.331   -13.391 1.00 13.40  ? 26  ASN A C   1 
ATOM   218  O O   . ASN A 1 26  ? 5.762   -0.681  -13.396 1.00 13.52  ? 26  ASN A O   1 
ATOM   219  C CB  . ASN A 1 26  ? 2.822   -0.570  -12.863 1.00 12.20  ? 26  ASN A CB  1 
ATOM   220  C CG  . ASN A 1 26  ? 1.316   -0.407  -13.010 1.00 13.50  ? 26  ASN A CG  1 
ATOM   221  O OD1 . ASN A 1 26  ? 0.841   0.637   -13.438 1.00 13.68  ? 26  ASN A OD1 1 
ATOM   222  N ND2 . ASN A 1 26  ? 0.559   -1.400  -12.563 1.00 12.70  ? 26  ASN A ND2 1 
ATOM   223  N N   . PRO A 1 27  ? 5.567   1.521   -13.017 1.00 12.96  ? 27  PRO A N   1 
ATOM   224  C CA  . PRO A 1 27  ? 6.958   1.577   -12.540 1.00 13.04  ? 27  PRO A CA  1 
ATOM   225  C C   . PRO A 1 27  ? 6.991   1.031   -11.041 1.00 11.83  ? 27  PRO A C   1 
ATOM   226  O O   . PRO A 1 27  ? 5.919   0.879   -10.402 1.00 11.40  ? 27  PRO A O   1 
ATOM   227  C CB  . PRO A 1 27  ? 7.324   3.110   -12.687 1.00 13.01  ? 27  PRO A CB  1 
ATOM   228  C CG  . PRO A 1 27  ? 6.067   3.781   -12.430 1.00 15.71  ? 27  PRO A CG  1 
ATOM   229  C CD  . PRO A 1 27  ? 4.977   2.879   -13.090 1.00 13.93  ? 27  PRO A CD  1 
ATOM   230  N N   . ARG A 1 28  ? 8.186   0.779   -10.503 1.00 11.15  ? 28  ARG A N   1 
ATOM   231  C CA  . ARG A 1 28  ? 8.264   0.316   -9.132  1.00 12.05  ? 28  ARG A CA  1 
ATOM   232  C C   . ARG A 1 28  ? 7.593   1.308   -8.226  1.00 11.07  ? 28  ARG A C   1 
ATOM   233  O O   . ARG A 1 28  ? 7.643   2.512   -8.460  1.00 11.42  ? 28  ARG A O   1 
ATOM   234  C CB  . ARG A 1 28  ? 9.722   0.144   -8.689  1.00 12.73  ? 28  ARG A CB  1 
ATOM   235  C CG  . ARG A 1 28  ? 10.493  -0.795  -9.552  1.00 16.24  ? 28  ARG A CG  1 
ATOM   236  C CD  . ARG A 1 28  ? 11.941  -0.796  -9.183  1.00 21.27  ? 28  ARG A CD  1 
ATOM   237  N NE  . ARG A 1 28  ? 12.125  -1.503  -7.916  1.00 25.95  ? 28  ARG A NE  1 
ATOM   238  C CZ  . ARG A 1 28  ? 13.214  -1.444  -7.148  1.00 27.91  ? 28  ARG A CZ  1 
ATOM   239  N NH1 . ARG A 1 28  ? 14.245  -0.676  -7.497  1.00 27.90  ? 28  ARG A NH1 1 
ATOM   240  N NH2 . ARG A 1 28  ? 13.303  -2.230  -6.072  1.00 27.62  ? 28  ARG A NH2 1 
ATOM   241  N N   . GLY A 1 29  ? 6.926   0.816   -7.195  1.00 9.70   ? 29  GLY A N   1 
ATOM   242  C CA  . GLY A 1 29  ? 6.274   1.706   -6.261  1.00 8.90   ? 29  GLY A CA  1 
ATOM   243  C C   . GLY A 1 29  ? 4.850   2.113   -6.574  1.00 8.86   ? 29  GLY A C   1 
ATOM   244  O O   . GLY A 1 29  ? 4.249   2.873   -5.824  1.00 9.67   ? 29  GLY A O   1 
ATOM   245  N N   . THR A 1 30  ? 4.312   1.631   -7.697  1.00 9.44   ? 30  THR A N   1 
ATOM   246  C CA  . THR A 1 30  ? 2.911   1.897   -8.024  1.00 10.49  ? 30  THR A CA  1 
ATOM   247  C C   . THR A 1 30  ? 2.122   1.227   -6.859  1.00 10.31  ? 30  THR A C   1 
ATOM   248  O O   . THR A 1 30  ? 2.397   0.079   -6.472  1.00 12.23  ? 30  THR A O   1 
ATOM   249  C CB  . THR A 1 30  ? 2.513   1.288   -9.402  1.00 9.53   ? 30  THR A CB  1 
ATOM   250  O OG1 . THR A 1 30  ? 3.329   1.882   -10.425 1.00 11.69  ? 30  THR A OG1 1 
ATOM   251  C CG2 . THR A 1 30  ? 1.040   1.541   -9.692  1.00 10.58  ? 30  THR A CG2 1 
ATOM   252  N N   . PHE A 1 31  ? 1.141   1.919   -6.321  1.00 10.68  ? 31  PHE A N   1 
ATOM   253  C CA  . PHE A 1 31  ? 0.469   1.374   -5.172  1.00 9.76   ? 31  PHE A CA  1 
ATOM   254  C C   . PHE A 1 31  ? -1.022  1.711   -5.010  1.00 10.24  ? 31  PHE A C   1 
ATOM   255  O O   . PHE A 1 31  ? -1.597  2.548   -5.736  1.00 11.25  ? 31  PHE A O   1 
ATOM   256  C CB  . PHE A 1 31  ? 1.206   1.931   -3.906  1.00 10.20  ? 31  PHE A CB  1 
ATOM   257  C CG  . PHE A 1 31  ? 0.905   3.387   -3.635  1.00 9.16   ? 31  PHE A CG  1 
ATOM   258  C CD1 . PHE A 1 31  ? -0.012  3.743   -2.664  1.00 8.55   ? 31  PHE A CD1 1 
ATOM   259  C CD2 . PHE A 1 31  ? 1.512   4.389   -4.389  1.00 10.17  ? 31  PHE A CD2 1 
ATOM   260  C CE1 . PHE A 1 31  ? -0.338  5.070   -2.430  1.00 8.86   ? 31  PHE A CE1 1 
ATOM   261  C CE2 . PHE A 1 31  ? 1.184   5.745   -4.149  1.00 10.14  ? 31  PHE A CE2 1 
ATOM   262  C CZ  . PHE A 1 31  ? 0.263   6.072   -3.175  1.00 8.72   ? 31  PHE A CZ  1 
ATOM   263  N N   . LEU A 1 32  ? -1.621  1.046   -4.030  1.00 9.46   ? 32  LEU A N   1 
ATOM   264  C CA  . LEU A 1 32  ? -2.999  1.244   -3.622  1.00 10.06  ? 32  LEU A CA  1 
ATOM   265  C C   . LEU A 1 32  ? -3.126  0.753   -2.184  1.00 9.99   ? 32  LEU A C   1 
ATOM   266  O O   . LEU A 1 32  ? -2.273  0.016   -1.686  1.00 10.25  ? 32  LEU A O   1 
ATOM   267  C CB  . LEU A 1 32  ? -3.981  0.489   -4.537  1.00 10.06  ? 32  LEU A CB  1 
ATOM   268  C CG  . LEU A 1 32  ? -3.836  -1.027  -4.595  1.00 10.44  ? 32  LEU A CG  1 
ATOM   269  C CD1 . LEU A 1 32  ? -4.761  -1.659  -3.574  1.00 11.97  ? 32  LEU A CD1 1 
ATOM   270  C CD2 . LEU A 1 32  ? -4.144  -1.550  -5.989  1.00 13.30  ? 32  LEU A CD2 1 
ATOM   271  N N   . VAL A 1 33  ? -4.149  1.239   -1.519  1.00 10.38  ? 33  VAL A N   1 
ATOM   272  C CA  . VAL A 1 33  ? -4.471  0.851   -0.161  1.00 11.03  ? 33  VAL A CA  1 
ATOM   273  C C   . VAL A 1 33  ? -5.869  0.284   -0.268  1.00 11.84  ? 33  VAL A C   1 
ATOM   274  O O   . VAL A 1 33  ? -6.736  0.831   -0.946  1.00 12.61  ? 33  VAL A O   1 
ATOM   275  C CB  . VAL A 1 33  ? -4.416  2.069   0.807   1.00 10.31  ? 33  VAL A CB  1 
ATOM   276  C CG1 . VAL A 1 33  ? -4.930  1.684   2.192   1.00 11.20  ? 33  VAL A CG1 1 
ATOM   277  C CG2 . VAL A 1 33  ? -2.938  2.621   0.881   1.00 11.28  ? 33  VAL A CG2 1 
ATOM   278  N N   . ARG A 1 34  ? -6.077  -0.874  0.319   1.00 12.03  ? 34  ARG A N   1 
ATOM   279  C CA  . ARG A 1 34  ? -7.396  -1.515  0.272   1.00 12.91  ? 34  ARG A CA  1 
ATOM   280  C C   . ARG A 1 34  ? -7.668  -2.115  1.647   1.00 12.97  ? 34  ARG A C   1 
ATOM   281  O O   . ARG A 1 34  ? -6.780  -2.131  2.504   1.00 12.89  ? 34  ARG A O   1 
ATOM   282  C CB  . ARG A 1 34  ? -7.367  -2.611  -0.769  1.00 12.61  ? 34  ARG A CB  1 
ATOM   283  C CG  . ARG A 1 34  ? -6.249  -3.640  -0.497  1.00 13.69  ? 34  ARG A CG  1 
ATOM   284  C CD  . ARG A 1 34  ? -6.217  -4.732  -1.516  1.00 13.20  ? 34  ARG A CD  1 
ATOM   285  N NE  . ARG A 1 34  ? -5.096  -5.656  -1.329  1.00 13.36  ? 34  ARG A NE  1 
ATOM   286  C CZ  . ARG A 1 34  ? -5.127  -6.748  -0.561  1.00 13.74  ? 34  ARG A CZ  1 
ATOM   287  N NH1 . ARG A 1 34  ? -4.042  -7.512  -0.476  1.00 13.59  ? 34  ARG A NH1 1 
ATOM   288  N NH2 . ARG A 1 34  ? -6.221  -7.069  0.121   1.00 13.97  ? 34  ARG A NH2 1 
ATOM   289  N N   . GLU A 1 35  ? -8.901  -2.527  1.902   1.00 13.52  ? 35  GLU A N   1 
ATOM   290  C CA  . GLU A 1 35  ? -9.204  -3.158  3.170   1.00 14.97  ? 35  GLU A CA  1 
ATOM   291  C C   . GLU A 1 35  ? -8.553  -4.546  3.147   1.00 15.45  ? 35  GLU A C   1 
ATOM   292  O O   . GLU A 1 35  ? -8.321  -5.128  2.083   1.00 14.48  ? 35  GLU A O   1 
ATOM   293  C CB  . GLU A 1 35  ? -10.588 -3.494  3.258   1.00 18.28  ? 35  GLU A CB  1 
ATOM   294  C CG  . GLU A 1 35  ? -11.455 -2.350  3.620   1.00 22.69  ? 35  GLU A CG  1 
ATOM   295  C CD  . GLU A 1 35  ? -12.897 -2.758  3.771   1.00 27.83  ? 35  GLU A CD  1 
ATOM   296  O OE1 . GLU A 1 35  ? -13.738 -1.844  3.944   1.00 31.13  ? 35  GLU A OE1 1 
ATOM   297  O OE2 . GLU A 1 35  ? -13.206 -3.979  3.712   1.00 28.84  ? 35  GLU A OE2 1 
ATOM   298  N N   . SER A 1 36  ? -8.182  -5.040  4.321   1.00 15.69  ? 36  SER A N   1 
ATOM   299  C CA  . SER A 1 36  ? -7.602  -6.373  4.419   1.00 15.52  ? 36  SER A CA  1 
ATOM   300  C C   . SER A 1 36  ? -8.802  -7.383  4.176   1.00 15.56  ? 36  SER A C   1 
ATOM   301  O O   . SER A 1 36  ? -9.921  -7.133  4.626   1.00 15.56  ? 36  SER A O   1 
ATOM   302  C CB  . SER A 1 36  ? -7.043  -6.584  5.861   1.00 15.23  ? 36  SER A CB  1 
ATOM   303  O OG  . SER A 1 36  ? -6.957  -7.967  6.163   1.00 15.47  ? 36  SER A OG  1 
ATOM   304  N N   . GLU A 1 37  ? -8.550  -8.486  3.478   1.00 16.79  ? 37  GLU A N   1 
ATOM   305  C CA  . GLU A 1 37  ? -9.598  -9.498  3.242   1.00 17.81  ? 37  GLU A CA  1 
ATOM   306  C C   . GLU A 1 37  ? -9.934  -10.322 4.527   1.00 20.27  ? 37  GLU A C   1 
ATOM   307  O O   . GLU A 1 37  ? -11.049 -10.824 4.695   1.00 20.78  ? 37  GLU A O   1 
ATOM   308  C CB  . GLU A 1 37  ? -9.138  -10.577 2.226   1.00 16.42  ? 37  GLU A CB  1 
ATOM   309  C CG  . GLU A 1 37  ? -9.095  -10.107 0.782   1.00 14.66  ? 37  GLU A CG  1 
ATOM   310  C CD  . GLU A 1 37  ? -8.678  -11.180 -0.162  1.00 16.50  ? 37  GLU A CD  1 
ATOM   311  O OE1 . GLU A 1 37  ? -8.489  -12.332 0.267   1.00 16.34  ? 37  GLU A OE1 1 
ATOM   312  O OE2 . GLU A 1 37  ? -8.519  -10.905 -1.364  1.00 15.37  ? 37  GLU A OE2 1 
ATOM   313  N N   . THR A 1 38  ? -8.977  -10.396 5.442   1.00 22.14  ? 38  THR A N   1 
ATOM   314  C CA  . THR A 1 38  ? -9.192  -11.203 6.620   1.00 25.52  ? 38  THR A CA  1 
ATOM   315  C C   . THR A 1 38  ? -9.039  -10.590 7.988   1.00 26.30  ? 38  THR A C   1 
ATOM   316  O O   . THR A 1 38  ? -9.426  -11.209 8.982   1.00 25.43  ? 38  THR A O   1 
ATOM   317  C CB  . THR A 1 38  ? -8.341  -12.459 6.521   1.00 27.29  ? 38  THR A CB  1 
ATOM   318  O OG1 . THR A 1 38  ? -6.968  -12.082 6.293   1.00 28.39  ? 38  THR A OG1 1 
ATOM   319  C CG2 . THR A 1 38  ? -8.876  -13.349 5.330   1.00 28.25  ? 38  THR A CG2 1 
ATOM   320  N N   . THR A 1 39  ? -8.483  -9.389  8.069   1.00 26.61  ? 39  THR A N   1 
ATOM   321  C CA  . THR A 1 39  ? -8.322  -8.751  9.364   1.00 28.13  ? 39  THR A CA  1 
ATOM   322  C C   . THR A 1 39  ? -9.164  -7.508  9.482   1.00 29.68  ? 39  THR A C   1 
ATOM   323  O O   . THR A 1 39  ? -8.856  -6.447  8.898   1.00 28.68  ? 39  THR A O   1 
ATOM   324  C CB  . THR A 1 39  ? -6.849  -8.455  9.654   1.00 28.28  ? 39  THR A CB  1 
ATOM   325  O OG1 . THR A 1 39  ? -6.084  -9.650  9.451   1.00 28.29  ? 39  THR A OG1 1 
ATOM   326  C CG2 . THR A 1 39  ? -6.678  -7.970  11.078  1.00 29.10  ? 39  THR A CG2 1 
ATOM   327  N N   . LYS A 1 40  ? -10.267 -7.652  10.215  1.00 31.35  ? 40  LYS A N   1 
ATOM   328  C CA  . LYS A 1 40  ? -11.196 -6.552  10.422  1.00 33.06  ? 40  LYS A CA  1 
ATOM   329  C C   . LYS A 1 40  ? -10.418 -5.305  10.926  1.00 32.43  ? 40  LYS A C   1 
ATOM   330  O O   . LYS A 1 40  ? -9.561  -5.410  11.826  1.00 32.19  ? 40  LYS A O   1 
ATOM   331  C CB  . LYS A 1 40  ? -12.307 -6.983  11.434  1.00 35.30  ? 40  LYS A CB  1 
ATOM   332  C CG  . LYS A 1 40  ? -13.414 -5.972  11.615  1.00 38.72  ? 40  LYS A CG  1 
ATOM   333  C CD  . LYS A 1 40  ? -14.363 -6.409  12.729  1.00 42.16  ? 40  LYS A CD  1 
ATOM   334  C CE  . LYS A 1 40  ? -15.350 -5.283  13.127  1.00 43.67  ? 40  LYS A CE  1 
ATOM   335  N NZ  . LYS A 1 40  ? -16.259 -5.692  14.275  1.00 43.26  ? 40  LYS A NZ  1 
ATOM   336  N N   . GLY A 1 41  ? -10.650 -4.161  10.294  1.00 31.41  ? 41  GLY A N   1 
ATOM   337  C CA  . GLY A 1 41  ? -9.993  -2.944  10.726  1.00 29.35  ? 41  GLY A CA  1 
ATOM   338  C C   . GLY A 1 41  ? -8.526  -2.783  10.366  1.00 27.61  ? 41  GLY A C   1 
ATOM   339  O O   . GLY A 1 41  ? -7.871  -1.908  10.908  1.00 28.68  ? 41  GLY A O   1 
ATOM   340  N N   . ALA A 1 42  ? -7.990  -3.661  9.529   1.00 24.50  ? 42  ALA A N   1 
ATOM   341  C CA  . ALA A 1 42  ? -6.610  -3.503  9.095   1.00 20.97  ? 42  ALA A CA  1 
ATOM   342  C C   . ALA A 1 42  ? -6.719  -3.307  7.611   1.00 18.83  ? 42  ALA A C   1 
ATOM   343  O O   . ALA A 1 42  ? -7.757  -3.602  7.028   1.00 18.04  ? 42  ALA A O   1 
ATOM   344  C CB  . ALA A 1 42  ? -5.776  -4.724  9.421   1.00 20.21  ? 42  ALA A CB  1 
ATOM   345  N N   . TYR A 1 43  ? -5.675  -2.764  7.003   1.00 16.79  ? 43  TYR A N   1 
ATOM   346  C CA  . TYR A 1 43  ? -5.640  -2.516  5.572   1.00 16.03  ? 43  TYR A CA  1 
ATOM   347  C C   . TYR A 1 43  ? -4.456  -3.153  4.959   1.00 14.85  ? 43  TYR A C   1 
ATOM   348  O O   . TYR A 1 43  ? -3.609  -3.699  5.648   1.00 15.50  ? 43  TYR A O   1 
ATOM   349  C CB  . TYR A 1 43  ? -5.447  -1.002  5.299   1.00 16.60  ? 43  TYR A CB  1 
ATOM   350  C CG  . TYR A 1 43  ? -6.499  -0.146  5.917   1.00 18.05  ? 43  TYR A CG  1 
ATOM   351  C CD1 . TYR A 1 43  ? -6.304  0.420   7.183   1.00 20.99  ? 43  TYR A CD1 1 
ATOM   352  C CD2 . TYR A 1 43  ? -7.697  0.100   5.245   1.00 19.46  ? 43  TYR A CD2 1 
ATOM   353  C CE1 . TYR A 1 43  ? -7.269  1.215   7.763   1.00 23.73  ? 43  TYR A CE1 1 
ATOM   354  C CE2 . TYR A 1 43  ? -8.680  0.888   5.804   1.00 22.03  ? 43  TYR A CE2 1 
ATOM   355  C CZ  . TYR A 1 43  ? -8.462  1.446   7.068   1.00 24.97  ? 43  TYR A CZ  1 
ATOM   356  O OH  . TYR A 1 43  ? -9.437  2.228   7.638   1.00 28.32  ? 43  TYR A OH  1 
ATOM   357  N N   . CYS A 1 44  ? -4.363  -3.105  3.638   1.00 13.04  ? 44  CYS A N   1 
ATOM   358  C CA  . CYS A 1 44  ? -3.206  -3.634  2.972   1.00 12.44  ? 44  CYS A CA  1 
ATOM   359  C C   . CYS A 1 44  ? -2.749  -2.589  2.060   1.00 12.57  ? 44  CYS A C   1 
ATOM   360  O O   . CYS A 1 44  ? -3.566  -1.910  1.437   1.00 12.21  ? 44  CYS A O   1 
ATOM   361  C CB  . CYS A 1 44  ? -3.523  -4.819  2.057   1.00 13.91  ? 44  CYS A CB  1 
ATOM   362  S SG  . CYS A 1 44  ? -4.041  -6.334  2.922   1.00 16.88  ? 44  CYS A SG  1 
ATOM   363  N N   . LEU A 1 45  ? -1.438  -2.403  2.009   1.00 11.92  ? 45  LEU A N   1 
ATOM   364  C CA  . LEU A 1 45  ? -0.805  -1.482  1.092   1.00 11.45  ? 45  LEU A CA  1 
ATOM   365  C C   . LEU A 1 45  ? -0.203  -2.433  0.036   1.00 12.12  ? 45  LEU A C   1 
ATOM   366  O O   . LEU A 1 45  ? 0.747   -3.156  0.328   1.00 12.16  ? 45  LEU A O   1 
ATOM   367  C CB  . LEU A 1 45  ? 0.306   -0.674  1.818   1.00 11.64  ? 45  LEU A CB  1 
ATOM   368  C CG  . LEU A 1 45  ? 1.289   0.153   0.945   1.00 12.51  ? 45  LEU A CG  1 
ATOM   369  C CD1 . LEU A 1 45  ? 0.505   1.314   0.255   1.00 12.87  ? 45  LEU A CD1 1 
ATOM   370  C CD2 . LEU A 1 45  ? 2.465   0.710   1.819   1.00 10.54  ? 45  LEU A CD2 1 
ATOM   371  N N   . SER A 1 46  ? -0.772  -2.445  -1.173  1.00 11.42  ? 46  SER A N   1 
ATOM   372  C CA  . SER A 1 46  ? -0.302  -3.303  -2.254  1.00 11.13  ? 46  SER A CA  1 
ATOM   373  C C   . SER A 1 46  ? 0.614   -2.491  -3.145  1.00 11.19  ? 46  SER A C   1 
ATOM   374  O O   . SER A 1 46  ? 0.222   -1.449  -3.697  1.00 13.36  ? 46  SER A O   1 
ATOM   375  C CB  . SER A 1 46  ? -1.500  -3.929  -2.924  1.00 10.77  ? 46  SER A CB  1 
ATOM   376  O OG  . SER A 1 46  ? -2.272  -4.615  -1.949  1.00 10.66  ? 46  SER A OG  1 
ATOM   377  N N   . VAL A 1 47  ? 1.830   -2.982  -3.329  1.00 10.92  ? 47  VAL A N   1 
ATOM   378  C CA  . VAL A 1 47  ? 2.855   -2.249  -4.055  1.00 10.86  ? 47  VAL A CA  1 
ATOM   379  C C   . VAL A 1 47  ? 3.486   -3.020  -5.134  1.00 11.37  ? 47  VAL A C   1 
ATOM   380  O O   . VAL A 1 47  ? 3.825   -4.195  -4.935  1.00 12.01  ? 47  VAL A O   1 
ATOM   381  C CB  . VAL A 1 47  ? 3.997   -1.775  -3.050  1.00 8.82   ? 47  VAL A CB  1 
ATOM   382  C CG1 . VAL A 1 47  ? 4.988   -0.828  -3.744  1.00 11.11  ? 47  VAL A CG1 1 
ATOM   383  C CG2 . VAL A 1 47  ? 3.403   -1.129  -1.821  1.00 10.13  ? 47  VAL A CG2 1 
ATOM   384  N N   . SER A 1 48  ? 3.709   -2.380  -6.290  1.00 10.44  ? 48  SER A N   1 
ATOM   385  C CA  . SER A 1 48  ? 4.356   -3.079  -7.370  1.00 12.26  ? 48  SER A CA  1 
ATOM   386  C C   . SER A 1 48  ? 5.910   -2.952  -7.200  1.00 13.10  ? 48  SER A C   1 
ATOM   387  O O   . SER A 1 48  ? 6.432   -1.984  -6.603  1.00 13.12  ? 48  SER A O   1 
ATOM   388  C CB  . SER A 1 48  ? 3.852   -2.579  -8.753  1.00 11.84  ? 48  SER A CB  1 
ATOM   389  O OG  . SER A 1 48  ? 4.490   -1.376  -9.129  1.00 12.78  ? 48  SER A OG  1 
ATOM   390  N N   . ASP A 1 49  ? 6.606   -3.943  -7.743  1.00 14.00  ? 49  ASP A N   1 
ATOM   391  C CA  . ASP A 1 49  ? 8.040   -3.999  -7.701  1.00 14.12  ? 49  ASP A CA  1 
ATOM   392  C C   . ASP A 1 49  ? 8.511   -4.598  -8.967  1.00 14.12  ? 49  ASP A C   1 
ATOM   393  O O   . ASP A 1 49  ? 7.727   -5.160  -9.761  1.00 14.40  ? 49  ASP A O   1 
ATOM   394  C CB  . ASP A 1 49  ? 8.513   -4.877  -6.515  1.00 15.18  ? 49  ASP A CB  1 
ATOM   395  C CG  . ASP A 1 49  ? 10.024  -4.635  -6.147  1.00 18.28  ? 49  ASP A CG  1 
ATOM   396  O OD1 . ASP A 1 49  ? 10.634  -3.636  -6.611  1.00 16.92  ? 49  ASP A OD1 1 
ATOM   397  O OD2 . ASP A 1 49  ? 10.578  -5.454  -5.382  1.00 19.51  ? 49  ASP A OD2 1 
ATOM   398  N N   . PHE A 1 50  ? 9.807   -4.448  -9.195  1.00 14.01  ? 50  PHE A N   1 
ATOM   399  C CA  . PHE A 1 50  ? 10.453  -5.008  -10.353 1.00 15.41  ? 50  PHE A CA  1 
ATOM   400  C C   . PHE A 1 50  ? 11.946  -5.217  -10.062 1.00 16.93  ? 50  PHE A C   1 
ATOM   401  O O   . PHE A 1 50  ? 12.589  -4.326  -9.500  1.00 18.29  ? 50  PHE A O   1 
ATOM   402  C CB  . PHE A 1 50  ? 10.368  -4.026  -11.567 1.00 14.44  ? 50  PHE A CB  1 
ATOM   403  C CG  . PHE A 1 50  ? 10.909  -4.618  -12.833 1.00 14.46  ? 50  PHE A CG  1 
ATOM   404  C CD1 . PHE A 1 50  ? 12.272  -4.499  -13.151 1.00 13.65  ? 50  PHE A CD1 1 
ATOM   405  C CD2 . PHE A 1 50  ? 10.087  -5.383  -13.655 1.00 13.19  ? 50  PHE A CD2 1 
ATOM   406  C CE1 . PHE A 1 50  ? 12.814  -5.157  -14.277 1.00 14.31  ? 50  PHE A CE1 1 
ATOM   407  C CE2 . PHE A 1 50  ? 10.611  -6.038  -14.768 1.00 12.93  ? 50  PHE A CE2 1 
ATOM   408  C CZ  . PHE A 1 50  ? 11.977  -5.929  -15.083 1.00 15.07  ? 50  PHE A CZ  1 
ATOM   409  N N   . ASP A 1 51  ? 12.468  -6.408  -10.367 1.00 17.65  ? 51  ASP A N   1 
ATOM   410  C CA  . ASP A 1 51  ? 13.910  -6.659  -10.258 1.00 18.61  ? 51  ASP A CA  1 
ATOM   411  C C   . ASP A 1 51  ? 14.213  -7.687  -11.264 1.00 18.84  ? 51  ASP A C   1 
ATOM   412  O O   . ASP A 1 51  ? 13.296  -8.322  -11.784 1.00 18.66  ? 51  ASP A O   1 
ATOM   413  C CB  . ASP A 1 51  ? 14.367  -6.825  -8.776  1.00 20.38  ? 51  ASP A CB  1 
ATOM   414  C CG  . ASP A 1 51  ? 13.950  -8.112  -8.172  1.00 22.70  ? 51  ASP A CG  1 
ATOM   415  O OD1 . ASP A 1 51  ? 13.995  -8.216  -6.932  1.00 24.34  ? 51  ASP A OD1 1 
ATOM   416  O OD2 . ASP A 1 51  ? 13.593  -9.041  -8.901  1.00 24.28  ? 51  ASP A OD2 1 
ATOM   417  N N   . ASN A 1 52  ? 15.483  -7.893  -11.587 1.00 20.00  ? 52  ASN A N   1 
ATOM   418  C CA  . ASN A 1 52  ? 15.814  -8.891  -12.610 1.00 21.78  ? 52  ASN A CA  1 
ATOM   419  C C   . ASN A 1 52  ? 15.583  -10.388 -12.152 1.00 22.58  ? 52  ASN A C   1 
ATOM   420  O O   . ASN A 1 52  ? 15.579  -11.295 -12.973 1.00 24.01  ? 52  ASN A O   1 
ATOM   421  C CB  . ASN A 1 52  ? 17.273  -8.740  -13.091 1.00 23.78  ? 52  ASN A CB  1 
ATOM   422  C CG  . ASN A 1 52  ? 17.502  -7.482  -13.882 1.00 24.01  ? 52  ASN A CG  1 
ATOM   423  O OD1 . ASN A 1 52  ? 16.574  -6.885  -14.408 1.00 26.27  ? 52  ASN A OD1 1 
ATOM   424  N ND2 . ASN A 1 52  ? 18.747  -7.076  -13.978 1.00 23.58  ? 52  ASN A ND2 1 
ATOM   425  N N   . ALA A 1 53  ? 15.452  -10.608 -10.851 1.00 22.30  ? 53  ALA A N   1 
ATOM   426  C CA  . ALA A 1 53  ? 15.231  -11.948 -10.332 1.00 22.76  ? 53  ALA A CA  1 
ATOM   427  C C   . ALA A 1 53  ? 13.794  -12.301 -10.511 1.00 23.21  ? 53  ALA A C   1 
ATOM   428  O O   . ALA A 1 53  ? 13.471  -13.239 -11.233 1.00 24.67  ? 53  ALA A O   1 
ATOM   429  C CB  . ALA A 1 53  ? 15.618  -12.027 -8.841  1.00 22.43  ? 53  ALA A CB  1 
ATOM   430  N N   . LYS A 1 54  ? 12.922  -11.530 -9.869  1.00 23.03  ? 54  LYS A N   1 
ATOM   431  C CA  . LYS A 1 54  ? 11.472  -11.741 -9.900  1.00 23.33  ? 54  LYS A CA  1 
ATOM   432  C C   . LYS A 1 54  ? 10.652  -11.067 -11.020 1.00 23.03  ? 54  LYS A C   1 
ATOM   433  O O   . LYS A 1 54  ? 9.450   -11.356 -11.166 1.00 23.32  ? 54  LYS A O   1 
ATOM   434  C CB  . LYS A 1 54  ? 10.833  -11.167 -8.653  1.00 23.70  ? 54  LYS A CB  1 
ATOM   435  C CG  . LYS A 1 54  ? 11.579  -11.571 -7.403  1.00 26.13  ? 54  LYS A CG  1 
ATOM   436  C CD  . LYS A 1 54  ? 10.720  -11.474 -6.185  1.00 27.94  ? 54  LYS A CD  1 
ATOM   437  C CE  . LYS A 1 54  ? 11.078  -12.621 -5.246  1.00 28.60  ? 54  LYS A CE  1 
ATOM   438  N NZ  . LYS A 1 54  ? 10.101  -12.758 -4.125  1.00 30.76  ? 54  LYS A NZ  1 
ATOM   439  N N   . GLY A 1 55  ? 11.284  -10.180 -11.792 1.00 21.45  ? 55  GLY A N   1 
ATOM   440  C CA  . GLY A 1 55  ? 10.543  -9.453  -12.806 1.00 18.79  ? 55  GLY A CA  1 
ATOM   441  C C   . GLY A 1 55  ? 9.513   -8.582  -12.070 1.00 17.85  ? 55  GLY A C   1 
ATOM   442  O O   . GLY A 1 55  ? 9.699   -8.200  -10.896 1.00 15.78  ? 55  GLY A O   1 
ATOM   443  N N   . LEU A 1 56  ? 8.408   -8.288  -12.746 1.00 16.44  ? 56  LEU A N   1 
ATOM   444  C CA  . LEU A 1 56  ? 7.335   -7.490  -12.176 1.00 16.10  ? 56  LEU A CA  1 
ATOM   445  C C   . LEU A 1 56  ? 6.597   -8.334  -11.146 1.00 16.11  ? 56  LEU A C   1 
ATOM   446  O O   . LEU A 1 56  ? 6.165   -9.450  -11.449 1.00 17.02  ? 56  LEU A O   1 
ATOM   447  C CB  . LEU A 1 56  ? 6.384   -7.059  -13.292 1.00 16.59  ? 56  LEU A CB  1 
ATOM   448  C CG  . LEU A 1 56  ? 5.202   -6.239  -12.917 1.00 16.33  ? 56  LEU A CG  1 
ATOM   449  C CD1 . LEU A 1 56  ? 5.642   -4.871  -12.432 1.00 16.48  ? 56  LEU A CD1 1 
ATOM   450  C CD2 . LEU A 1 56  ? 4.324   -6.123  -14.159 1.00 18.99  ? 56  LEU A CD2 1 
ATOM   451  N N   . ASN A 1 57  ? 6.401   -7.787  -9.950  1.00 15.21  ? 57  ASN A N   1 
ATOM   452  C CA  . ASN A 1 57  ? 5.740   -8.530  -8.877  1.00 15.38  ? 57  ASN A CA  1 
ATOM   453  C C   . ASN A 1 57  ? 5.083   -7.611  -7.895  1.00 14.34  ? 57  ASN A C   1 
ATOM   454  O O   . ASN A 1 57  ? 5.315   -6.394  -7.917  1.00 15.56  ? 57  ASN A O   1 
ATOM   455  C CB  . ASN A 1 57  ? 6.765   -9.521  -8.190  1.00 15.48  ? 57  ASN A CB  1 
ATOM   456  C CG  . ASN A 1 57  ? 7.865   -8.789  -7.396  1.00 16.07  ? 57  ASN A CG  1 
ATOM   457  O OD1 . ASN A 1 57  ? 7.768   -8.644  -6.182  1.00 18.29  ? 57  ASN A OD1 1 
ATOM   458  N ND2 . ASN A 1 57  ? 8.914   -8.350  -8.081  1.00 15.42  ? 57  ASN A ND2 1 
ATOM   459  N N   . VAL A 1 58  ? 4.250   -8.172  -7.025  1.00 13.14  ? 58  VAL A N   1 
ATOM   460  C CA  . VAL A 1 58  ? 3.521   -7.379  -6.048  1.00 13.20  ? 58  VAL A CA  1 
ATOM   461  C C   . VAL A 1 58  ? 3.751   -7.843  -4.591  1.00 14.90  ? 58  VAL A C   1 
ATOM   462  O O   . VAL A 1 58  ? 3.801   -9.056  -4.312  1.00 14.07  ? 58  VAL A O   1 
ATOM   463  C CB  . VAL A 1 58  ? 2.010   -7.460  -6.322  1.00 13.01  ? 58  VAL A CB  1 
ATOM   464  C CG1 . VAL A 1 58  ? 1.232   -6.658  -5.299  1.00 11.96  ? 58  VAL A CG1 1 
ATOM   465  C CG2 . VAL A 1 58  ? 1.724   -6.977  -7.741  1.00 13.37  ? 58  VAL A CG2 1 
ATOM   466  N N   . LYS A 1 59  ? 3.885   -6.876  -3.684  1.00 13.86  ? 59  LYS A N   1 
ATOM   467  C CA  . LYS A 1 59  ? 4.048   -7.172  -2.267  1.00 13.93  ? 59  LYS A CA  1 
ATOM   468  C C   . LYS A 1 59  ? 2.902   -6.508  -1.569  1.00 13.55  ? 59  LYS A C   1 
ATOM   469  O O   . LYS A 1 59  ? 2.388   -5.463  -2.036  1.00 12.35  ? 59  LYS A O   1 
ATOM   470  C CB  . LYS A 1 59  ? 5.314   -6.541  -1.698  1.00 16.68  ? 59  LYS A CB  1 
ATOM   471  C CG  . LYS A 1 59  ? 6.596   -6.730  -2.511  1.00 22.20  ? 59  LYS A CG  1 
ATOM   472  C CD  . LYS A 1 59  ? 6.960   -8.168  -2.768  1.00 25.85  ? 59  LYS A CD  1 
ATOM   473  C CE  . LYS A 1 59  ? 8.473   -8.326  -3.088  1.00 28.48  ? 59  LYS A CE  1 
ATOM   474  N NZ  . LYS A 1 59  ? 9.131   -7.600  -4.274  1.00 26.51  ? 59  LYS A NZ  1 
ATOM   475  N N   . HIS A 1 60  ? 2.441   -7.111  -0.476  1.00 11.61  ? 60  HIS A N   1 
ATOM   476  C CA  . HIS A 1 60  ? 1.328   -6.583  0.315   1.00 12.27  ? 60  HIS A CA  1 
ATOM   477  C C   . HIS A 1 60  ? 1.794   -6.403  1.742   1.00 12.41  ? 60  HIS A C   1 
ATOM   478  O O   . HIS A 1 60  ? 2.420   -7.294  2.300   1.00 13.04  ? 60  HIS A O   1 
ATOM   479  C CB  . HIS A 1 60  ? 0.115   -7.563  0.294   1.00 11.72  ? 60  HIS A CB  1 
ATOM   480  C CG  . HIS A 1 60  ? -0.318  -7.949  -1.095  1.00 12.87  ? 60  HIS A CG  1 
ATOM   481  N ND1 . HIS A 1 60  ? -1.198  -7.188  -1.842  1.00 12.02  ? 60  HIS A ND1 1 
ATOM   482  C CD2 . HIS A 1 60  ? 0.049   -8.984  -1.885  1.00 12.62  ? 60  HIS A CD2 1 
ATOM   483  C CE1 . HIS A 1 60  ? -1.348  -7.737  -3.031  1.00 12.64  ? 60  HIS A CE1 1 
ATOM   484  N NE2 . HIS A 1 60  ? -0.601  -8.827  -3.082  1.00 13.55  ? 60  HIS A NE2 1 
ATOM   485  N N   . TYR A 1 61  ? 1.535   -5.226  2.300   1.00 12.28  ? 61  TYR A N   1 
ATOM   486  C CA  . TYR A 1 61  ? 1.930   -4.884  3.668   1.00 12.65  ? 61  TYR A CA  1 
ATOM   487  C C   . TYR A 1 61  ? 0.727   -4.581  4.489   1.00 13.90  ? 61  TYR A C   1 
ATOM   488  O O   . TYR A 1 61  ? -0.194  -3.880  4.052   1.00 13.57  ? 61  TYR A O   1 
ATOM   489  C CB  . TYR A 1 61  ? 2.850   -3.633  3.673   1.00 10.97  ? 61  TYR A CB  1 
ATOM   490  C CG  . TYR A 1 61  ? 4.062   -3.813  2.811   1.00 11.65  ? 61  TYR A CG  1 
ATOM   491  C CD1 . TYR A 1 61  ? 4.062   -3.404  1.467   1.00 11.81  ? 61  TYR A CD1 1 
ATOM   492  C CD2 . TYR A 1 61  ? 5.194   -4.456  3.303   1.00 11.49  ? 61  TYR A CD2 1 
ATOM   493  C CE1 . TYR A 1 61  ? 5.151   -3.640  0.644   1.00 12.32  ? 61  TYR A CE1 1 
ATOM   494  C CE2 . TYR A 1 61  ? 6.287   -4.700  2.485   1.00 12.53  ? 61  TYR A CE2 1 
ATOM   495  C CZ  . TYR A 1 61  ? 6.266   -4.294  1.161   1.00 12.90  ? 61  TYR A CZ  1 
ATOM   496  O OH  . TYR A 1 61  ? 7.364   -4.543  0.371   1.00 13.09  ? 61  TYR A OH  1 
ATOM   497  N N   . LYS A 1 62  ? 0.684   -5.128  5.695   1.00 14.62  ? 62  LYS A N   1 
ATOM   498  C CA  . LYS A 1 62  ? -0.444  -4.896  6.556   1.00 15.14  ? 62  LYS A CA  1 
ATOM   499  C C   . LYS A 1 62  ? -0.279  -3.578  7.289   1.00 15.47  ? 62  LYS A C   1 
ATOM   500  O O   . LYS A 1 62  ? 0.800   -3.278  7.812   1.00 14.89  ? 62  LYS A O   1 
ATOM   501  C CB  . LYS A 1 62  ? -0.630  -6.074  7.479   1.00 17.69  ? 62  LYS A CB  1 
ATOM   502  C CG  . LYS A 1 62  ? -1.757  -5.850  8.467   1.00 26.33  ? 62  LYS A CG  1 
ATOM   503  C CD  . LYS A 1 62  ? -2.341  -7.145  9.056   1.00 32.14  ? 62  LYS A CD  1 
ATOM   504  C CE  . LYS A 1 62  ? -3.268  -7.837  8.017   1.00 36.96  ? 62  LYS A CE  1 
ATOM   505  N NZ  . LYS A 1 62  ? -3.829  -9.171  8.483   1.00 40.45  ? 62  LYS A NZ  1 
ATOM   506  N N   . ILE A 1 63  ? -1.307  -2.740  7.208   1.00 16.23  ? 63  ILE A N   1 
ATOM   507  C CA  . ILE A 1 63  ? -1.332  -1.451  7.889   1.00 16.23  ? 63  ILE A CA  1 
ATOM   508  C C   . ILE A 1 63  ? -2.289  -1.595  9.021   1.00 18.01  ? 63  ILE A C   1 
ATOM   509  O O   . ILE A 1 63  ? -3.446  -2.007  8.825   1.00 16.86  ? 63  ILE A O   1 
ATOM   510  C CB  . ILE A 1 63  ? -1.795  -0.276  6.968   1.00 15.28  ? 63  ILE A CB  1 
ATOM   511  C CG1 . ILE A 1 63  ? -0.741  -0.028  5.810   1.00 14.27  ? 63  ILE A CG1 1 
ATOM   512  C CG2 . ILE A 1 63  ? -1.984  0.985   7.798   1.00 13.90  ? 63  ILE A CG2 1 
ATOM   513  C CD1 . ILE A 1 63  ? -1.085  1.154   4.892   1.00 14.38  ? 63  ILE A CD1 1 
ATOM   514  N N   . ARG A 1 64  ? -1.795  -1.341  10.234  1.00 19.32  ? 64  ARG A N   1 
ATOM   515  C CA  . ARG A 1 64  ? -2.607  -1.422  11.444  1.00 22.05  ? 64  ARG A CA  1 
ATOM   516  C C   . ARG A 1 64  ? -3.081  -0.047  11.886  1.00 22.11  ? 64  ARG A C   1 
ATOM   517  O O   . ARG A 1 64  ? -2.409  0.952   11.673  1.00 19.70  ? 64  ARG A O   1 
ATOM   518  C CB  . ARG A 1 64  ? -1.805  -2.135  12.591  1.00 25.82  ? 64  ARG A CB  1 
ATOM   519  C CG  . ARG A 1 64  ? -1.266  -3.527  12.199  1.00 32.00  ? 64  ARG A CG  1 
ATOM   520  C CD  . ARG A 1 64  ? -0.754  -4.304  13.431  1.00 38.86  ? 64  ARG A CD  1 
ATOM   521  N NE  . ARG A 1 64  ? -1.399  -5.611  13.616  1.00 43.50  ? 64  ARG A NE  1 
ATOM   522  C CZ  . ARG A 1 64  ? -2.722  -5.811  13.589  1.00 47.45  ? 64  ARG A CZ  1 
ATOM   523  N NH1 . ARG A 1 64  ? -3.565  -4.798  13.375  1.00 49.68  ? 64  ARG A NH1 1 
ATOM   524  N NH2 . ARG A 1 64  ? -3.225  -7.032  13.786  1.00 48.49  ? 64  ARG A NH2 1 
ATOM   525  N N   . LYS A 1 65  ? -4.285  0.003   12.435  1.00 24.84  ? 65  LYS A N   1 
ATOM   526  C CA  . LYS A 1 65  ? -4.848  1.239   12.947  1.00 29.11  ? 65  LYS A CA  1 
ATOM   527  C C   . LYS A 1 65  ? -5.262  0.891   14.357  1.00 31.70  ? 65  LYS A C   1 
ATOM   528  O O   . LYS A 1 65  ? -5.988  -0.087  14.584  1.00 31.93  ? 65  LYS A O   1 
ATOM   529  C CB  . LYS A 1 65  ? -6.036  1.709   12.048  1.00 30.58  ? 65  LYS A CB  1 
ATOM   530  C CG  . LYS A 1 65  ? -7.012  2.666   12.728  1.00 32.69  ? 65  LYS A CG  1 
ATOM   531  C CD  . LYS A 1 65  ? -6.338  3.944   13.216  1.00 35.38  ? 65  LYS A CD  1 
ATOM   532  C CE  . LYS A 1 65  ? -7.219  4.718   14.220  1.00 37.44  ? 65  LYS A CE  1 
ATOM   533  N NZ  . LYS A 1 65  ? -8.679  4.662   13.900  1.00 40.66  ? 65  LYS A NZ  1 
ATOM   534  N N   . LEU A 1 66  ? -4.744  1.635   15.321  1.00 33.79  ? 66  LEU A N   1 
ATOM   535  C CA  . LEU A 1 66  ? -5.066  1.408   16.731  1.00 36.80  ? 66  LEU A CA  1 
ATOM   536  C C   . LEU A 1 66  ? -6.312  2.212   17.127  1.00 38.14  ? 66  LEU A C   1 
ATOM   537  O O   . LEU A 1 66  ? -6.613  3.220   16.495  1.00 37.67  ? 66  LEU A O   1 
ATOM   538  C CB  . LEU A 1 66  ? -3.965  1.983   17.629  1.00 37.52  ? 66  LEU A CB  1 
ATOM   539  C CG  . LEU A 1 66  ? -2.557  1.585   17.297  1.00 37.85  ? 66  LEU A CG  1 
ATOM   540  C CD1 . LEU A 1 66  ? -1.578  2.486   18.029  1.00 38.00  ? 66  LEU A CD1 1 
ATOM   541  C CD2 . LEU A 1 66  ? -2.355  0.126   17.644  1.00 37.74  ? 66  LEU A CD2 1 
ATOM   542  N N   . ASP A 1 67  ? -7.021  1.784   18.172  1.00 40.34  ? 67  ASP A N   1 
ATOM   543  C CA  . ASP A 1 67  ? -8.187  2.539   18.621  1.00 42.88  ? 67  ASP A CA  1 
ATOM   544  C C   . ASP A 1 67  ? -7.631  3.791   19.343  1.00 43.22  ? 67  ASP A C   1 
ATOM   545  O O   . ASP A 1 67  ? -8.320  4.810   19.504  1.00 43.88  ? 67  ASP A O   1 
ATOM   546  C CB  . ASP A 1 67  ? -9.207  1.589   19.308  1.00 46.06  ? 67  ASP A CB  1 
ATOM   547  C CG  . ASP A 1 67  ? -10.078 0.713   18.226  1.00 49.84  ? 67  ASP A CG  1 
ATOM   548  O OD1 . ASP A 1 67  ? -11.083 0.077   18.645  1.00 52.20  ? 67  ASP A OD1 1 
ATOM   549  O OD2 . ASP A 1 67  ? -9.741  0.701   17.004  1.00 51.33  ? 67  ASP A OD2 1 
ATOM   550  N N   . SER A 1 68  ? -6.349  3.701   19.695  1.00 42.92  ? 68  SER A N   1 
ATOM   551  C CA  . SER A 1 68  ? -5.593  4.781   20.319  1.00 42.78  ? 68  SER A CA  1 
ATOM   552  C C   . SER A 1 68  ? -5.299  5.921   19.237  1.00 42.02  ? 68  SER A C   1 
ATOM   553  O O   . SER A 1 68  ? -4.794  6.992   19.594  1.00 43.35  ? 68  SER A O   1 
ATOM   554  C CB  . SER A 1 68  ? -4.248  4.272   20.756  1.00 43.32  ? 68  SER A CB  1 
ATOM   555  O OG  . SER A 1 68  ? -4.401  2.985   21.322  1.00 45.88  ? 68  SER A OG  1 
ATOM   556  N N   . GLY A 1 69  ? -5.504  5.603   17.949  1.00 40.41  ? 69  GLY A N   1 
ATOM   557  C CA  . GLY A 1 69  ? -5.337  6.587   16.888  1.00 36.24  ? 69  GLY A CA  1 
ATOM   558  C C   . GLY A 1 69  ? -4.284  6.422   15.810  1.00 33.52  ? 69  GLY A C   1 
ATOM   559  O O   . GLY A 1 69  ? -4.495  6.843   14.674  1.00 34.83  ? 69  GLY A O   1 
ATOM   560  N N   . GLY A 1 70  ? -3.164  5.807   16.143  1.00 30.40  ? 70  GLY A N   1 
ATOM   561  C CA  . GLY A 1 70  ? -2.107  5.673   15.165  1.00 26.10  ? 70  GLY A CA  1 
ATOM   562  C C   . GLY A 1 70  ? -2.275  4.638   14.074  1.00 23.36  ? 70  GLY A C   1 
ATOM   563  O O   . GLY A 1 70  ? -2.992  3.652   14.224  1.00 23.13  ? 70  GLY A O   1 
ATOM   564  N N   . PHE A 1 71  ? -1.616  4.903   12.960  1.00 19.10  ? 71  PHE A N   1 
ATOM   565  C CA  . PHE A 1 71  ? -1.585  4.011   11.805  1.00 17.50  ? 71  PHE A CA  1 
ATOM   566  C C   . PHE A 1 71  ? -0.108  3.612   11.586  1.00 15.80  ? 71  PHE A C   1 
ATOM   567  O O   . PHE A 1 71  ? 0.790   4.462   11.701  1.00 15.93  ? 71  PHE A O   1 
ATOM   568  C CB  . PHE A 1 71  ? -1.971  4.760   10.501  1.00 16.36  ? 71  PHE A CB  1 
ATOM   569  C CG  . PHE A 1 71  ? -3.423  5.088   10.417  1.00 19.26  ? 71  PHE A CG  1 
ATOM   570  C CD1 . PHE A 1 71  ? -3.937  6.220   11.061  1.00 18.45  ? 71  PHE A CD1 1 
ATOM   571  C CD2 . PHE A 1 71  ? -4.299  4.256   9.697   1.00 18.70  ? 71  PHE A CD2 1 
ATOM   572  C CE1 . PHE A 1 71  ? -5.308  6.522   10.988  1.00 20.33  ? 71  PHE A CE1 1 
ATOM   573  C CE2 . PHE A 1 71  ? -5.654  4.550   9.619   1.00 19.58  ? 71  PHE A CE2 1 
ATOM   574  C CZ  . PHE A 1 71  ? -6.163  5.687   10.265  1.00 19.46  ? 71  PHE A CZ  1 
ATOM   575  N N   . TYR A 1 72  ? 0.160   2.345   11.308  1.00 13.81  ? 72  TYR A N   1 
ATOM   576  C CA  . TYR A 1 72  ? 1.536   1.949   11.044  1.00 12.33  ? 72  TYR A CA  1 
ATOM   577  C C   . TYR A 1 72  ? 1.630   0.572   10.358  1.00 11.68  ? 72  TYR A C   1 
ATOM   578  O O   . TYR A 1 72  ? 0.647   -0.194  10.339  1.00 12.03  ? 72  TYR A O   1 
ATOM   579  C CB  . TYR A 1 72  ? 2.340   1.839   12.393  1.00 13.80  ? 72  TYR A CB  1 
ATOM   580  C CG  . TYR A 1 72  ? 1.737   0.863   13.376  1.00 15.12  ? 72  TYR A CG  1 
ATOM   581  C CD1 . TYR A 1 72  ? 2.044   -0.507  13.320  1.00 16.04  ? 72  TYR A CD1 1 
ATOM   582  C CD2 . TYR A 1 72  ? 0.847   1.299   14.344  1.00 16.04  ? 72  TYR A CD2 1 
ATOM   583  C CE1 . TYR A 1 72  ? 1.470   -1.413  14.204  1.00 17.15  ? 72  TYR A CE1 1 
ATOM   584  C CE2 . TYR A 1 72  ? 0.274   0.408   15.234  1.00 20.01  ? 72  TYR A CE2 1 
ATOM   585  C CZ  . TYR A 1 72  ? 0.594   -0.946  15.151  1.00 18.93  ? 72  TYR A CZ  1 
ATOM   586  O OH  . TYR A 1 72  ? 0.008   -1.818  16.018  1.00 23.03  ? 72  TYR A OH  1 
ATOM   587  N N   . ILE A 1 73  ? 2.789   0.327   9.752   1.00 11.06  ? 73  ILE A N   1 
ATOM   588  C CA  . ILE A 1 73  ? 3.108   -0.973  9.183   1.00 11.34  ? 73  ILE A CA  1 
ATOM   589  C C   . ILE A 1 73  ? 3.971   -1.608  10.327  1.00 12.75  ? 73  ILE A C   1 
ATOM   590  O O   . ILE A 1 73  ? 3.774   -2.770  10.658  1.00 14.04  ? 73  ILE A O   1 
ATOM   591  C CB  . ILE A 1 73  ? 3.909   -0.884  7.907   1.00 10.89  ? 73  ILE A CB  1 
ATOM   592  C CG1 . ILE A 1 73  ? 3.040   -0.166  6.817   1.00 11.36  ? 73  ILE A CG1 1 
ATOM   593  C CG2 . ILE A 1 73  ? 4.338   -2.310  7.457   1.00 11.22  ? 73  ILE A CG2 1 
ATOM   594  C CD1 . ILE A 1 73  ? 3.702   -0.025  5.508   1.00 11.76  ? 73  ILE A CD1 1 
ATOM   595  N N   . THR A 1 74  ? 4.942   -0.858  10.861  1.00 12.97  ? 74  THR A N   1 
ATOM   596  C CA  . THR A 1 74  ? 5.743   -1.333  12.005  1.00 12.02  ? 74  THR A CA  1 
ATOM   597  C C   . THR A 1 74  ? 5.414   -0.422  13.160  1.00 13.73  ? 74  THR A C   1 
ATOM   598  O O   . THR A 1 74  ? 5.389   0.797   13.001  1.00 13.64  ? 74  THR A O   1 
ATOM   599  C CB  . THR A 1 74  ? 7.256   -1.337  11.761  1.00 13.44  ? 74  THR A CB  1 
ATOM   600  O OG1 . THR A 1 74  ? 7.914   -1.653  12.997  1.00 14.38  ? 74  THR A OG1 1 
ATOM   601  C CG2 . THR A 1 74  ? 7.746   0.001   11.285  1.00 12.92  ? 74  THR A CG2 1 
ATOM   602  N N   . SER A 1 75  ? 5.153   -0.994  14.333  1.00 13.52  ? 75  SER A N   1 
ATOM   603  C CA  . SER A 1 75  ? 4.763   -0.220  15.505  1.00 14.51  ? 75  SER A CA  1 
ATOM   604  C C   . SER A 1 75  ? 5.797   0.824   15.923  1.00 14.20  ? 75  SER A C   1 
ATOM   605  O O   . SER A 1 75  ? 5.473   1.749   16.659  1.00 14.41  ? 75  SER A O   1 
ATOM   606  C CB  . SER A 1 75  ? 4.517   -1.164  16.745  1.00 16.82  ? 75  SER A CB  1 
ATOM   607  O OG  . SER A 1 75  ? 5.724   -1.807  17.144  1.00 16.67  ? 75  SER A OG  1 
ATOM   608  N N   . ARG A 1 76  ? 7.033   0.667   15.458  1.00 15.64  ? 76  ARG A N   1 
ATOM   609  C CA  . ARG A 1 76  ? 8.082   1.613   15.814  1.00 17.95  ? 76  ARG A CA  1 
ATOM   610  C C   . ARG A 1 76  ? 7.977   2.922   14.985  1.00 17.63  ? 76  ARG A C   1 
ATOM   611  O O   . ARG A 1 76  ? 8.587   3.937   15.350  1.00 18.04  ? 76  ARG A O   1 
ATOM   612  C CB  . ARG A 1 76  ? 9.446   0.990   15.613  1.00 20.53  ? 76  ARG A CB  1 
ATOM   613  C CG  . ARG A 1 76  ? 9.465   -0.473  16.051  1.00 29.65  ? 76  ARG A CG  1 
ATOM   614  C CD  . ARG A 1 76  ? 10.681  -0.856  16.897  1.00 35.72  ? 76  ARG A CD  1 
ATOM   615  N NE  . ARG A 1 76  ? 10.850  -2.322  17.014  1.00 41.78  ? 76  ARG A NE  1 
ATOM   616  C CZ  . ARG A 1 76  ? 11.689  -2.924  17.868  1.00 42.24  ? 76  ARG A CZ  1 
ATOM   617  N NH1 . ARG A 1 76  ? 12.443  -2.203  18.696  1.00 43.48  ? 76  ARG A NH1 1 
ATOM   618  N NH2 . ARG A 1 76  ? 11.787  -4.252  17.883  1.00 43.44  ? 76  ARG A NH2 1 
ATOM   619  N N   . THR A 1 77  ? 7.173   2.905   13.919  1.00 14.94  ? 77  THR A N   1 
ATOM   620  C CA  . THR A 1 77  ? 7.043   4.076   13.050  1.00 14.69  ? 77  THR A CA  1 
ATOM   621  C C   . THR A 1 77  ? 5.563   4.335   12.729  1.00 14.17  ? 77  THR A C   1 
ATOM   622  O O   . THR A 1 77  ? 5.019   3.771   11.772  1.00 13.95  ? 77  THR A O   1 
ATOM   623  C CB  . THR A 1 77  ? 7.864   3.829   11.798  1.00 14.45  ? 77  THR A CB  1 
ATOM   624  O OG1 . THR A 1 77  ? 9.210   3.499   12.195  1.00 16.43  ? 77  THR A OG1 1 
ATOM   625  C CG2 . THR A 1 77  ? 7.842   5.020   10.851  1.00 13.38  ? 77  THR A CG2 1 
ATOM   626  N N   . GLN A 1 78  ? 4.932   5.147   13.571  1.00 12.50  ? 78  GLN A N   1 
ATOM   627  C CA  . GLN A 1 78  ? 3.511   5.439   13.490  1.00 13.75  ? 78  GLN A CA  1 
ATOM   628  C C   . GLN A 1 78  ? 3.159   6.764   12.985  1.00 14.80  ? 78  GLN A C   1 
ATOM   629  O O   . GLN A 1 78  ? 3.962   7.713   13.078  1.00 14.86  ? 78  GLN A O   1 
ATOM   630  C CB  . GLN A 1 78  ? 2.891   5.289   14.840  1.00 15.01  ? 78  GLN A CB  1 
ATOM   631  C CG  . GLN A 1 78  ? 3.295   3.994   15.515  1.00 16.51  ? 78  GLN A CG  1 
ATOM   632  C CD  . GLN A 1 78  ? 2.423   3.643   16.722  1.00 19.98  ? 78  GLN A CD  1 
ATOM   633  O OE1 . GLN A 1 78  ? 2.762   2.725   17.482  1.00 22.62  ? 78  GLN A OE1 1 
ATOM   634  N NE2 . GLN A 1 78  ? 1.292   4.334   16.895  1.00 19.63  ? 78  GLN A NE2 1 
ATOM   635  N N   . PHE A 1 79  ? 1.915   6.872   12.514  1.00 14.33  ? 79  PHE A N   1 
ATOM   636  C CA  . PHE A 1 79  ? 1.369   8.083   11.921  1.00 13.95  ? 79  PHE A CA  1 
ATOM   637  C C   . PHE A 1 79  ? 0.024   8.457   12.421  1.00 14.07  ? 79  PHE A C   1 
ATOM   638  O O   . PHE A 1 79  ? -0.764  7.611   12.862  1.00 14.10  ? 79  PHE A O   1 
ATOM   639  C CB  . PHE A 1 79  ? 1.376   7.943   10.414  1.00 12.70  ? 79  PHE A CB  1 
ATOM   640  C CG  . PHE A 1 79  ? 2.728   7.632   9.867   1.00 12.61  ? 79  PHE A CG  1 
ATOM   641  C CD1 . PHE A 1 79  ? 3.131   6.293   9.704   1.00 12.08  ? 79  PHE A CD1 1 
ATOM   642  C CD2 . PHE A 1 79  ? 3.659   8.658   9.623   1.00 10.85  ? 79  PHE A CD2 1 
ATOM   643  C CE1 . PHE A 1 79  ? 4.444   5.970   9.311   1.00 11.99  ? 79  PHE A CE1 1 
ATOM   644  C CE2 . PHE A 1 79  ? 4.977   8.350   9.233   1.00 11.36  ? 79  PHE A CE2 1 
ATOM   645  C CZ  . PHE A 1 79  ? 5.376   6.996   9.080   1.00 12.02  ? 79  PHE A CZ  1 
ATOM   646  N N   . ASN A 1 80  ? -0.254  9.759   12.386  1.00 14.51  ? 80  ASN A N   1 
ATOM   647  C CA  . ASN A 1 80  ? -1.533  10.283  12.867  1.00 15.45  ? 80  ASN A CA  1 
ATOM   648  C C   . ASN A 1 80  ? -2.709  10.020  11.902  1.00 14.60  ? 80  ASN A C   1 
ATOM   649  O O   . ASN A 1 80  ? -3.862  10.158  12.282  1.00 15.50  ? 80  ASN A O   1 
ATOM   650  C CB  . ASN A 1 80  ? -1.436  11.816  13.158  1.00 14.93  ? 80  ASN A CB  1 
ATOM   651  C CG  . ASN A 1 80  ? -0.575  12.123  14.363  1.00 17.52  ? 80  ASN A CG  1 
ATOM   652  O OD1 . ASN A 1 80  ? -0.391  11.267  15.235  1.00 16.57  ? 80  ASN A OD1 1 
ATOM   653  N ND2 . ASN A 1 80  ? -0.060  13.352  14.438  1.00 17.18  ? 80  ASN A ND2 1 
ATOM   654  N N   . SER A 1 81  ? -2.392  9.643   10.669  1.00 14.87  ? 81  SER A N   1 
ATOM   655  C CA  . SER A 1 81  ? -3.417  9.390   9.664   1.00 14.61  ? 81  SER A CA  1 
ATOM   656  C C   . SER A 1 81  ? -2.823  8.527   8.589   1.00 14.11  ? 81  SER A C   1 
ATOM   657  O O   . SER A 1 81  ? -1.596  8.498   8.385   1.00 14.29  ? 81  SER A O   1 
ATOM   658  C CB  . SER A 1 81  ? -3.847  10.719  9.028   1.00 13.43  ? 81  SER A CB  1 
ATOM   659  O OG  . SER A 1 81  ? -2.746  11.289  8.334   1.00 14.34  ? 81  SER A OG  1 
ATOM   660  N N   . LEU A 1 82  ? -3.689  7.846   7.852   1.00 13.36  ? 82  LEU A N   1 
ATOM   661  C CA  . LEU A 1 82  ? -3.231  6.996   6.773   1.00 13.26  ? 82  LEU A CA  1 
ATOM   662  C C   . LEU A 1 82  ? -2.494  7.863   5.702   1.00 13.12  ? 82  LEU A C   1 
ATOM   663  O O   . LEU A 1 82  ? -1.534  7.424   5.057   1.00 13.30  ? 82  LEU A O   1 
ATOM   664  C CB  . LEU A 1 82  ? -4.459  6.196   6.239   1.00 15.35  ? 82  LEU A CB  1 
ATOM   665  C CG  . LEU A 1 82  ? -4.289  5.083   5.234   1.00 16.72  ? 82  LEU A CG  1 
ATOM   666  C CD1 . LEU A 1 82  ? -3.258  4.081   5.739   1.00 17.04  ? 82  LEU A CD1 1 
ATOM   667  C CD2 . LEU A 1 82  ? -5.662  4.416   5.036   1.00 18.40  ? 82  LEU A CD2 1 
ATOM   668  N N   . GLN A 1 83  ? -2.971  9.089   5.528   1.00 13.24  ? 83  GLN A N   1 
ATOM   669  C CA  . GLN A 1 83  ? -2.398  10.017  4.556   1.00 14.07  ? 83  GLN A CA  1 
ATOM   670  C C   . GLN A 1 83  ? -0.951  10.335  4.884   1.00 12.13  ? 83  GLN A C   1 
ATOM   671  O O   . GLN A 1 83  ? -0.090  10.368  3.998   1.00 11.38  ? 83  GLN A O   1 
ATOM   672  C CB  . GLN A 1 83  ? -3.232  11.352  4.540   1.00 16.31  ? 83  GLN A CB  1 
ATOM   673  C CG  . GLN A 1 83  ? -4.667  11.151  3.948   1.00 19.95  ? 83  GLN A CG  1 
ATOM   674  C CD  . GLN A 1 83  ? -5.846  10.802  4.991   1.00 19.74  ? 83  GLN A CD  1 
ATOM   675  O OE1 . GLN A 1 83  ? -7.021  11.105  4.733   1.00 22.64  ? 83  GLN A OE1 1 
ATOM   676  N NE2 . GLN A 1 83  ? -5.509  10.205  6.114   1.00 19.12  ? 83  GLN A NE2 1 
ATOM   677  N N   . GLN A 1 84  ? -0.676  10.540  6.172   1.00 12.33  ? 84  GLN A N   1 
ATOM   678  C CA  . GLN A 1 84  ? 0.698   10.851  6.596   1.00 12.47  ? 84  GLN A CA  1 
ATOM   679  C C   . GLN A 1 84  ? 1.573   9.657   6.395   1.00 10.65  ? 84  GLN A C   1 
ATOM   680  O O   . GLN A 1 84  ? 2.734   9.780   6.012   1.00 10.53  ? 84  GLN A O   1 
ATOM   681  C CB  . GLN A 1 84  ? 0.695   11.465  8.054   1.00 13.56  ? 84  GLN A CB  1 
ATOM   682  C CG  . GLN A 1 84  ? 0.259   12.949  8.096   1.00 13.84  ? 84  GLN A CG  1 
ATOM   683  C CD  . GLN A 1 84  ? -0.216  13.383  9.431   1.00 15.73  ? 84  GLN A CD  1 
ATOM   684  O OE1 . GLN A 1 84  ? -1.110  12.774  10.006  1.00 17.71  ? 84  GLN A OE1 1 
ATOM   685  N NE2 . GLN A 1 84  ? 0.347   14.452  9.941   1.00 16.58  ? 84  GLN A NE2 1 
ATOM   686  N N   . LEU A 1 85  ? 1.024   8.473   6.658   1.00 11.00  ? 85  LEU A N   1 
ATOM   687  C CA  . LEU A 1 85  ? 1.787   7.246   6.445   1.00 10.76  ? 85  LEU A CA  1 
ATOM   688  C C   . LEU A 1 85  ? 2.135   7.126   4.950   1.00 10.56  ? 85  LEU A C   1 
ATOM   689  O O   . LEU A 1 85  ? 3.271   6.827   4.595   1.00 11.20  ? 85  LEU A O   1 
ATOM   690  C CB  . LEU A 1 85  ? 0.958   6.012   6.907   1.00 11.13  ? 85  LEU A CB  1 
ATOM   691  C CG  . LEU A 1 85  ? 1.661   4.613   6.795   1.00 11.67  ? 85  LEU A CG  1 
ATOM   692  C CD1 . LEU A 1 85  ? 1.062   3.697   7.831   1.00 10.65  ? 85  LEU A CD1 1 
ATOM   693  C CD2 . LEU A 1 85  ? 1.563   4.005   5.395   1.00 12.69  ? 85  LEU A CD2 1 
ATOM   694  N N   . VAL A 1 86  ? 1.152   7.353   4.069   1.00 11.11  ? 86  VAL A N   1 
ATOM   695  C CA  . VAL A 1 86  ? 1.407   7.263   2.637   1.00 11.33  ? 86  VAL A CA  1 
ATOM   696  C C   . VAL A 1 86  ? 2.475   8.296   2.201   1.00 10.57  ? 86  VAL A C   1 
ATOM   697  O O   . VAL A 1 86  ? 3.406   7.962   1.476   1.00 11.54  ? 86  VAL A O   1 
ATOM   698  C CB  . VAL A 1 86  ? 0.099   7.426   1.831   1.00 11.55  ? 86  VAL A CB  1 
ATOM   699  C CG1 . VAL A 1 86  ? 0.406   7.643   0.338   1.00 11.52  ? 86  VAL A CG1 1 
ATOM   700  C CG2 . VAL A 1 86  ? -0.772  6.171   2.004   1.00 12.73  ? 86  VAL A CG2 1 
ATOM   701  N N   . ALA A 1 87  ? 2.377   9.514   2.727   1.00 10.89  ? 87  ALA A N   1 
ATOM   702  C CA  . ALA A 1 87  ? 3.344   10.581  2.409   1.00 11.41  ? 87  ALA A CA  1 
ATOM   703  C C   . ALA A 1 87  ? 4.756   10.194  2.835   1.00 11.02  ? 87  ALA A C   1 
ATOM   704  O O   . ALA A 1 87  ? 5.703   10.306  2.047   1.00 11.22  ? 87  ALA A O   1 
ATOM   705  C CB  . ALA A 1 87  ? 2.939   11.885  3.087   1.00 11.65  ? 87  ALA A CB  1 
ATOM   706  N N   . TYR A 1 88  ? 4.884   9.641   4.048   1.00 11.19  ? 88  TYR A N   1 
ATOM   707  C CA  . TYR A 1 88  ? 6.193   9.221   4.559   1.00 11.19  ? 88  TYR A CA  1 
ATOM   708  C C   . TYR A 1 88  ? 6.818   8.115   3.674   1.00 10.73  ? 88  TYR A C   1 
ATOM   709  O O   . TYR A 1 88  ? 7.978   8.202   3.270   1.00 11.14  ? 88  TYR A O   1 
ATOM   710  C CB  . TYR A 1 88  ? 6.057   8.758   6.043   1.00 11.37  ? 88  TYR A CB  1 
ATOM   711  C CG  . TYR A 1 88  ? 7.334   8.194   6.621   1.00 14.16  ? 88  TYR A CG  1 
ATOM   712  C CD1 . TYR A 1 88  ? 8.174   8.977   7.426   1.00 14.45  ? 88  TYR A CD1 1 
ATOM   713  C CD2 . TYR A 1 88  ? 7.705   6.877   6.370   1.00 14.40  ? 88  TYR A CD2 1 
ATOM   714  C CE1 . TYR A 1 88  ? 9.367   8.436   7.972   1.00 15.86  ? 88  TYR A CE1 1 
ATOM   715  C CE2 . TYR A 1 88  ? 8.875   6.336   6.893   1.00 15.99  ? 88  TYR A CE2 1 
ATOM   716  C CZ  . TYR A 1 88  ? 9.705   7.114   7.697   1.00 16.51  ? 88  TYR A CZ  1 
ATOM   717  O OH  . TYR A 1 88  ? 10.866  6.562   8.174   1.00 15.66  ? 88  TYR A OH  1 
ATOM   718  N N   . TYR A 1 89  ? 6.052   7.061   3.399   1.00 10.68  ? 89  TYR A N   1 
ATOM   719  C CA  . TYR A 1 89  ? 6.570   5.966   2.571   1.00 10.81  ? 89  TYR A CA  1 
ATOM   720  C C   . TYR A 1 89  ? 6.796   6.337   1.087   1.00 10.22  ? 89  TYR A C   1 
ATOM   721  O O   . TYR A 1 89  ? 7.400   5.585   0.350   1.00 10.61  ? 89  TYR A O   1 
ATOM   722  C CB  . TYR A 1 89  ? 5.748   4.704   2.805   1.00 11.34  ? 89  TYR A CB  1 
ATOM   723  C CG  . TYR A 1 89  ? 6.041   4.075   4.160   1.00 10.91  ? 89  TYR A CG  1 
ATOM   724  C CD1 . TYR A 1 89  ? 5.056   4.036   5.166   1.00 10.58  ? 89  TYR A CD1 1 
ATOM   725  C CD2 . TYR A 1 89  ? 7.323   3.580   4.460   1.00 11.58  ? 89  TYR A CD2 1 
ATOM   726  C CE1 . TYR A 1 89  ? 5.338   3.532   6.426   1.00 10.03  ? 89  TYR A CE1 1 
ATOM   727  C CE2 . TYR A 1 89  ? 7.613   3.068   5.747   1.00 9.69   ? 89  TYR A CE2 1 
ATOM   728  C CZ  . TYR A 1 89  ? 6.617   3.053   6.716   1.00 9.86   ? 89  TYR A CZ  1 
ATOM   729  O OH  . TYR A 1 89  ? 6.868   2.621   8.006   1.00 10.35  ? 89  TYR A OH  1 
ATOM   730  N N   . SER A 1 90  ? 6.298   7.495   0.659   1.00 11.89  ? 90  SER A N   1 
ATOM   731  C CA  . SER A 1 90  ? 6.529   7.959   -0.716  1.00 12.88  ? 90  SER A CA  1 
ATOM   732  C C   . SER A 1 90  ? 7.924   8.614   -0.788  1.00 14.62  ? 90  SER A C   1 
ATOM   733  O O   . SER A 1 90  ? 8.449   8.873   -1.882  1.00 16.06  ? 90  SER A O   1 
ATOM   734  C CB  . SER A 1 90  ? 5.494   8.978   -1.105  1.00 12.68  ? 90  SER A CB  1 
ATOM   735  O OG  . SER A 1 90  ? 4.198   8.407   -1.101  1.00 14.50  ? 90  SER A OG  1 
ATOM   736  N N   . LYS A 1 91  ? 8.504   8.885   0.388   1.00 14.79  ? 91  LYS A N   1 
ATOM   737  C CA  . LYS A 1 91  ? 9.836   9.491   0.505   1.00 16.58  ? 91  LYS A CA  1 
ATOM   738  C C   . LYS A 1 91  ? 10.900  8.514   1.075   1.00 16.35  ? 91  LYS A C   1 
ATOM   739  O O   . LYS A 1 91  ? 12.090  8.673   0.834   1.00 16.96  ? 91  LYS A O   1 
ATOM   740  C CB  . LYS A 1 91  ? 9.788   10.658  1.444   1.00 17.34  ? 91  LYS A CB  1 
ATOM   741  C CG  . LYS A 1 91  ? 8.951   11.823  0.949   1.00 22.78  ? 91  LYS A CG  1 
ATOM   742  C CD  . LYS A 1 91  ? 9.736   12.642  -0.070  1.00 27.86  ? 91  LYS A CD  1 
ATOM   743  C CE  . LYS A 1 91  ? 9.100   14.041  -0.250  1.00 30.67  ? 91  LYS A CE  1 
ATOM   744  N NZ  . LYS A 1 91  ? 9.993   14.949  -1.054  1.00 33.99  ? 91  LYS A NZ  1 
ATOM   745  N N   . HIS A 1 92  ? 10.462  7.507   1.824   1.00 14.96  ? 92  HIS A N   1 
ATOM   746  C CA  . HIS A 1 92  ? 11.401  6.559   2.407   1.00 14.72  ? 92  HIS A CA  1 
ATOM   747  C C   . HIS A 1 92  ? 10.985  5.152   2.063   1.00 13.25  ? 92  HIS A C   1 
ATOM   748  O O   . HIS A 1 92  ? 9.817   4.797   2.217   1.00 13.70  ? 92  HIS A O   1 
ATOM   749  C CB  . HIS A 1 92  ? 11.335  6.621   3.966   1.00 15.28  ? 92  HIS A CB  1 
ATOM   750  C CG  . HIS A 1 92  ? 11.352  8.013   4.522   1.00 18.13  ? 92  HIS A CG  1 
ATOM   751  N ND1 . HIS A 1 92  ? 12.457  8.563   5.139   1.00 20.56  ? 92  HIS A ND1 1 
ATOM   752  C CD2 . HIS A 1 92  ? 10.394  8.974   4.545   1.00 17.95  ? 92  HIS A CD2 1 
ATOM   753  C CE1 . HIS A 1 92  ? 12.179  9.802   5.516   1.00 18.31  ? 92  HIS A CE1 1 
ATOM   754  N NE2 . HIS A 1 92  ? 10.933  10.074  5.165   1.00 20.21  ? 92  HIS A NE2 1 
ATOM   755  N N   . ALA A 1 93  ? 11.917  4.364   1.549   1.00 14.12  ? 93  ALA A N   1 
ATOM   756  C CA  . ALA A 1 93  ? 11.629  2.969   1.240   1.00 13.34  ? 93  ALA A CA  1 
ATOM   757  C C   . ALA A 1 93  ? 11.605  2.188   2.655   1.00 13.78  ? 93  ALA A C   1 
ATOM   758  O O   . ALA A 1 93  ? 10.645  1.467   2.935   1.00 14.26  ? 93  ALA A O   1 
ATOM   759  C CB  . ALA A 1 93  ? 12.700  2.380   0.324   1.00 11.93  ? 93  ALA A CB  1 
ATOM   760  N N   . ASP A 1 94  ? 12.587  2.449   3.537   1.00 12.53  ? 94  ASP A N   1 
ATOM   761  C CA  . ASP A 1 94  ? 12.653  1.743   4.829   1.00 11.35  ? 94  ASP A CA  1 
ATOM   762  C C   . ASP A 1 94  ? 12.578  0.254   4.547   1.00 10.54  ? 94  ASP A C   1 
ATOM   763  O O   . ASP A 1 94  ? 13.397  -0.250  3.788   1.00 11.21  ? 94  ASP A O   1 
ATOM   764  C CB  . ASP A 1 94  ? 11.591  2.235   5.833   1.00 12.33  ? 94  ASP A CB  1 
ATOM   765  C CG  . ASP A 1 94  ? 11.930  3.650   6.413   1.00 11.92  ? 94  ASP A CG  1 
ATOM   766  O OD1 . ASP A 1 94  ? 12.930  4.252   5.976   1.00 15.57  ? 94  ASP A OD1 1 
ATOM   767  O OD2 . ASP A 1 94  ? 11.193  4.126   7.278   1.00 14.40  ? 94  ASP A OD2 1 
ATOM   768  N N   . GLY A 1 95  ? 11.588  -0.446  5.092   1.00 12.05  ? 95  GLY A N   1 
ATOM   769  C CA  . GLY A 1 95  ? 11.513  -1.878  4.838   1.00 12.46  ? 95  GLY A CA  1 
ATOM   770  C C   . GLY A 1 95  ? 10.640  -2.285  3.657   1.00 13.66  ? 95  GLY A C   1 
ATOM   771  O O   . GLY A 1 95  ? 10.398  -3.488  3.430   1.00 13.53  ? 95  GLY A O   1 
ATOM   772  N N   . LEU A 1 96  ? 10.146  -1.309  2.903   1.00 12.01  ? 96  LEU A N   1 
ATOM   773  C CA  . LEU A 1 96  ? 9.278   -1.615  1.748   1.00 12.36  ? 96  LEU A CA  1 
ATOM   774  C C   . LEU A 1 96  ? 10.070  -1.986  0.534   1.00 11.32  ? 96  LEU A C   1 
ATOM   775  O O   . LEU A 1 96  ? 11.243  -1.599  0.416   1.00 12.21  ? 96  LEU A O   1 
ATOM   776  C CB  . LEU A 1 96  ? 8.437   -0.389  1.363   1.00 11.64  ? 96  LEU A CB  1 
ATOM   777  C CG  . LEU A 1 96  ? 7.475   0.198   2.391   1.00 10.98  ? 96  LEU A CG  1 
ATOM   778  C CD1 . LEU A 1 96  ? 6.760   1.408   1.782   1.00 13.10  ? 96  LEU A CD1 1 
ATOM   779  C CD2 . LEU A 1 96  ? 6.439   -0.839  2.819   1.00 15.34  ? 96  LEU A CD2 1 
ATOM   780  N N   . CYS A 1 97  ? 9.442   -2.693  -0.419  1.00 10.88  ? 97  CYS A N   1 
ATOM   781  C CA  . CYS A 1 97  ? 10.138  -3.097  -1.630  1.00 11.41  ? 97  CYS A CA  1 
ATOM   782  C C   . CYS A 1 97  ? 10.606  -1.886  -2.464  1.00 11.66  ? 97  CYS A C   1 
ATOM   783  O O   . CYS A 1 97  ? 11.554  -1.997  -3.248  1.00 12.17  ? 97  CYS A O   1 
ATOM   784  C CB  . CYS A 1 97  ? 9.269   -4.031  -2.498  1.00 12.94  ? 97  CYS A CB  1 
ATOM   785  S SG  . CYS A 1 97  ? 7.671   -3.350  -3.033  1.00 13.90  ? 97  CYS A SG  1 
ATOM   786  N N   . HIS A 1 98  ? 9.937   -0.748  -2.281  1.00 11.69  ? 98  HIS A N   1 
ATOM   787  C CA  . HIS A 1 98  ? 10.284  0.482   -2.989  1.00 11.35  ? 98  HIS A CA  1 
ATOM   788  C C   . HIS A 1 98  ? 9.495   1.582   -2.366  1.00 10.55  ? 98  HIS A C   1 
ATOM   789  O O   . HIS A 1 98  ? 8.476   1.330   -1.738  1.00 12.14  ? 98  HIS A O   1 
ATOM   790  C CB  . HIS A 1 98  ? 9.915   0.341   -4.515  1.00 11.73  ? 98  HIS A CB  1 
ATOM   791  C CG  . HIS A 1 98  ? 10.530  1.398   -5.387  1.00 10.60  ? 98  HIS A CG  1 
ATOM   792  N ND1 . HIS A 1 98  ? 9.966   2.645   -5.552  1.00 11.07  ? 98  HIS A ND1 1 
ATOM   793  C CD2 . HIS A 1 98  ? 11.676  1.407   -6.103  1.00 11.35  ? 98  HIS A CD2 1 
ATOM   794  C CE1 . HIS A 1 98  ? 10.745  3.375   -6.329  1.00 11.21  ? 98  HIS A CE1 1 
ATOM   795  N NE2 . HIS A 1 98  ? 11.786  2.649   -6.675  1.00 11.33  ? 98  HIS A NE2 1 
ATOM   796  N N   . ARG A 1 99  ? 9.956   2.826   -2.475  1.00 11.52  ? 99  ARG A N   1 
ATOM   797  C CA  . ARG A 1 99  ? 9.164   3.924   -1.939  1.00 11.75  ? 99  ARG A CA  1 
ATOM   798  C C   . ARG A 1 99  ? 7.877   4.004   -2.823  1.00 9.82   ? 99  ARG A C   1 
ATOM   799  O O   . ARG A 1 99  ? 7.896   3.605   -3.995  1.00 10.99  ? 99  ARG A O   1 
ATOM   800  C CB  . ARG A 1 99  ? 9.948   5.319   -2.043  1.00 12.94  ? 99  ARG A CB  1 
ATOM   801  C CG  . ARG A 1 99  ? 10.158  5.835   -3.455  1.00 16.02  ? 99  ARG A CG  1 
ATOM   802  C CD  . ARG A 1 99  ? 10.662  7.288   -3.445  1.00 16.23  ? 99  ARG A CD  1 
ATOM   803  N NE  . ARG A 1 99  ? 10.678  7.818   -4.802  1.00 18.36  ? 99  ARG A NE  1 
ATOM   804  C CZ  . ARG A 1 99  ? 9.747   8.627   -5.322  1.00 18.65  ? 99  ARG A CZ  1 
ATOM   805  N NH1 . ARG A 1 99  ? 8.707   9.049   -4.604  1.00 18.36  ? 99  ARG A NH1 1 
ATOM   806  N NH2 . ARG A 1 99  ? 9.782   8.888   -6.625  1.00 20.17  ? 99  ARG A NH2 1 
ATOM   807  N N   . LEU A 1 100 ? 6.794   4.497   -2.255  1.00 10.96  ? 100 LEU A N   1 
ATOM   808  C CA  . LEU A 1 100 ? 5.552   4.638   -3.015  1.00 11.48  ? 100 LEU A CA  1 
ATOM   809  C C   . LEU A 1 100 ? 5.740   5.775   -4.047  1.00 13.65  ? 100 LEU A C   1 
ATOM   810  O O   . LEU A 1 100 ? 6.224   6.866   -3.699  1.00 13.71  ? 100 LEU A O   1 
ATOM   811  C CB  . LEU A 1 100 ? 4.430   4.960   -2.127  1.00 11.10  ? 100 LEU A CB  1 
ATOM   812  C CG  . LEU A 1 100 ? 4.248   3.932   -0.911  1.00 10.47  ? 100 LEU A CG  1 
ATOM   813  C CD1 . LEU A 1 100 ? 3.018   4.354   -0.078  1.00 8.67   ? 100 LEU A CD1 1 
ATOM   814  C CD2 . LEU A 1 100 ? 4.200   2.473   -1.423  1.00 9.90   ? 100 LEU A CD2 1 
ATOM   815  N N   . THR A 1 101 ? 5.346   5.506   -5.292  1.00 12.51  ? 101 THR A N   1 
ATOM   816  C CA  . THR A 1 101 ? 5.491   6.470   -6.361  1.00 13.22  ? 101 THR A CA  1 
ATOM   817  C C   . THR A 1 101 ? 4.126   7.014   -6.840  1.00 15.20  ? 101 THR A C   1 
ATOM   818  O O   . THR A 1 101 ? 3.663   8.070   -6.372  1.00 17.41  ? 101 THR A O   1 
ATOM   819  C CB  . THR A 1 101 ? 6.323   5.875   -7.521  1.00 13.59  ? 101 THR A CB  1 
ATOM   820  O OG1 . THR A 1 101 ? 5.757   4.627   -7.945  1.00 13.76  ? 101 THR A OG1 1 
ATOM   821  C CG2 . THR A 1 101 ? 7.775   5.653   -7.087  1.00 12.99  ? 101 THR A CG2 1 
ATOM   822  N N   . THR A 1 102 ? 3.423   6.248   -7.664  1.00 15.96  ? 102 THR A N   1 
ATOM   823  C CA  . THR A 1 102 ? 2.124   6.706   -8.162  1.00 17.21  ? 102 THR A CA  1 
ATOM   824  C C   . THR A 1 102 ? 1.015   5.772   -7.909  1.00 15.65  ? 102 THR A C   1 
ATOM   825  O O   . THR A 1 102 ? 1.223   4.572   -7.704  1.00 15.06  ? 102 THR A O   1 
ATOM   826  C CB  . THR A 1 102 ? 2.187   7.068   -9.667  1.00 19.21  ? 102 THR A CB  1 
ATOM   827  O OG1 . THR A 1 102 ? 2.822   5.999   -10.401 1.00 21.71  ? 102 THR A OG1 1 
ATOM   828  C CG2 . THR A 1 102 ? 2.949   8.426   -9.841  1.00 22.03  ? 102 THR A CG2 1 
ATOM   829  N N   . VAL A 1 103 ? -0.182  6.324   -7.897  1.00 14.74  ? 103 VAL A N   1 
ATOM   830  C CA  . VAL A 1 103 ? -1.386  5.558   -7.669  1.00 15.73  ? 103 VAL A CA  1 
ATOM   831  C C   . VAL A 1 103 ? -1.642  4.567   -8.801  1.00 15.36  ? 103 VAL A C   1 
ATOM   832  O O   . VAL A 1 103 ? -1.460  4.880   -9.981  1.00 14.67  ? 103 VAL A O   1 
ATOM   833  C CB  . VAL A 1 103 ? -2.592  6.473   -7.536  1.00 16.85  ? 103 VAL A CB  1 
ATOM   834  C CG1 . VAL A 1 103 ? -3.785  5.685   -7.046  1.00 18.57  ? 103 VAL A CG1 1 
ATOM   835  C CG2 . VAL A 1 103 ? -2.286  7.581   -6.560  1.00 21.05  ? 103 VAL A CG2 1 
ATOM   836  N N   . CYS A 1 104 ? -2.045  3.362   -8.423  1.00 15.09  ? 104 CYS A N   1 
ATOM   837  C CA  . CYS A 1 104 ? -2.321  2.314   -9.396  1.00 16.86  ? 104 CYS A CA  1 
ATOM   838  C C   . CYS A 1 104 ? -3.470  2.697   -10.333 1.00 17.74  ? 104 CYS A C   1 
ATOM   839  O O   . CYS A 1 104 ? -4.439  3.316   -9.930  1.00 16.32  ? 104 CYS A O   1 
ATOM   840  C CB  . CYS A 1 104 ? -2.850  1.067   -8.721  1.00 16.35  ? 104 CYS A CB  1 
ATOM   841  S SG  . CYS A 1 104 ? -2.779  -0.417  -9.738  1.00 19.44  ? 104 CYS A SG  1 
ATOM   842  N N   . PRO A 1 105 ? -3.308  2.406   -11.613 1.00 21.53  ? 105 PRO A N   1 
ATOM   843  C CA  . PRO A 1 105 ? -4.348  2.702   -12.599 1.00 26.07  ? 105 PRO A CA  1 
ATOM   844  C C   . PRO A 1 105 ? -5.524  1.765   -12.319 1.00 30.00  ? 105 PRO A C   1 
ATOM   845  O O   . PRO A 1 105 ? -5.325  0.666   -11.802 1.00 31.99  ? 105 PRO A O   1 
ATOM   846  C CB  . PRO A 1 105 ? -3.708  2.250   -13.887 1.00 25.32  ? 105 PRO A CB  1 
ATOM   847  C CG  . PRO A 1 105 ? -2.219  2.490   -13.652 1.00 24.96  ? 105 PRO A CG  1 
ATOM   848  C CD  . PRO A 1 105 ? -2.062  1.960   -12.259 1.00 22.80  ? 105 PRO A CD  1 
ATOM   849  N N   . THR A 1 106 ? -6.740  2.199   -12.639 1.00 34.03  ? 106 THR A N   1 
ATOM   850  C CA  . THR A 1 106 ? -7.942  1.375   -12.465 1.00 37.79  ? 106 THR A CA  1 
ATOM   851  C C   . THR A 1 106 ? -8.281  0.516   -13.770 1.00 37.75  ? 106 THR A C   1 
ATOM   852  O O   . THR A 1 106 ? -7.665  0.719   -14.836 1.00 39.23  ? 106 THR A O   1 
ATOM   853  C CB  . THR A 1 106 ? -9.145  2.252   -12.137 1.00 39.48  ? 106 THR A CB  1 
ATOM   854  O OG1 . THR A 1 106 ? -8.813  3.121   -11.041 1.00 42.84  ? 106 THR A OG1 1 
ATOM   855  C CG2 . THR A 1 106 ? -10.339 1.390   -11.740 1.00 42.65  ? 106 THR A CG2 1 
HETATM 856  C C1  . 821 B 2 .   ? 1.208   -9.456  3.872   1.00 24.98  ? 300 821 A C1  1 
HETATM 857  C C2  . 821 B 2 .   ? 1.920   -10.601 3.611   1.00 26.60  ? 300 821 A C2  1 
HETATM 858  N N3  . 821 B 2 .   ? 1.340   -11.986 3.293   1.00 27.83  ? 300 821 A N3  1 
HETATM 859  C C4  . 821 B 2 .   ? 1.250   -12.339 2.007   1.00 28.42  ? 300 821 A C4  1 
HETATM 860  C C5  . 821 B 2 .   ? 0.897   -13.795 1.691   1.00 28.14  ? 300 821 A C5  1 
HETATM 861  O O9  . 821 B 2 .   ? 1.559   -11.555 1.118   1.00 28.65  ? 300 821 A O9  1 
HETATM 862  C C10 . 821 B 2 .   ? 3.460   -10.532 3.629   1.00 26.98  ? 300 821 A C10 1 
HETATM 863  O O11 . 821 B 2 .   ? 4.057   -11.560 3.995   1.00 27.23  ? 300 821 A O11 1 
HETATM 864  N N12 . 821 B 2 .   ? 4.107   -9.382  3.201   1.00 25.78  ? 300 821 A N12 1 
HETATM 865  C C14 . 821 B 2 .   ? 5.536   -9.302  3.242   1.00 24.12  ? 300 821 A C14 1 
HETATM 866  C C15 . 821 B 2 .   ? 5.909   -8.158  2.339   1.00 23.72  ? 300 821 A C15 1 
HETATM 867  C C16 . 821 B 2 .   ? 7.365   -8.094  1.960   1.00 23.14  ? 300 821 A C16 1 
HETATM 868  C C19 . 821 B 2 .   ? 8.320   -7.888  3.148   1.00 22.28  ? 300 821 A C19 1 
HETATM 869  C C22 . 821 B 2 .   ? 8.350   -9.076  4.101   1.00 24.80  ? 300 821 A C22 1 
HETATM 870  C C25 . 821 B 2 .   ? 5.869   -9.100  4.757   1.00 25.86  ? 300 821 A C25 1 
HETATM 871  N N26 . 821 B 2 .   ? 7.250   -9.081  5.099   1.00 25.99  ? 300 821 A N26 1 
HETATM 872  O O29 . 821 B 2 .   ? 4.956   -8.943  5.596   1.00 24.96  ? 300 821 A O29 1 
HETATM 873  C C30 . 821 B 2 .   ? 7.711   -8.833  6.531   1.00 27.50  ? 300 821 A C30 1 
HETATM 874  C C31 . 821 B 2 .   ? 8.004   -7.380  6.752   1.00 28.31  ? 300 821 A C31 1 
HETATM 875  C C34 . 821 B 2 .   ? 9.267   -6.859  7.129   1.00 28.48  ? 300 821 A C34 1 
HETATM 876  C C35 . 821 B 2 .   ? 9.428   -5.437  7.177   1.00 28.54  ? 300 821 A C35 1 
HETATM 877  C C36 . 821 B 2 .   ? 8.364   -4.535  6.862   1.00 29.46  ? 300 821 A C36 1 
HETATM 878  C C37 . 821 B 2 .   ? 7.138   -5.056  6.439   1.00 29.87  ? 300 821 A C37 1 
HETATM 879  C C38 . 821 B 2 .   ? 6.956   -6.469  6.407   1.00 30.23  ? 300 821 A C38 1 
HETATM 880  C C43 . 821 B 2 .   ? 8.473   -3.039  7.028   1.00 29.59  ? 300 821 A C43 1 
HETATM 881  C C44 . 821 B 2 .   ? 9.427   -2.471  7.964   1.00 30.35  ? 300 821 A C44 1 
HETATM 882  C C45 . 821 B 2 .   ? 9.639   -1.049  7.943   1.00 29.16  ? 300 821 A C45 1 
HETATM 883  C C46 . 821 B 2 .   ? 8.932   -0.245  7.046   1.00 28.31  ? 300 821 A C46 1 
HETATM 884  C C47 . 821 B 2 .   ? 7.905   -0.786  6.223   1.00 28.35  ? 300 821 A C47 1 
HETATM 885  C C48 . 821 B 2 .   ? 7.675   -2.165  6.210   1.00 28.95  ? 300 821 A C48 1 
HETATM 886  C C56 . 821 B 2 .   ? -0.270  -9.440  3.910   1.00 23.49  ? 300 821 A C56 1 
HETATM 887  C C57 . 821 B 2 .   ? -1.046  -10.636 4.091   1.00 24.56  ? 300 821 A C57 1 
HETATM 888  C C58 . 821 B 2 .   ? -2.482  -10.609 4.163   1.00 22.56  ? 300 821 A C58 1 
HETATM 889  C C59 . 821 B 2 .   ? -3.171  -9.342  4.061   1.00 23.12  ? 300 821 A C59 1 
HETATM 890  C C60 . 821 B 2 .   ? -2.379  -8.122  3.915   1.00 21.34  ? 300 821 A C60 1 
HETATM 891  C C61 . 821 B 2 .   ? -0.970  -8.215  3.810   1.00 23.03  ? 300 821 A C61 1 
HETATM 892  C C65 . 821 B 2 .   ? -4.716  -9.410  3.996   1.00 21.33  ? 300 821 A C65 1 
HETATM 893  C C66 . 821 B 2 .   ? -5.173  -9.396  2.435   1.00 18.51  ? 300 821 A C66 1 
HETATM 894  O O69 . 821 B 2 .   ? -6.297  -9.091  2.158   1.00 16.92  ? 300 821 A O69 1 
HETATM 895  O O70 . 821 B 2 .   ? -4.266  -9.678  1.421   1.00 16.77  ? 300 821 A O70 1 
HETATM 896  C C71 . 821 B 2 .   ? -2.838  -6.759  4.111   1.00 20.35  ? 300 821 A C71 1 
HETATM 897  O O72 . 821 B 2 .   ? -3.119  -6.387  5.368   1.00 20.13  ? 300 821 A O72 1 
HETATM 898  O O   . HOH C 3 .   ? 9.726   4.043   -9.752  1.00 11.82  ? 301 HOH A O   1 
HETATM 899  O O   . HOH C 3 .   ? 13.056  -4.229  -3.297  1.00 15.99  ? 302 HOH A O   1 
HETATM 900  O O   . HOH C 3 .   ? 9.582   2.476   8.486   1.00 15.36  ? 303 HOH A O   1 
HETATM 901  O O   . HOH C 3 .   ? -12.197 -7.020  -6.016  1.00 15.65  ? 304 HOH A O   1 
HETATM 902  O O   . HOH C 3 .   ? 6.834   -2.302  -10.525 1.00 15.56  ? 305 HOH A O   1 
HETATM 903  O O   . HOH C 3 .   ? 7.813   -2.358  -13.520 1.00 19.40  ? 306 HOH A O   1 
HETATM 904  O O   . HOH C 3 .   ? -3.224  11.883  -2.583  1.00 21.47  ? 307 HOH A O   1 
HETATM 905  O O   . HOH C 3 .   ? -6.259  -13.730 -0.693  1.00 29.36  ? 308 HOH A O   1 
HETATM 906  O O   . HOH C 3 .   ? 1.929   -4.468  9.926   1.00 18.64  ? 309 HOH A O   1 
HETATM 907  O O   . HOH C 3 .   ? 4.412   12.037  6.361   1.00 14.14  ? 310 HOH A O   1 
HETATM 908  O O   . HOH C 3 .   ? 10.598  5.730   13.276  1.00 20.07  ? 311 HOH A O   1 
HETATM 909  O O   . HOH C 3 .   ? 11.029  7.100   11.031  1.00 28.02  ? 312 HOH A O   1 
HETATM 910  O O   . HOH C 3 .   ? 5.649   12.544  0.288   1.00 23.24  ? 313 HOH A O   1 
HETATM 911  O O   . HOH C 3 .   ? 10.915  1.927   10.849  1.00 17.98  ? 314 HOH A O   1 
HETATM 912  O O   . HOH C 3 .   ? 12.169  -5.001  1.570   1.00 22.00  ? 315 HOH A O   1 
HETATM 913  O O   . HOH C 3 .   ? -2.500  -8.162  -14.792 1.00 21.67  ? 316 HOH A O   1 
HETATM 914  O O   . HOH C 3 .   ? 2.916   9.622   -3.283  1.00 31.46  ? 317 HOH A O   1 
HETATM 915  O O   . HOH C 3 .   ? 3.490   -10.799 -7.673  1.00 19.74  ? 318 HOH A O   1 
HETATM 916  O O   . HOH C 3 .   ? -3.105  -12.734 -8.849  1.00 20.94  ? 319 HOH A O   1 
HETATM 917  O O   . HOH C 3 .   ? -4.131  -11.500 -11.048 1.00 37.21  ? 320 HOH A O   1 
HETATM 918  O O   . HOH C 3 .   ? -9.306  -6.682  0.242   1.00 21.66  ? 321 HOH A O   1 
HETATM 919  O O   . HOH C 3 .   ? 5.720   9.678   -4.542  1.00 35.63  ? 322 HOH A O   1 
HETATM 920  O O   . HOH C 3 .   ? 2.864   14.253  5.970   1.00 20.27  ? 323 HOH A O   1 
HETATM 921  O O   . HOH C 3 .   ? -12.230 -6.999  0.619   1.00 27.00  ? 324 HOH A O   1 
HETATM 922  O O   . HOH C 3 .   ? -12.513 -6.422  3.475   1.00 27.05  ? 325 HOH A O   1 
HETATM 923  O O   . HOH C 3 .   ? 13.030  -5.603  -5.647  1.00 28.85  ? 326 HOH A O   1 
HETATM 924  O O   . HOH C 3 .   ? -0.633  -13.171 -3.525  1.00 19.15  ? 327 HOH A O   1 
HETATM 925  O O   . HOH C 3 .   ? -11.541 -5.635  7.412   1.00 58.86  ? 328 HOH A O   1 
HETATM 926  O O   . HOH C 3 .   ? -10.097 -9.810  -9.797  1.00 25.53  ? 329 HOH A O   1 
HETATM 927  O O   . HOH C 3 .   ? -3.517  -1.032  -13.849 1.00 47.66  ? 330 HOH A O   1 
HETATM 928  O O   . HOH C 3 .   ? -3.678  -4.982  -15.783 1.00 33.96  ? 331 HOH A O   1 
HETATM 929  O O   . HOH C 3 .   ? 4.456   -11.764 -10.363 1.00 39.47  ? 332 HOH A O   1 
HETATM 930  O O   . HOH C 3 .   ? -2.971  12.028  0.492   1.00 39.12  ? 333 HOH A O   1 
HETATM 931  O O   . HOH C 3 .   ? -11.768 5.884   -2.644  1.00 71.16  ? 334 HOH A O   1 
HETATM 932  O O   . HOH C 3 .   ? -0.947  15.441  12.259  1.00 31.52  ? 335 HOH A O   1 
HETATM 933  O O   . HOH C 3 .   ? -6.319  5.024   -10.392 1.00 19.18  ? 336 HOH A O   1 
HETATM 934  O O   . HOH C 3 .   ? 13.072  5.961   -5.405  1.00 22.57  ? 337 HOH A O   1 
HETATM 935  O O   . HOH C 3 .   ? 0.401   -6.152  11.594  1.00 32.77  ? 338 HOH A O   1 
HETATM 936  O O   . HOH C 3 .   ? 3.465   -10.936 -2.525  1.00 27.23  ? 339 HOH A O   1 
HETATM 937  O O   . HOH C 3 .   ? -0.772  2.323   -17.124 1.00 52.69  ? 340 HOH A O   1 
HETATM 938  O O   . HOH C 3 .   ? -0.592  11.418  1.501   1.00 21.01  ? 341 HOH A O   1 
HETATM 939  O O   . HOH C 3 .   ? 1.281   -5.718  -19.056 1.00 32.35  ? 342 HOH A O   1 
HETATM 940  O O   . HOH C 3 .   ? 6.809   -10.798 -5.016  1.00 35.05  ? 343 HOH A O   1 
HETATM 941  O O   . HOH C 3 .   ? -7.396  6.691   -8.443  1.00 33.64  ? 344 HOH A O   1 
HETATM 942  O O   . HOH C 3 .   ? 11.373  -4.852  15.261  1.00 30.41  ? 345 HOH A O   1 
HETATM 943  O O   . HOH C 3 .   ? 12.439  7.001   -7.930  1.00 48.10  ? 346 HOH A O   1 
HETATM 944  O O   . HOH C 3 .   ? 0.029   14.096  4.984   1.00 42.40  ? 347 HOH A O   1 
HETATM 945  O O   . HOH C 3 .   ? 14.571  -2.872  17.469  1.00 35.47  ? 348 HOH A O   1 
HETATM 946  O O   . HOH C 3 .   ? -3.639  14.946  10.743  1.00 48.73  ? 349 HOH A O   1 
HETATM 947  O O   . HOH C 3 .   ? 7.395   -0.450  18.828  1.00 50.97  ? 350 HOH A O   1 
HETATM 948  O O   . HOH C 3 .   ? -13.112 3.754   -1.842  1.00 61.45  ? 351 HOH A O   1 
HETATM 949  O O   . HOH C 3 .   ? 2.605   4.468   -15.745 1.00 63.80  ? 352 HOH A O   1 
HETATM 950  O O   . HOH C 3 .   ? -16.091 -4.882  -5.055  1.00 59.22  ? 353 HOH A O   1 
HETATM 951  O O   . HOH C 3 .   ? -1.623  -15.950 2.005   1.00 72.46  ? 354 HOH A O   1 
HETATM 952  O O   . HOH C 3 .   ? -2.046  -6.303  -17.686 1.00 44.82  ? 355 HOH A O   1 
HETATM 953  O O   . HOH C 3 .   ? 6.471   3.641   19.447  1.00 59.72  ? 356 HOH A O   1 
HETATM 954  O O   . HOH C 3 .   ? -4.510  -9.208  -16.105 1.00 60.98  ? 357 HOH A O   1 
HETATM 955  O O   . HOH C 3 .   ? -12.785 -5.188  -8.175  1.00 50.39  ? 358 HOH A O   1 
HETATM 956  O O   . HOH C 3 .   ? -6.356  12.151  13.188  1.00 55.85  ? 359 HOH A O   1 
HETATM 957  O O   . HOH C 3 .   ? -1.026  -0.010  -15.173 1.00 43.08  ? 360 HOH A O   1 
HETATM 958  O O   . HOH C 3 .   ? 3.798   -6.118  8.762   1.00 33.99  ? 361 HOH A O   1 
HETATM 959  O O   . HOH C 3 .   ? -11.153 -1.903  -9.129  1.00 53.61  ? 362 HOH A O   1 
HETATM 960  O O   . HOH C 3 .   ? -15.723 -5.038  4.324   1.00 32.14  ? 363 HOH A O   1 
HETATM 961  O O   . HOH C 3 .   ? -2.829  -0.250  -19.560 1.00 49.23  ? 364 HOH A O   1 
HETATM 962  O O   . HOH C 3 .   ? -10.753 3.537   -6.841  1.00 42.13  ? 365 HOH A O   1 
HETATM 963  O O   . HOH C 3 .   ? -8.743  -11.138 -11.754 1.00 38.66  ? 366 HOH A O   1 
HETATM 964  O O   . HOH C 3 .   ? -6.598  -15.582 6.083   1.00 55.21  ? 367 HOH A O   1 
HETATM 965  O O   . HOH C 3 .   ? 10.597  -10.227 -3.430  1.00 81.21  ? 368 HOH A O   1 
HETATM 966  O O   . HOH C 3 .   ? 16.500  -4.726  -12.367 1.00 54.44  ? 369 HOH A O   1 
HETATM 967  O O   . HOH C 3 .   ? -16.404 -2.481  2.636   1.00 34.84  ? 370 HOH A O   1 
HETATM 968  O O   . HOH C 3 .   ? -14.868 -2.151  6.942   1.00 59.30  ? 371 HOH A O   1 
HETATM 969  O O   . HOH C 3 .   ? -1.002  -2.030  -20.399 1.00 64.13  ? 372 HOH A O   1 
HETATM 970  O O   . HOH C 3 .   ? 11.154  -0.947  20.973  1.00 52.22  ? 373 HOH A O   1 
HETATM 971  O O   . HOH C 3 .   ? 14.938  -15.595 -13.233 1.00 100.00 ? 374 HOH A O   1 
HETATM 972  O O   . HOH C 3 .   ? 6.369   6.120   15.792  1.00 15.09  ? 375 HOH A O   1 
HETATM 973  O O   . HOH C 3 .   ? -0.327  -16.110 -0.818  1.00 46.92  ? 376 HOH A O   1 
HETATM 974  O O   . HOH C 3 .   ? 8.389   -10.995 1.313   1.00 35.75  ? 377 HOH A O   1 
HETATM 975  O O   . HOH C 3 .   ? 9.569   -5.460  1.430   1.00 22.15  ? 378 HOH A O   1 
HETATM 976  O O   . HOH C 3 .   ? -18.903 -6.316  2.954   1.00 50.58  ? 379 HOH A O   1 
HETATM 977  O O   . HOH C 3 .   ? 15.230  3.919   4.398   1.00 34.10  ? 380 HOH A O   1 
HETATM 978  O O   . HOH C 3 .   ? 2.617   -9.720  6.345   1.00 92.69  ? 381 HOH A O   1 
HETATM 979  O O   . HOH C 3 .   ? 1.695   3.342   -13.498 1.00 43.88  ? 382 HOH A O   1 
HETATM 980  O O   . HOH C 3 .   ? -1.703  -13.444 3.199   1.00 97.85  ? 383 HOH A O   1 
HETATM 981  O O   . HOH C 3 .   ? -6.562  -7.621  -16.672 1.00 56.75  ? 384 HOH A O   1 
HETATM 982  O O   . HOH C 3 .   ? 2.997   -6.661  6.287   1.00 22.45  ? 385 HOH A O   1 
HETATM 983  O O   . HOH C 3 .   ? 13.528  3.271   -8.476  1.00 29.30  ? 386 HOH A O   1 
HETATM 984  O O   . HOH C 3 .   ? -14.962 0.151   -0.948  1.00 35.56  ? 387 HOH A O   1 
HETATM 985  O O   . HOH C 3 .   ? -13.171 0.678   3.182   1.00 27.12  ? 388 HOH A O   1 
HETATM 986  O O   . HOH C 3 .   ? -17.394 -6.652  -1.928  1.00 35.75  ? 389 HOH A O   1 
HETATM 987  O O   . HOH C 3 .   ? 8.400   -8.683  -15.519 1.00 22.21  ? 390 HOH A O   1 
HETATM 988  O O   . HOH C 3 .   ? -8.175  -12.260 -3.640  1.00 11.30  ? 391 HOH A O   1 
HETATM 989  O O   . HOH C 3 .   ? -4.973  -2.694  -15.363 1.00 45.04  ? 392 HOH A O   1 
HETATM 990  O O   . HOH C 3 .   ? 4.827   3.724   -17.673 1.00 20.96  ? 393 HOH A O   1 
HETATM 991  O O   . HOH C 3 .   ? 11.258  -7.445  -6.762  1.00 36.08  ? 394 HOH A O   1 
HETATM 992  O O   . HOH C 3 .   ? 1.993   10.397  -6.345  1.00 25.76  ? 395 HOH A O   1 
HETATM 993  O O   . HOH C 3 .   ? 3.195   -9.858  -0.088  1.00 17.07  ? 396 HOH A O   1 
HETATM 994  O O   . HOH C 3 .   ? 5.076   1.896   9.902   1.00 11.56  ? 397 HOH A O   1 
HETATM 995  O O   . HOH C 3 .   ? -6.395  8.536   8.182   1.00 20.50  ? 398 HOH A O   1 
HETATM 996  O O   . HOH C 3 .   ? 2.668   15.693  8.159   1.00 24.71  ? 399 HOH A O   1 
HETATM 997  O O   . HOH C 3 .   ? 13.256  -2.261  1.982   1.00 12.61  ? 400 HOH A O   1 
HETATM 998  O O   . HOH C 3 .   ? -10.722 -0.635  8.303   1.00 54.35  ? 401 HOH A O   1 
HETATM 999  O O   . HOH C 3 .   ? -12.141 0.020   -6.682  1.00 64.24  ? 402 HOH A O   1 
HETATM 1000 O O   . HOH C 3 .   ? -15.234 -1.353  -5.204  1.00 55.49  ? 403 HOH A O   1 
HETATM 1001 O O   . HOH C 3 .   ? -6.302  -11.690 -12.482 1.00 27.97  ? 404 HOH A O   1 
HETATM 1002 O O   . HOH C 3 .   ? 2.804   -8.451  -15.639 1.00 61.35  ? 405 HOH A O   1 
HETATM 1003 O O   . HOH C 3 .   ? 2.436   -0.572  -23.278 1.00 57.95  ? 406 HOH A O   1 
HETATM 1004 O O   . HOH C 3 .   ? -10.628 -3.149  7.401   1.00 46.61  ? 407 HOH A O   1 
HETATM 1005 O O   . HOH C 3 .   ? -5.830  -2.409  12.206  1.00 36.56  ? 408 HOH A O   1 
HETATM 1006 O O   . HOH C 3 .   ? 7.838   -13.031 -10.010 1.00 28.22  ? 409 HOH A O   1 
HETATM 1007 O O   . HOH C 3 .   ? -10.656 5.811   -10.869 1.00 58.44  ? 410 HOH A O   1 
HETATM 1008 O O   . HOH C 3 .   ? 1.708   11.672  11.731  1.00 18.29  ? 411 HOH A O   1 
HETATM 1009 O O   . HOH C 3 .   ? 15.996  1.714   -8.407  1.00 52.25  ? 412 HOH A O   1 
HETATM 1010 O O   . HOH C 3 .   ? -9.316  -2.671  -15.661 1.00 50.64  ? 413 HOH A O   1 
HETATM 1011 O O   . HOH C 3 .   ? 1.419   -11.646 -6.508  1.00 48.56  ? 414 HOH A O   1 
HETATM 1012 O O   . HOH C 3 .   ? -6.314  13.920  7.448   1.00 58.62  ? 415 HOH A O   1 
HETATM 1013 O O   . HOH C 3 .   ? 12.889  12.907  4.264   1.00 42.80  ? 416 HOH A O   1 
HETATM 1014 O O   . HOH C 3 .   ? 7.503   -11.714 -14.582 1.00 81.82  ? 417 HOH A O   1 
HETATM 1015 O O   . HOH C 3 .   ? 11.091  -10.421 2.727   1.00 43.05  ? 418 HOH A O   1 
HETATM 1016 O O   . HOH C 3 .   ? -8.323  -16.161 7.982   1.00 46.99  ? 419 HOH A O   1 
HETATM 1017 O O   . HOH C 3 .   ? 5.642   -8.031  -17.498 1.00 46.02  ? 420 HOH A O   1 
HETATM 1018 O O   . HOH C 3 .   ? 4.977   -12.730 -6.620  1.00 84.05  ? 421 HOH A O   1 
HETATM 1019 O O   . HOH C 3 .   ? 10.198  -13.135 -14.548 1.00 76.60  ? 422 HOH A O   1 
HETATM 1020 O O   . HOH C 3 .   ? 13.353  -10.543 -15.469 1.00 42.86  ? 423 HOH A O   1 
HETATM 1021 O O   . HOH C 3 .   ? 0.687   -11.737 -14.711 1.00 68.90  ? 424 HOH A O   1 
HETATM 1022 O O   . HOH C 3 .   ? 14.235  11.572  2.097   1.00 53.75  ? 425 HOH A O   1 
HETATM 1023 O O   . HOH C 3 .   ? -9.624  5.848   -7.229  1.00 44.80  ? 426 HOH A O   1 
HETATM 1024 O O   . HOH C 3 .   ? -14.928 3.636   0.162   1.00 55.96  ? 427 HOH A O   1 
HETATM 1025 O O   . HOH C 3 .   ? 12.262  2.142   15.607  1.00 82.52  ? 428 HOH A O   1 
HETATM 1026 O O   . HOH C 3 .   ? 12.327  0.981   18.350  1.00 60.51  ? 429 HOH A O   1 
HETATM 1027 O O   . HOH C 3 .   ? -10.525 -1.886  -12.038 1.00 68.89  ? 430 HOH A O   1 
HETATM 1028 O O   . HOH C 3 .   ? -17.285 1.357   4.208   1.00 83.85  ? 431 HOH A O   1 
HETATM 1029 O O   . HOH C 3 .   ? 4.474   -10.766 -13.649 1.00 47.03  ? 432 HOH A O   1 
HETATM 1030 O O   . HOH C 3 .   ? 15.772  11.740  4.260   1.00 54.10  ? 433 HOH A O   1 
HETATM 1031 O O   . HOH C 3 .   ? -12.015 -0.321  5.948   1.00 63.63  ? 434 HOH A O   1 
HETATM 1032 O O   . HOH C 3 .   ? -3.019  -11.507 -13.421 1.00 65.50  ? 435 HOH A O   1 
HETATM 1033 O O   . HOH C 3 .   ? -6.275  -11.851 -15.390 1.00 65.58  ? 436 HOH A O   1 
HETATM 1034 O O   . HOH C 3 .   ? -0.846  -13.097 -10.479 1.00 68.74  ? 437 HOH A O   1 
HETATM 1035 O O   . HOH C 3 .   ? 0.297   -14.992 -6.968  1.00 65.79  ? 438 HOH A O   1 
HETATM 1036 O O   . HOH C 3 .   ? -10.250 -10.431 -14.558 1.00 89.92  ? 439 HOH A O   1 
HETATM 1037 O O   . HOH C 3 .   ? 1.166   -3.903  -20.859 1.00 58.62  ? 440 HOH A O   1 
HETATM 1038 O O   . HOH C 3 .   ? 13.066  14.000  -1.442  1.00 67.69  ? 441 HOH A O   1 
HETATM 1039 O O   . HOH C 3 .   ? 7.103   -11.964 -2.339  1.00 76.88  ? 442 HOH A O   1 
HETATM 1040 O O   . HOH C 3 .   ? 5.743   -10.648 0.543   1.00 52.47  ? 443 HOH A O   1 
HETATM 1041 O O   . HOH C 3 .   ? -5.581  -3.189  14.903  1.00 86.87  ? 444 HOH A O   1 
HETATM 1042 O O   . HOH C 3 .   ? -7.339  10.099  10.309  1.00 58.41  ? 445 HOH A O   1 
HETATM 1043 O O   . HOH C 3 .   ? -3.438  14.217  7.583   1.00 46.12  ? 446 HOH A O   1 
HETATM 1044 O O   . HOH C 3 .   ? 0.136   5.052   -11.971 1.00 33.32  ? 447 HOH A O   1 
HETATM 1045 O O   . HOH C 3 .   ? 1.866   -13.119 -2.571  1.00 35.42  ? 448 HOH A O   1 
HETATM 1046 O O   . HOH C 3 .   ? -11.689 -0.367  -14.038 1.00 55.08  ? 449 HOH A O   1 
HETATM 1047 O O   . HOH C 3 .   ? -9.367  14.604  1.336   1.00 61.46  ? 450 HOH A O   1 
HETATM 1048 O O   . HOH C 3 .   ? 14.635  -2.495  -11.241 1.00 38.31  ? 451 HOH A O   1 
HETATM 1049 O O   . HOH C 3 .   ? -4.693  10.524  -8.875  1.00 32.94  ? 452 HOH A O   1 
HETATM 1050 O O   . HOH C 3 .   ? -0.464  9.502   -8.088  1.00 44.09  ? 453 HOH A O   1 
HETATM 1051 O O   . HOH C 3 .   ? -1.503  9.930   -5.222  1.00 56.36  ? 454 HOH A O   1 
HETATM 1052 O O   . HOH C 3 .   ? 11.941  -5.716  4.676   1.00 44.71  ? 455 HOH A O   1 
HETATM 1053 O O   . HOH C 3 .   ? 8.921   3.687   18.419  1.00 64.63  ? 456 HOH A O   1 
HETATM 1054 O O   . HOH C 3 .   ? -6.512  1.950   -17.136 1.00 51.10  ? 457 HOH A O   1 
# 
